data_2EF8
# 
_entry.id   2EF8 
# 
_audit_conform.dict_name       mmcif_pdbx.dic 
_audit_conform.dict_version    5.399 
_audit_conform.dict_location   http://mmcif.pdb.org/dictionaries/ascii/mmcif_pdbx.dic 
# 
loop_
_database_2.database_id 
_database_2.database_code 
_database_2.pdbx_database_accession 
_database_2.pdbx_DOI 
PDB   2EF8         pdb_00002ef8 10.2210/pdb2ef8/pdb 
RCSB  RCSB026591   ?            ?                   
WWPDB D_1000026591 ?            ?                   
# 
loop_
_pdbx_audit_revision_history.ordinal 
_pdbx_audit_revision_history.data_content_type 
_pdbx_audit_revision_history.major_revision 
_pdbx_audit_revision_history.minor_revision 
_pdbx_audit_revision_history.revision_date 
1 'Structure model' 1 0 2008-02-26 
2 'Structure model' 1 1 2011-07-13 
3 'Structure model' 1 2 2024-11-20 
# 
_pdbx_audit_revision_details.ordinal             1 
_pdbx_audit_revision_details.revision_ordinal    1 
_pdbx_audit_revision_details.data_content_type   'Structure model' 
_pdbx_audit_revision_details.provider            repository 
_pdbx_audit_revision_details.type                'Initial release' 
_pdbx_audit_revision_details.description         ? 
_pdbx_audit_revision_details.details             ? 
# 
loop_
_pdbx_audit_revision_group.ordinal 
_pdbx_audit_revision_group.revision_ordinal 
_pdbx_audit_revision_group.data_content_type 
_pdbx_audit_revision_group.group 
1 2 'Structure model' 'Version format compliance' 
2 3 'Structure model' 'Data collection'           
3 3 'Structure model' 'Database references'       
4 3 'Structure model' 'Derived calculations'      
5 3 'Structure model' 'Structure summary'         
# 
loop_
_pdbx_audit_revision_category.ordinal 
_pdbx_audit_revision_category.revision_ordinal 
_pdbx_audit_revision_category.data_content_type 
_pdbx_audit_revision_category.category 
1 3 'Structure model' chem_comp_atom            
2 3 'Structure model' chem_comp_bond            
3 3 'Structure model' database_2                
4 3 'Structure model' pdbx_entry_details        
5 3 'Structure model' pdbx_modification_feature 
6 3 'Structure model' struct_conn               
7 3 'Structure model' struct_site               
# 
loop_
_pdbx_audit_revision_item.ordinal 
_pdbx_audit_revision_item.revision_ordinal 
_pdbx_audit_revision_item.data_content_type 
_pdbx_audit_revision_item.item 
1 3 'Structure model' '_database_2.pdbx_DOI'                
2 3 'Structure model' '_database_2.pdbx_database_accession' 
3 3 'Structure model' '_struct_conn.pdbx_leaving_atom_flag' 
4 3 'Structure model' '_struct_site.pdbx_auth_asym_id'      
5 3 'Structure model' '_struct_site.pdbx_auth_comp_id'      
6 3 'Structure model' '_struct_site.pdbx_auth_seq_id'       
# 
_pdbx_database_status.status_code                     REL 
_pdbx_database_status.entry_id                        2EF8 
_pdbx_database_status.recvd_initial_deposition_date   2007-02-21 
_pdbx_database_status.deposit_site                    PDBJ 
_pdbx_database_status.process_site                    PDBJ 
_pdbx_database_status.status_code_sf                  REL 
_pdbx_database_status.status_code_mr                  ? 
_pdbx_database_status.SG_entry                        ? 
_pdbx_database_status.pdb_format_compatible           Y 
_pdbx_database_status.status_code_cs                  ? 
_pdbx_database_status.status_code_nmr_data            ? 
_pdbx_database_status.methods_development_category    ? 
# 
loop_
_audit_author.name 
_audit_author.pdbx_ordinal 
'Kawanishi, Y.' 1 
'Mikami, B.'    2 
'Kita, K.'      3 
# 
_citation.id                        primary 
_citation.title                     'Crystal structure of C.EcoT38IS' 
_citation.journal_abbrev            'To be published' 
_citation.journal_volume            ? 
_citation.page_first                ? 
_citation.page_last                 ? 
_citation.year                      ? 
_citation.journal_id_ASTM           ? 
_citation.country                   ? 
_citation.journal_id_ISSN           ? 
_citation.journal_id_CSD            0353 
_citation.book_publisher            ? 
_citation.pdbx_database_id_PubMed   ? 
_citation.pdbx_database_id_DOI      ? 
# 
loop_
_citation_author.citation_id 
_citation_author.name 
_citation_author.ordinal 
_citation_author.identifier_ORCID 
primary 'Kawanishi, Y.' 1 ? 
primary 'Mikami, B.'    2 ? 
primary 'Kita, K.'      3 ? 
# 
loop_
_entity.id 
_entity.type 
_entity.src_method 
_entity.pdbx_description 
_entity.formula_weight 
_entity.pdbx_number_of_molecules 
_entity.pdbx_ec 
_entity.pdbx_mutation 
_entity.pdbx_fragment 
_entity.details 
1 polymer     man 'Putative transcription factor' 9708.261 2   ? ? 'subunit A' ? 
2 non-polymer syn 'SULFATE ION'                   96.063   1   ? ? ?           ? 
3 water       nat water                           18.015   158 ? ? ?           ? 
# 
_entity_name_com.entity_id   1 
_entity_name_com.name        C.EcoT38IS 
# 
_entity_poly.entity_id                      1 
_entity_poly.type                           'polypeptide(L)' 
_entity_poly.nstd_linkage                   no 
_entity_poly.nstd_monomer                   yes 
_entity_poly.pdbx_seq_one_letter_code       
;PTIHDHRYR(CME)LVQLLTKLRKEASLSQSELAIFLGLSQSDISKIESFERRLDALELFELLEVVASRLGLPMDILLKD
TYESISKS
;
_entity_poly.pdbx_seq_one_letter_code_can   
;PTIHDHRYRCLVQLLTKLRKEASLSQSELAIFLGLSQSDISKIESFERRLDALELFELLEVVASRLGLPMDILLKDTYES
ISKS
;
_entity_poly.pdbx_strand_id                 A,B 
_entity_poly.pdbx_target_identifier         ? 
# 
loop_
_pdbx_entity_nonpoly.entity_id 
_pdbx_entity_nonpoly.name 
_pdbx_entity_nonpoly.comp_id 
2 'SULFATE ION' SO4 
3 water         HOH 
# 
loop_
_entity_poly_seq.entity_id 
_entity_poly_seq.num 
_entity_poly_seq.mon_id 
_entity_poly_seq.hetero 
1 1  PRO n 
1 2  THR n 
1 3  ILE n 
1 4  HIS n 
1 5  ASP n 
1 6  HIS n 
1 7  ARG n 
1 8  TYR n 
1 9  ARG n 
1 10 CME n 
1 11 LEU n 
1 12 VAL n 
1 13 GLN n 
1 14 LEU n 
1 15 LEU n 
1 16 THR n 
1 17 LYS n 
1 18 LEU n 
1 19 ARG n 
1 20 LYS n 
1 21 GLU n 
1 22 ALA n 
1 23 SER n 
1 24 LEU n 
1 25 SER n 
1 26 GLN n 
1 27 SER n 
1 28 GLU n 
1 29 LEU n 
1 30 ALA n 
1 31 ILE n 
1 32 PHE n 
1 33 LEU n 
1 34 GLY n 
1 35 LEU n 
1 36 SER n 
1 37 GLN n 
1 38 SER n 
1 39 ASP n 
1 40 ILE n 
1 41 SER n 
1 42 LYS n 
1 43 ILE n 
1 44 GLU n 
1 45 SER n 
1 46 PHE n 
1 47 GLU n 
1 48 ARG n 
1 49 ARG n 
1 50 LEU n 
1 51 ASP n 
1 52 ALA n 
1 53 LEU n 
1 54 GLU n 
1 55 LEU n 
1 56 PHE n 
1 57 GLU n 
1 58 LEU n 
1 59 LEU n 
1 60 GLU n 
1 61 VAL n 
1 62 VAL n 
1 63 ALA n 
1 64 SER n 
1 65 ARG n 
1 66 LEU n 
1 67 GLY n 
1 68 LEU n 
1 69 PRO n 
1 70 MET n 
1 71 ASP n 
1 72 ILE n 
1 73 LEU n 
1 74 LEU n 
1 75 LYS n 
1 76 ASP n 
1 77 THR n 
1 78 TYR n 
1 79 GLU n 
1 80 SER n 
1 81 ILE n 
1 82 SER n 
1 83 LYS n 
1 84 SER n 
# 
_entity_src_gen.entity_id                          1 
_entity_src_gen.pdbx_src_id                        1 
_entity_src_gen.pdbx_alt_source_flag               sample 
_entity_src_gen.pdbx_seq_type                      ? 
_entity_src_gen.pdbx_beg_seq_num                   ? 
_entity_src_gen.pdbx_end_seq_num                   ? 
_entity_src_gen.gene_src_common_name               ? 
_entity_src_gen.gene_src_genus                     'P2-like viruses' 
_entity_src_gen.pdbx_gene_src_gene                 ecoT38IC 
_entity_src_gen.gene_src_species                   ? 
_entity_src_gen.gene_src_strain                    TH38 
_entity_src_gen.gene_src_tissue                    ? 
_entity_src_gen.gene_src_tissue_fraction           ? 
_entity_src_gen.gene_src_details                   ? 
_entity_src_gen.pdbx_gene_src_fragment             ? 
_entity_src_gen.pdbx_gene_src_scientific_name      'Enterobacteria phage P2' 
_entity_src_gen.pdbx_gene_src_ncbi_taxonomy_id     10679 
_entity_src_gen.pdbx_gene_src_variant              ? 
_entity_src_gen.pdbx_gene_src_cell_line            ? 
_entity_src_gen.pdbx_gene_src_atcc                 ? 
_entity_src_gen.pdbx_gene_src_organ                ? 
_entity_src_gen.pdbx_gene_src_organelle            ? 
_entity_src_gen.pdbx_gene_src_cell                 ? 
_entity_src_gen.pdbx_gene_src_cellular_location    ? 
_entity_src_gen.host_org_common_name               ? 
_entity_src_gen.pdbx_host_org_scientific_name      'Escherichia coli' 
_entity_src_gen.pdbx_host_org_ncbi_taxonomy_id     562 
_entity_src_gen.host_org_genus                     Escherichia 
_entity_src_gen.pdbx_host_org_gene                 ? 
_entity_src_gen.pdbx_host_org_organ                ? 
_entity_src_gen.host_org_species                   ? 
_entity_src_gen.pdbx_host_org_tissue               ? 
_entity_src_gen.pdbx_host_org_tissue_fraction      ? 
_entity_src_gen.pdbx_host_org_strain               JM109 
_entity_src_gen.pdbx_host_org_variant              ? 
_entity_src_gen.pdbx_host_org_cell_line            ? 
_entity_src_gen.pdbx_host_org_atcc                 ? 
_entity_src_gen.pdbx_host_org_culture_collection   ? 
_entity_src_gen.pdbx_host_org_cell                 ? 
_entity_src_gen.pdbx_host_org_organelle            ? 
_entity_src_gen.pdbx_host_org_cellular_location    ? 
_entity_src_gen.pdbx_host_org_vector_type          Plasmid 
_entity_src_gen.pdbx_host_org_vector               ? 
_entity_src_gen.host_org_details                   ? 
_entity_src_gen.expression_system_id               ? 
_entity_src_gen.plasmid_name                       pBSCEcoT38IS-Hisx6 
_entity_src_gen.plasmid_details                    ? 
_entity_src_gen.pdbx_description                   ? 
# 
loop_
_chem_comp.id 
_chem_comp.type 
_chem_comp.mon_nstd_flag 
_chem_comp.name 
_chem_comp.pdbx_synonyms 
_chem_comp.formula 
_chem_comp.formula_weight 
ALA 'L-peptide linking' y ALANINE                            ? 'C3 H7 N O2'     89.093  
ARG 'L-peptide linking' y ARGININE                           ? 'C6 H15 N4 O2 1' 175.209 
ASP 'L-peptide linking' y 'ASPARTIC ACID'                    ? 'C4 H7 N O4'     133.103 
CME 'L-peptide linking' n 'S,S-(2-HYDROXYETHYL)THIOCYSTEINE' ? 'C5 H11 N O3 S2' 197.276 
GLN 'L-peptide linking' y GLUTAMINE                          ? 'C5 H10 N2 O3'   146.144 
GLU 'L-peptide linking' y 'GLUTAMIC ACID'                    ? 'C5 H9 N O4'     147.129 
GLY 'peptide linking'   y GLYCINE                            ? 'C2 H5 N O2'     75.067  
HIS 'L-peptide linking' y HISTIDINE                          ? 'C6 H10 N3 O2 1' 156.162 
HOH non-polymer         . WATER                              ? 'H2 O'           18.015  
ILE 'L-peptide linking' y ISOLEUCINE                         ? 'C6 H13 N O2'    131.173 
LEU 'L-peptide linking' y LEUCINE                            ? 'C6 H13 N O2'    131.173 
LYS 'L-peptide linking' y LYSINE                             ? 'C6 H15 N2 O2 1' 147.195 
MET 'L-peptide linking' y METHIONINE                         ? 'C5 H11 N O2 S'  149.211 
PHE 'L-peptide linking' y PHENYLALANINE                      ? 'C9 H11 N O2'    165.189 
PRO 'L-peptide linking' y PROLINE                            ? 'C5 H9 N O2'     115.130 
SER 'L-peptide linking' y SERINE                             ? 'C3 H7 N O3'     105.093 
SO4 non-polymer         . 'SULFATE ION'                      ? 'O4 S -2'        96.063  
THR 'L-peptide linking' y THREONINE                          ? 'C4 H9 N O3'     119.119 
TYR 'L-peptide linking' y TYROSINE                           ? 'C9 H11 N O3'    181.189 
VAL 'L-peptide linking' y VALINE                             ? 'C5 H11 N O2'    117.146 
# 
loop_
_pdbx_poly_seq_scheme.asym_id 
_pdbx_poly_seq_scheme.entity_id 
_pdbx_poly_seq_scheme.seq_id 
_pdbx_poly_seq_scheme.mon_id 
_pdbx_poly_seq_scheme.ndb_seq_num 
_pdbx_poly_seq_scheme.pdb_seq_num 
_pdbx_poly_seq_scheme.auth_seq_num 
_pdbx_poly_seq_scheme.pdb_mon_id 
_pdbx_poly_seq_scheme.auth_mon_id 
_pdbx_poly_seq_scheme.pdb_strand_id 
_pdbx_poly_seq_scheme.pdb_ins_code 
_pdbx_poly_seq_scheme.hetero 
A 1 1  PRO 1  5  5  PRO PRO A . n 
A 1 2  THR 2  6  6  THR THR A . n 
A 1 3  ILE 3  7  7  ILE ILE A . n 
A 1 4  HIS 4  8  8  HIS HIS A . n 
A 1 5  ASP 5  9  9  ASP ASP A . n 
A 1 6  HIS 6  10 10 HIS HIS A . n 
A 1 7  ARG 7  11 11 ARG ARG A . n 
A 1 8  TYR 8  12 12 TYR TYR A . n 
A 1 9  ARG 9  13 13 ARG ARG A . n 
A 1 10 CME 10 14 14 CME CYM A . n 
A 1 11 LEU 11 15 15 LEU LEU A . n 
A 1 12 VAL 12 16 16 VAL VAL A . n 
A 1 13 GLN 13 17 17 GLN GLN A . n 
A 1 14 LEU 14 18 18 LEU LEU A . n 
A 1 15 LEU 15 19 19 LEU LEU A . n 
A 1 16 THR 16 20 20 THR THR A . n 
A 1 17 LYS 17 21 21 LYS LYS A . n 
A 1 18 LEU 18 22 22 LEU LEU A . n 
A 1 19 ARG 19 23 23 ARG ARG A . n 
A 1 20 LYS 20 24 24 LYS LYS A . n 
A 1 21 GLU 21 25 25 GLU GLU A . n 
A 1 22 ALA 22 26 26 ALA ALA A . n 
A 1 23 SER 23 27 27 SER SER A . n 
A 1 24 LEU 24 28 28 LEU LEU A . n 
A 1 25 SER 25 29 29 SER SER A . n 
A 1 26 GLN 26 30 30 GLN GLN A . n 
A 1 27 SER 27 31 31 SER SER A . n 
A 1 28 GLU 28 32 32 GLU GLU A . n 
A 1 29 LEU 29 33 33 LEU LEU A . n 
A 1 30 ALA 30 34 34 ALA ALA A . n 
A 1 31 ILE 31 35 35 ILE ILE A . n 
A 1 32 PHE 32 36 36 PHE PHE A . n 
A 1 33 LEU 33 37 37 LEU LEU A . n 
A 1 34 GLY 34 38 38 GLY GLY A . n 
A 1 35 LEU 35 39 39 LEU LEU A . n 
A 1 36 SER 36 40 40 SER SER A . n 
A 1 37 GLN 37 41 41 GLN GLN A . n 
A 1 38 SER 38 42 42 SER SER A . n 
A 1 39 ASP 39 43 43 ASP ASP A . n 
A 1 40 ILE 40 44 44 ILE ILE A . n 
A 1 41 SER 41 45 45 SER SER A . n 
A 1 42 LYS 42 46 46 LYS LYS A . n 
A 1 43 ILE 43 47 47 ILE ILE A . n 
A 1 44 GLU 44 48 48 GLU GLU A . n 
A 1 45 SER 45 49 49 SER SER A . n 
A 1 46 PHE 46 50 50 PHE PHE A . n 
A 1 47 GLU 47 51 51 GLU GLU A . n 
A 1 48 ARG 48 52 52 ARG ARG A . n 
A 1 49 ARG 49 53 53 ARG ARG A . n 
A 1 50 LEU 50 54 54 LEU LEU A . n 
A 1 51 ASP 51 55 55 ASP ASP A . n 
A 1 52 ALA 52 56 56 ALA ALA A . n 
A 1 53 LEU 53 57 57 LEU LEU A . n 
A 1 54 GLU 54 58 58 GLU GLU A . n 
A 1 55 LEU 55 59 59 LEU LEU A . n 
A 1 56 PHE 56 60 60 PHE PHE A . n 
A 1 57 GLU 57 61 61 GLU GLU A . n 
A 1 58 LEU 58 62 62 LEU LEU A . n 
A 1 59 LEU 59 63 63 LEU LEU A . n 
A 1 60 GLU 60 64 64 GLU GLU A . n 
A 1 61 VAL 61 65 65 VAL VAL A . n 
A 1 62 VAL 62 66 66 VAL VAL A . n 
A 1 63 ALA 63 67 67 ALA ALA A . n 
A 1 64 SER 64 68 68 SER SER A . n 
A 1 65 ARG 65 69 69 ARG ARG A . n 
A 1 66 LEU 66 70 70 LEU LEU A . n 
A 1 67 GLY 67 71 71 GLY GLY A . n 
A 1 68 LEU 68 72 72 LEU LEU A . n 
A 1 69 PRO 69 73 73 PRO PRO A . n 
A 1 70 MET 70 74 74 MET MET A . n 
A 1 71 ASP 71 75 75 ASP ASP A . n 
A 1 72 ILE 72 76 76 ILE ILE A . n 
A 1 73 LEU 73 77 77 LEU LEU A . n 
A 1 74 LEU 74 78 78 LEU LEU A . n 
A 1 75 LYS 75 79 79 LYS LYS A . n 
A 1 76 ASP 76 80 80 ASP ASP A . n 
A 1 77 THR 77 81 81 THR THR A . n 
A 1 78 TYR 78 82 82 TYR TYR A . n 
A 1 79 GLU 79 83 83 GLU GLU A . n 
A 1 80 SER 80 84 84 SER SER A . n 
A 1 81 ILE 81 85 85 ILE ILE A . n 
A 1 82 SER 82 86 86 SER SER A . n 
A 1 83 LYS 83 87 87 LYS LYS A . n 
A 1 84 SER 84 88 88 SER SER A . n 
B 1 1  PRO 1  5  5  PRO PRO B . n 
B 1 2  THR 2  6  6  THR THR B . n 
B 1 3  ILE 3  7  7  ILE ILE B . n 
B 1 4  HIS 4  8  8  HIS HIS B . n 
B 1 5  ASP 5  9  9  ASP ASP B . n 
B 1 6  HIS 6  10 10 HIS HIS B . n 
B 1 7  ARG 7  11 11 ARG ARG B . n 
B 1 8  TYR 8  12 12 TYR TYR B . n 
B 1 9  ARG 9  13 13 ARG ARG B . n 
B 1 10 CME 10 14 14 CME CYM B . n 
B 1 11 LEU 11 15 15 LEU LEU B . n 
B 1 12 VAL 12 16 16 VAL VAL B . n 
B 1 13 GLN 13 17 17 GLN GLN B . n 
B 1 14 LEU 14 18 18 LEU LEU B . n 
B 1 15 LEU 15 19 19 LEU LEU B . n 
B 1 16 THR 16 20 20 THR THR B . n 
B 1 17 LYS 17 21 21 LYS LYS B . n 
B 1 18 LEU 18 22 22 LEU LEU B . n 
B 1 19 ARG 19 23 23 ARG ARG B . n 
B 1 20 LYS 20 24 24 LYS LYS B . n 
B 1 21 GLU 21 25 25 GLU GLU B . n 
B 1 22 ALA 22 26 26 ALA ALA B . n 
B 1 23 SER 23 27 27 SER SER B . n 
B 1 24 LEU 24 28 28 LEU LEU B . n 
B 1 25 SER 25 29 29 SER SER B . n 
B 1 26 GLN 26 30 30 GLN GLN B . n 
B 1 27 SER 27 31 31 SER SER B . n 
B 1 28 GLU 28 32 32 GLU GLU B . n 
B 1 29 LEU 29 33 33 LEU LEU B . n 
B 1 30 ALA 30 34 34 ALA ALA B . n 
B 1 31 ILE 31 35 35 ILE ILE B . n 
B 1 32 PHE 32 36 36 PHE PHE B . n 
B 1 33 LEU 33 37 37 LEU LEU B . n 
B 1 34 GLY 34 38 38 GLY GLY B . n 
B 1 35 LEU 35 39 39 LEU LEU B . n 
B 1 36 SER 36 40 40 SER SER B . n 
B 1 37 GLN 37 41 41 GLN GLN B . n 
B 1 38 SER 38 42 42 SER SER B . n 
B 1 39 ASP 39 43 43 ASP ASP B . n 
B 1 40 ILE 40 44 44 ILE ILE B . n 
B 1 41 SER 41 45 45 SER SER B . n 
B 1 42 LYS 42 46 46 LYS LYS B . n 
B 1 43 ILE 43 47 47 ILE ILE B . n 
B 1 44 GLU 44 48 48 GLU GLU B . n 
B 1 45 SER 45 49 49 SER SER B . n 
B 1 46 PHE 46 50 50 PHE PHE B . n 
B 1 47 GLU 47 51 51 GLU GLU B . n 
B 1 48 ARG 48 52 52 ARG ARG B . n 
B 1 49 ARG 49 53 53 ARG ARG B . n 
B 1 50 LEU 50 54 54 LEU LEU B . n 
B 1 51 ASP 51 55 55 ASP ASP B . n 
B 1 52 ALA 52 56 56 ALA ALA B . n 
B 1 53 LEU 53 57 57 LEU LEU B . n 
B 1 54 GLU 54 58 58 GLU GLU B . n 
B 1 55 LEU 55 59 59 LEU LEU B . n 
B 1 56 PHE 56 60 60 PHE PHE B . n 
B 1 57 GLU 57 61 61 GLU GLU B . n 
B 1 58 LEU 58 62 62 LEU LEU B . n 
B 1 59 LEU 59 63 63 LEU LEU B . n 
B 1 60 GLU 60 64 64 GLU GLU B . n 
B 1 61 VAL 61 65 65 VAL VAL B . n 
B 1 62 VAL 62 66 66 VAL VAL B . n 
B 1 63 ALA 63 67 67 ALA ALA B . n 
B 1 64 SER 64 68 68 SER SER B . n 
B 1 65 ARG 65 69 69 ARG ARG B . n 
B 1 66 LEU 66 70 70 LEU LEU B . n 
B 1 67 GLY 67 71 71 GLY GLY B . n 
B 1 68 LEU 68 72 72 LEU LEU B . n 
B 1 69 PRO 69 73 73 PRO PRO B . n 
B 1 70 MET 70 74 74 MET MET B . n 
B 1 71 ASP 71 75 75 ASP ASP B . n 
B 1 72 ILE 72 76 76 ILE ILE B . n 
B 1 73 LEU 73 77 77 LEU LEU B . n 
B 1 74 LEU 74 78 78 LEU LEU B . n 
B 1 75 LYS 75 79 79 LYS LYS B . n 
B 1 76 ASP 76 80 80 ASP ASP B . n 
B 1 77 THR 77 81 81 THR THR B . n 
B 1 78 TYR 78 82 82 TYR TYR B . n 
B 1 79 GLU 79 83 83 GLU GLU B . n 
B 1 80 SER 80 84 84 SER SER B . n 
B 1 81 ILE 81 85 85 ILE ILE B . n 
B 1 82 SER 82 86 86 SER SER B . n 
B 1 83 LYS 83 87 87 LYS LYS B . n 
B 1 84 SER 84 88 ?  ?   ?   B . n 
# 
loop_
_pdbx_nonpoly_scheme.asym_id 
_pdbx_nonpoly_scheme.entity_id 
_pdbx_nonpoly_scheme.mon_id 
_pdbx_nonpoly_scheme.ndb_seq_num 
_pdbx_nonpoly_scheme.pdb_seq_num 
_pdbx_nonpoly_scheme.auth_seq_num 
_pdbx_nonpoly_scheme.pdb_mon_id 
_pdbx_nonpoly_scheme.auth_mon_id 
_pdbx_nonpoly_scheme.pdb_strand_id 
_pdbx_nonpoly_scheme.pdb_ins_code 
C 2 SO4 1  401 401 SO4 SO4 A . 
D 3 HOH 1  402 201 HOH HOH A . 
D 3 HOH 2  403 202 HOH HOH A . 
D 3 HOH 3  404 203 HOH HOH A . 
D 3 HOH 4  405 207 HOH HOH A . 
D 3 HOH 5  406 210 HOH HOH A . 
D 3 HOH 6  407 211 HOH HOH A . 
D 3 HOH 7  408 212 HOH HOH A . 
D 3 HOH 8  409 213 HOH HOH A . 
D 3 HOH 9  410 216 HOH HOH A . 
D 3 HOH 10 411 217 HOH HOH A . 
D 3 HOH 11 412 218 HOH HOH A . 
D 3 HOH 12 413 219 HOH HOH A . 
D 3 HOH 13 414 220 HOH HOH A . 
D 3 HOH 14 415 221 HOH HOH A . 
D 3 HOH 15 416 224 HOH HOH A . 
D 3 HOH 16 417 225 HOH HOH A . 
D 3 HOH 17 418 226 HOH HOH A . 
D 3 HOH 18 419 227 HOH HOH A . 
D 3 HOH 19 420 232 HOH HOH A . 
D 3 HOH 20 421 233 HOH HOH A . 
D 3 HOH 21 422 234 HOH HOH A . 
D 3 HOH 22 423 235 HOH HOH A . 
D 3 HOH 23 424 241 HOH HOH A . 
D 3 HOH 24 425 243 HOH HOH A . 
D 3 HOH 25 426 247 HOH HOH A . 
D 3 HOH 26 427 249 HOH HOH A . 
D 3 HOH 27 428 250 HOH HOH A . 
D 3 HOH 28 429 251 HOH HOH A . 
D 3 HOH 29 430 252 HOH HOH A . 
D 3 HOH 30 431 253 HOH HOH A . 
D 3 HOH 31 432 254 HOH HOH A . 
D 3 HOH 32 433 255 HOH HOH A . 
D 3 HOH 33 434 256 HOH HOH A . 
D 3 HOH 34 435 257 HOH HOH A . 
D 3 HOH 35 436 258 HOH HOH A . 
D 3 HOH 36 437 259 HOH HOH A . 
D 3 HOH 37 438 260 HOH HOH A . 
D 3 HOH 38 439 262 HOH HOH A . 
D 3 HOH 39 440 263 HOH HOH A . 
D 3 HOH 40 441 264 HOH HOH A . 
D 3 HOH 41 442 265 HOH HOH A . 
D 3 HOH 42 443 267 HOH HOH A . 
D 3 HOH 43 444 276 HOH HOH A . 
D 3 HOH 44 445 285 HOH HOH A . 
D 3 HOH 45 446 286 HOH HOH A . 
D 3 HOH 46 447 287 HOH HOH A . 
D 3 HOH 47 448 290 HOH HOH A . 
D 3 HOH 48 449 291 HOH HOH A . 
D 3 HOH 49 450 292 HOH HOH A . 
D 3 HOH 50 451 293 HOH HOH A . 
D 3 HOH 51 452 294 HOH HOH A . 
D 3 HOH 52 453 295 HOH HOH A . 
D 3 HOH 53 454 296 HOH HOH A . 
D 3 HOH 54 455 297 HOH HOH A . 
D 3 HOH 55 456 302 HOH HOH A . 
D 3 HOH 56 457 303 HOH HOH A . 
D 3 HOH 57 458 305 HOH HOH A . 
D 3 HOH 58 459 307 HOH HOH A . 
D 3 HOH 59 460 309 HOH HOH A . 
D 3 HOH 60 461 310 HOH HOH A . 
D 3 HOH 61 462 313 HOH HOH A . 
D 3 HOH 62 463 314 HOH HOH A . 
D 3 HOH 63 464 315 HOH HOH A . 
D 3 HOH 64 465 316 HOH HOH A . 
D 3 HOH 65 466 317 HOH HOH A . 
D 3 HOH 66 467 318 HOH HOH A . 
D 3 HOH 67 468 324 HOH HOH A . 
D 3 HOH 68 469 325 HOH HOH A . 
D 3 HOH 69 470 327 HOH HOH A . 
D 3 HOH 70 471 331 HOH HOH A . 
D 3 HOH 71 472 332 HOH HOH A . 
D 3 HOH 72 473 333 HOH HOH A . 
D 3 HOH 73 474 334 HOH HOH A . 
D 3 HOH 74 475 335 HOH HOH A . 
D 3 HOH 75 476 336 HOH HOH A . 
D 3 HOH 76 477 340 HOH HOH A . 
D 3 HOH 77 478 341 HOH HOH A . 
D 3 HOH 78 479 343 HOH HOH A . 
D 3 HOH 79 480 344 HOH HOH A . 
D 3 HOH 80 481 345 HOH HOH A . 
D 3 HOH 81 482 348 HOH HOH A . 
D 3 HOH 82 483 349 HOH HOH A . 
D 3 HOH 83 484 350 HOH HOH A . 
D 3 HOH 84 485 351 HOH HOH A . 
D 3 HOH 85 486 352 HOH HOH A . 
D 3 HOH 86 487 353 HOH HOH A . 
D 3 HOH 87 488 354 HOH HOH A . 
D 3 HOH 88 489 355 HOH HOH A . 
D 3 HOH 89 490 357 HOH HOH A . 
D 3 HOH 90 491 361 HOH HOH A . 
D 3 HOH 91 492 363 HOH HOH A . 
D 3 HOH 92 493 364 HOH HOH A . 
E 3 HOH 1  89  204 HOH HOH B . 
E 3 HOH 2  90  205 HOH HOH B . 
E 3 HOH 3  91  206 HOH HOH B . 
E 3 HOH 4  92  208 HOH HOH B . 
E 3 HOH 5  93  214 HOH HOH B . 
E 3 HOH 6  94  215 HOH HOH B . 
E 3 HOH 7  95  222 HOH HOH B . 
E 3 HOH 8  96  223 HOH HOH B . 
E 3 HOH 9  97  228 HOH HOH B . 
E 3 HOH 10 98  229 HOH HOH B . 
E 3 HOH 11 99  230 HOH HOH B . 
E 3 HOH 12 100 231 HOH HOH B . 
E 3 HOH 13 101 236 HOH HOH B . 
E 3 HOH 14 102 237 HOH HOH B . 
E 3 HOH 15 103 238 HOH HOH B . 
E 3 HOH 16 104 239 HOH HOH B . 
E 3 HOH 17 105 240 HOH HOH B . 
E 3 HOH 18 106 242 HOH HOH B . 
E 3 HOH 19 107 244 HOH HOH B . 
E 3 HOH 20 108 245 HOH HOH B . 
E 3 HOH 21 109 246 HOH HOH B . 
E 3 HOH 22 110 248 HOH HOH B . 
E 3 HOH 23 111 261 HOH HOH B . 
E 3 HOH 24 112 268 HOH HOH B . 
E 3 HOH 25 113 269 HOH HOH B . 
E 3 HOH 26 114 270 HOH HOH B . 
E 3 HOH 27 115 271 HOH HOH B . 
E 3 HOH 28 116 272 HOH HOH B . 
E 3 HOH 29 117 273 HOH HOH B . 
E 3 HOH 30 118 274 HOH HOH B . 
E 3 HOH 31 119 277 HOH HOH B . 
E 3 HOH 32 120 278 HOH HOH B . 
E 3 HOH 33 121 279 HOH HOH B . 
E 3 HOH 34 122 280 HOH HOH B . 
E 3 HOH 35 123 281 HOH HOH B . 
E 3 HOH 36 124 282 HOH HOH B . 
E 3 HOH 37 125 283 HOH HOH B . 
E 3 HOH 38 126 284 HOH HOH B . 
E 3 HOH 39 127 288 HOH HOH B . 
E 3 HOH 40 128 289 HOH HOH B . 
E 3 HOH 41 129 298 HOH HOH B . 
E 3 HOH 42 130 299 HOH HOH B . 
E 3 HOH 43 131 300 HOH HOH B . 
E 3 HOH 44 132 301 HOH HOH B . 
E 3 HOH 45 133 304 HOH HOH B . 
E 3 HOH 46 134 306 HOH HOH B . 
E 3 HOH 47 135 311 HOH HOH B . 
E 3 HOH 48 136 312 HOH HOH B . 
E 3 HOH 49 137 319 HOH HOH B . 
E 3 HOH 50 138 320 HOH HOH B . 
E 3 HOH 51 139 321 HOH HOH B . 
E 3 HOH 52 140 322 HOH HOH B . 
E 3 HOH 53 141 323 HOH HOH B . 
E 3 HOH 54 142 329 HOH HOH B . 
E 3 HOH 55 143 338 HOH HOH B . 
E 3 HOH 56 144 342 HOH HOH B . 
E 3 HOH 57 145 346 HOH HOH B . 
E 3 HOH 58 146 347 HOH HOH B . 
E 3 HOH 59 147 356 HOH HOH B . 
E 3 HOH 60 148 358 HOH HOH B . 
E 3 HOH 61 149 359 HOH HOH B . 
E 3 HOH 62 150 360 HOH HOH B . 
E 3 HOH 63 151 362 HOH HOH B . 
E 3 HOH 64 152 365 HOH HOH B . 
E 3 HOH 65 153 366 HOH HOH B . 
E 3 HOH 66 154 367 HOH HOH B . 
# 
loop_
_software.name 
_software.classification 
_software.version 
_software.citation_id 
_software.pdbx_ordinal 
CNS      refinement       1.1 ? 1 
HKL-2000 'data reduction' .   ? 2 
HKL-2000 'data scaling'   .   ? 3 
CNS      phasing          .   ? 4 
# 
_cell.entry_id           2EF8 
_cell.length_a           52.420 
_cell.length_b           56.952 
_cell.length_c           61.742 
_cell.angle_alpha        90.00 
_cell.angle_beta         90.00 
_cell.angle_gamma        90.00 
_cell.Z_PDB              8 
_cell.pdbx_unique_axis   ? 
_cell.length_a_esd       ? 
_cell.length_b_esd       ? 
_cell.length_c_esd       ? 
_cell.angle_alpha_esd    ? 
_cell.angle_beta_esd     ? 
_cell.angle_gamma_esd    ? 
# 
_symmetry.entry_id                         2EF8 
_symmetry.space_group_name_H-M             'P 21 21 21' 
_symmetry.pdbx_full_space_group_name_H-M   ? 
_symmetry.cell_setting                     ? 
_symmetry.Int_Tables_number                19 
_symmetry.space_group_name_Hall            ? 
# 
_exptl.entry_id          2EF8 
_exptl.method            'X-RAY DIFFRACTION' 
_exptl.crystals_number   1 
# 
_exptl_crystal.id                    1 
_exptl_crystal.density_meas          ? 
_exptl_crystal.density_Matthews      2.37 
_exptl_crystal.density_percent_sol   48.16 
_exptl_crystal.description           ? 
_exptl_crystal.F_000                 ? 
_exptl_crystal.preparation           ? 
# 
_exptl_crystal_grow.crystal_id      1 
_exptl_crystal_grow.method          'VAPOR DIFFUSION, HANGING DROP' 
_exptl_crystal_grow.temp            293 
_exptl_crystal_grow.temp_details    ? 
_exptl_crystal_grow.pH              4.6 
_exptl_crystal_grow.pdbx_details    
'2.0M Ammonium Sulfate, 0.1M Sodium Acetate trihydrate pH 4.6, VAPOR DIFFUSION, HANGING DROP, temperature 293K' 
_exptl_crystal_grow.pdbx_pH_range   . 
# 
_diffrn.id                     1 
_diffrn.ambient_temp           100 
_diffrn.ambient_temp_details   ? 
_diffrn.crystal_id             1 
# 
_diffrn_detector.diffrn_id              1 
_diffrn_detector.detector               CCD 
_diffrn_detector.type                   'RIGAKU JUPITER 210' 
_diffrn_detector.pdbx_collection_date   2006-07-13 
_diffrn_detector.details                mirrors 
# 
_diffrn_radiation.diffrn_id                        1 
_diffrn_radiation.wavelength_id                    1 
_diffrn_radiation.pdbx_monochromatic_or_laue_m_l   M 
_diffrn_radiation.monochromator                    'Si 111 CHANNEL' 
_diffrn_radiation.pdbx_diffrn_protocol             'SINGLE WAVELENGTH' 
_diffrn_radiation.pdbx_scattering_type             x-ray 
# 
_diffrn_radiation_wavelength.id           1 
_diffrn_radiation_wavelength.wavelength   1.00 
_diffrn_radiation_wavelength.wt           1.0 
# 
_diffrn_source.diffrn_id                   1 
_diffrn_source.source                      SYNCHROTRON 
_diffrn_source.type                        'SPRING-8 BEAMLINE BL38B1' 
_diffrn_source.pdbx_synchrotron_site       SPring-8 
_diffrn_source.pdbx_synchrotron_beamline   BL38B1 
_diffrn_source.pdbx_wavelength             ? 
_diffrn_source.pdbx_wavelength_list        1.00 
# 
_reflns.entry_id                     2EF8 
_reflns.observed_criterion_sigma_I   -3 
_reflns.observed_criterion_sigma_F   ? 
_reflns.d_resolution_low             27.1 
_reflns.d_resolution_high            1.95 
_reflns.number_obs                   13953 
_reflns.number_all                   13995 
_reflns.percent_possible_obs         99.7 
_reflns.pdbx_Rmerge_I_obs            0.038 
_reflns.pdbx_Rsym_value              ? 
_reflns.pdbx_netI_over_sigmaI        23.1 
_reflns.B_iso_Wilson_estimate        11.8 
_reflns.pdbx_redundancy              7.7 
_reflns.R_free_details               ? 
_reflns.limit_h_max                  ? 
_reflns.limit_h_min                  ? 
_reflns.limit_k_max                  ? 
_reflns.limit_k_min                  ? 
_reflns.limit_l_max                  ? 
_reflns.limit_l_min                  ? 
_reflns.observed_criterion_F_max     ? 
_reflns.observed_criterion_F_min     ? 
_reflns.pdbx_chi_squared             ? 
_reflns.pdbx_scaling_rejects         ? 
_reflns.pdbx_diffrn_id               1 
_reflns.pdbx_ordinal                 1 
# 
_reflns_shell.d_res_high             1.95 
_reflns_shell.d_res_low              2.02 
_reflns_shell.percent_possible_all   100 
_reflns_shell.Rmerge_I_obs           0.152 
_reflns_shell.pdbx_Rsym_value        ? 
_reflns_shell.meanI_over_sigI_obs    9.5 
_reflns_shell.pdbx_redundancy        7.8 
_reflns_shell.percent_possible_obs   ? 
_reflns_shell.number_unique_all      1381 
_reflns_shell.number_measured_all    ? 
_reflns_shell.number_measured_obs    ? 
_reflns_shell.number_unique_obs      ? 
_reflns_shell.pdbx_chi_squared       ? 
_reflns_shell.pdbx_diffrn_id         ? 
_reflns_shell.pdbx_ordinal           1 
# 
_refine.entry_id                                 2EF8 
_refine.ls_number_reflns_obs                     13883 
_refine.ls_number_reflns_all                     13953 
_refine.pdbx_ls_sigma_I                          ? 
_refine.pdbx_ls_sigma_F                          0.0 
_refine.pdbx_data_cutoff_high_absF               2712930.10 
_refine.pdbx_data_cutoff_low_absF                0.000000 
_refine.pdbx_data_cutoff_high_rms_absF           ? 
_refine.ls_d_res_low                             14.92 
_refine.ls_d_res_high                            1.95 
_refine.ls_percent_reflns_obs                    99.5 
_refine.ls_R_factor_obs                          0.202 
_refine.ls_R_factor_all                          ? 
_refine.ls_R_factor_R_work                       0.202 
_refine.ls_R_factor_R_free                       0.257 
_refine.ls_R_factor_R_free_error                 0.007 
_refine.ls_R_factor_R_free_error_details         ? 
_refine.ls_percent_reflns_R_free                 9.9 
_refine.ls_number_reflns_R_free                  1370 
_refine.ls_number_parameters                     ? 
_refine.ls_number_restraints                     ? 
_refine.occupancy_min                            ? 
_refine.occupancy_max                            ? 
_refine.correlation_coeff_Fo_to_Fc               ? 
_refine.correlation_coeff_Fo_to_Fc_free          ? 
_refine.B_iso_mean                               24.8 
_refine.aniso_B[1][1]                            0.53 
_refine.aniso_B[2][2]                            -1.01 
_refine.aniso_B[3][3]                            0.49 
_refine.aniso_B[1][2]                            0.00 
_refine.aniso_B[1][3]                            0.00 
_refine.aniso_B[2][3]                            0.00 
_refine.solvent_model_details                    'FLAT MODEL' 
_refine.solvent_model_param_ksol                 0.404147 
_refine.solvent_model_param_bsol                 65.6166 
_refine.pdbx_solvent_vdw_probe_radii             ? 
_refine.pdbx_solvent_ion_probe_radii             ? 
_refine.pdbx_solvent_shrinkage_radii             ? 
_refine.pdbx_ls_cross_valid_method               THROUGHOUT 
_refine.details                                  ? 
_refine.pdbx_starting_model                      ? 
_refine.pdbx_method_to_determine_struct          MIR 
_refine.pdbx_isotropic_thermal_model             RESTRAINED 
_refine.pdbx_stereochemistry_target_values       'Engh & Huber' 
_refine.pdbx_stereochem_target_val_spec_case     ? 
_refine.pdbx_R_Free_selection_details            RANDOM 
_refine.pdbx_overall_ESU_R                       ? 
_refine.pdbx_overall_ESU_R_Free                  ? 
_refine.overall_SU_ML                            ? 
_refine.overall_SU_B                             ? 
_refine.ls_redundancy_reflns_obs                 ? 
_refine.B_iso_min                                ? 
_refine.B_iso_max                                ? 
_refine.overall_SU_R_Cruickshank_DPI             ? 
_refine.overall_SU_R_free                        ? 
_refine.ls_wR_factor_R_free                      ? 
_refine.ls_wR_factor_R_work                      ? 
_refine.overall_FOM_free_R_set                   ? 
_refine.overall_FOM_work_R_set                   ? 
_refine.pdbx_overall_phase_error                 ? 
_refine.pdbx_refine_id                           'X-RAY DIFFRACTION' 
_refine.pdbx_diffrn_id                           1 
_refine.pdbx_TLS_residual_ADP_flag               ? 
_refine.pdbx_overall_SU_R_free_Cruickshank_DPI   ? 
_refine.pdbx_overall_SU_R_Blow_DPI               ? 
_refine.pdbx_overall_SU_R_free_Blow_DPI          ? 
# 
_refine_analyze.entry_id                        2EF8 
_refine_analyze.Luzzati_coordinate_error_obs    0.22 
_refine_analyze.Luzzati_sigma_a_obs             0.11 
_refine_analyze.Luzzati_d_res_low_obs           5.00 
_refine_analyze.Luzzati_coordinate_error_free   0.28 
_refine_analyze.Luzzati_sigma_a_free            0.16 
_refine_analyze.Luzzati_d_res_low_free          ? 
_refine_analyze.number_disordered_residues      ? 
_refine_analyze.occupancy_sum_hydrogen          ? 
_refine_analyze.occupancy_sum_non_hydrogen      ? 
_refine_analyze.pdbx_Luzzati_d_res_high_obs     ? 
_refine_analyze.pdbx_refine_id                  'X-RAY DIFFRACTION' 
# 
_refine_hist.pdbx_refine_id                   'X-RAY DIFFRACTION' 
_refine_hist.cycle_id                         LAST 
_refine_hist.pdbx_number_atoms_protein        1395 
_refine_hist.pdbx_number_atoms_nucleic_acid   0 
_refine_hist.pdbx_number_atoms_ligand         5 
_refine_hist.number_atoms_solvent             158 
_refine_hist.number_atoms_total               1558 
_refine_hist.d_res_high                       1.95 
_refine_hist.d_res_low                        14.92 
# 
loop_
_refine_ls_restr.type 
_refine_ls_restr.dev_ideal 
_refine_ls_restr.dev_ideal_target 
_refine_ls_restr.weight 
_refine_ls_restr.number 
_refine_ls_restr.pdbx_refine_id 
_refine_ls_restr.pdbx_restraint_function 
c_bond_d           0.008 ?    ? ? 'X-RAY DIFFRACTION' ? 
c_angle_deg        1.3   ?    ? ? 'X-RAY DIFFRACTION' ? 
c_dihedral_angle_d 18.6  ?    ? ? 'X-RAY DIFFRACTION' ? 
c_improper_angle_d 0.89  ?    ? ? 'X-RAY DIFFRACTION' ? 
c_mcbond_it        1.46  1.50 ? ? 'X-RAY DIFFRACTION' ? 
c_mcangle_it       2.19  2.00 ? ? 'X-RAY DIFFRACTION' ? 
c_scbond_it        2.23  2.00 ? ? 'X-RAY DIFFRACTION' ? 
c_scangle_it       3.29  2.50 ? ? 'X-RAY DIFFRACTION' ? 
# 
_refine_ls_shell.pdbx_total_number_of_bins_used   6 
_refine_ls_shell.d_res_high                       1.95 
_refine_ls_shell.d_res_low                        2.07 
_refine_ls_shell.number_reflns_R_work             2059 
_refine_ls_shell.R_factor_R_work                  0.205 
_refine_ls_shell.percent_reflns_obs               100.0 
_refine_ls_shell.R_factor_R_free                  0.273 
_refine_ls_shell.R_factor_R_free_error            0.019 
_refine_ls_shell.percent_reflns_R_free            9.3 
_refine_ls_shell.number_reflns_R_free             212 
_refine_ls_shell.number_reflns_all                ? 
_refine_ls_shell.R_factor_all                     ? 
_refine_ls_shell.number_reflns_obs                1370 
_refine_ls_shell.redundancy_reflns_obs            ? 
_refine_ls_shell.pdbx_refine_id                   'X-RAY DIFFRACTION' 
# 
loop_
_pdbx_xplor_file.serial_no 
_pdbx_xplor_file.param_file 
_pdbx_xplor_file.topol_file 
_pdbx_xplor_file.pdbx_refine_id 
1 protein_rep10.param ? 'X-RAY DIFFRACTION' 
2 water_rep.param     ? 'X-RAY DIFFRACTION' 
3 ion.param           ? 'X-RAY DIFFRACTION' 
# 
_struct.entry_id                  2EF8 
_struct.title                     'Crystal structure of C.EcoT38IS' 
_struct.pdbx_model_details        ? 
_struct.pdbx_CASP_flag            ? 
_struct.pdbx_model_type_details   ? 
# 
_struct_keywords.entry_id        2EF8 
_struct_keywords.pdbx_keywords   'TRANSCRIPTION REGULATOR' 
_struct_keywords.text            'helix-turn-helix, DNA binding protein, TRANSCRIPTION REGULATOR' 
# 
loop_
_struct_asym.id 
_struct_asym.pdbx_blank_PDB_chainid_flag 
_struct_asym.pdbx_modified 
_struct_asym.entity_id 
_struct_asym.details 
A N N 1 ? 
B N N 1 ? 
C N N 2 ? 
D N N 3 ? 
E N N 3 ? 
# 
_struct_ref.id                         1 
_struct_ref.db_name                    UNP 
_struct_ref.db_code                    Q83VS9_BPP2 
_struct_ref.pdbx_db_accession          Q83VS9 
_struct_ref.entity_id                  1 
_struct_ref.pdbx_seq_one_letter_code   
;PTIHDHRYRCLVQLLTKLRKEASLSQSELAIFLGLSQSDISKIESFERRLDALELFELLEVVASRLGLPMDILLKDTYES
ISKS
;
_struct_ref.pdbx_align_begin           21 
_struct_ref.pdbx_db_isoform            ? 
# 
loop_
_struct_ref_seq.align_id 
_struct_ref_seq.ref_id 
_struct_ref_seq.pdbx_PDB_id_code 
_struct_ref_seq.pdbx_strand_id 
_struct_ref_seq.seq_align_beg 
_struct_ref_seq.pdbx_seq_align_beg_ins_code 
_struct_ref_seq.seq_align_end 
_struct_ref_seq.pdbx_seq_align_end_ins_code 
_struct_ref_seq.pdbx_db_accession 
_struct_ref_seq.db_align_beg 
_struct_ref_seq.pdbx_db_align_beg_ins_code 
_struct_ref_seq.db_align_end 
_struct_ref_seq.pdbx_db_align_end_ins_code 
_struct_ref_seq.pdbx_auth_seq_align_beg 
_struct_ref_seq.pdbx_auth_seq_align_end 
1 1 2EF8 A 1 ? 84 ? Q83VS9 21 ? 104 ? 5 88 
2 1 2EF8 B 1 ? 84 ? Q83VS9 21 ? 104 ? 5 88 
# 
_pdbx_struct_assembly.id                   1 
_pdbx_struct_assembly.details              author_defined_assembly 
_pdbx_struct_assembly.method_details       ? 
_pdbx_struct_assembly.oligomeric_details   dimeric 
_pdbx_struct_assembly.oligomeric_count     2 
# 
_pdbx_struct_assembly_gen.assembly_id       1 
_pdbx_struct_assembly_gen.oper_expression   1 
_pdbx_struct_assembly_gen.asym_id_list      A,B,C,D,E 
# 
_pdbx_struct_oper_list.id                   1 
_pdbx_struct_oper_list.type                 'identity operation' 
_pdbx_struct_oper_list.name                 1_555 
_pdbx_struct_oper_list.symmetry_operation   x,y,z 
_pdbx_struct_oper_list.matrix[1][1]         1.0000000000 
_pdbx_struct_oper_list.matrix[1][2]         0.0000000000 
_pdbx_struct_oper_list.matrix[1][3]         0.0000000000 
_pdbx_struct_oper_list.vector[1]            0.0000000000 
_pdbx_struct_oper_list.matrix[2][1]         0.0000000000 
_pdbx_struct_oper_list.matrix[2][2]         1.0000000000 
_pdbx_struct_oper_list.matrix[2][3]         0.0000000000 
_pdbx_struct_oper_list.vector[2]            0.0000000000 
_pdbx_struct_oper_list.matrix[3][1]         0.0000000000 
_pdbx_struct_oper_list.matrix[3][2]         0.0000000000 
_pdbx_struct_oper_list.matrix[3][3]         1.0000000000 
_pdbx_struct_oper_list.vector[3]            0.0000000000 
# 
_struct_biol.id        1 
_struct_biol.details   ? 
# 
loop_
_struct_conf.conf_type_id 
_struct_conf.id 
_struct_conf.pdbx_PDB_helix_id 
_struct_conf.beg_label_comp_id 
_struct_conf.beg_label_asym_id 
_struct_conf.beg_label_seq_id 
_struct_conf.pdbx_beg_PDB_ins_code 
_struct_conf.end_label_comp_id 
_struct_conf.end_label_asym_id 
_struct_conf.end_label_seq_id 
_struct_conf.pdbx_end_PDB_ins_code 
_struct_conf.beg_auth_comp_id 
_struct_conf.beg_auth_asym_id 
_struct_conf.beg_auth_seq_id 
_struct_conf.end_auth_comp_id 
_struct_conf.end_auth_asym_id 
_struct_conf.end_auth_seq_id 
_struct_conf.pdbx_PDB_helix_class 
_struct_conf.details 
_struct_conf.pdbx_PDB_helix_length 
HELX_P HELX_P1  1  ASP A 5  ? ALA A 22 ? ASP A 9  ALA A 26 1 ? 18 
HELX_P HELX_P2  2  SER A 25 ? LEU A 33 ? SER A 29 LEU A 37 1 ? 9  
HELX_P HELX_P3  3  SER A 36 ? SER A 45 ? SER A 40 SER A 49 1 ? 10 
HELX_P HELX_P4  4  ASP A 51 ? GLY A 67 ? ASP A 55 GLY A 71 1 ? 17 
HELX_P HELX_P5  5  PRO A 69 ? ILE A 81 ? PRO A 73 ILE A 85 1 ? 13 
HELX_P HELX_P6  6  ASP B 5  ? ALA B 22 ? ASP B 9  ALA B 26 1 ? 18 
HELX_P HELX_P7  7  SER B 25 ? GLY B 34 ? SER B 29 GLY B 38 1 ? 10 
HELX_P HELX_P8  8  SER B 36 ? SER B 45 ? SER B 40 SER B 49 1 ? 10 
HELX_P HELX_P9  9  ASP B 51 ? GLY B 67 ? ASP B 55 GLY B 71 1 ? 17 
HELX_P HELX_P10 10 PRO B 69 ? ILE B 81 ? PRO B 73 ILE B 85 1 ? 13 
# 
_struct_conf_type.id          HELX_P 
_struct_conf_type.criteria    ? 
_struct_conf_type.reference   ? 
# 
loop_
_struct_conn.id 
_struct_conn.conn_type_id 
_struct_conn.pdbx_leaving_atom_flag 
_struct_conn.pdbx_PDB_id 
_struct_conn.ptnr1_label_asym_id 
_struct_conn.ptnr1_label_comp_id 
_struct_conn.ptnr1_label_seq_id 
_struct_conn.ptnr1_label_atom_id 
_struct_conn.pdbx_ptnr1_label_alt_id 
_struct_conn.pdbx_ptnr1_PDB_ins_code 
_struct_conn.pdbx_ptnr1_standard_comp_id 
_struct_conn.ptnr1_symmetry 
_struct_conn.ptnr2_label_asym_id 
_struct_conn.ptnr2_label_comp_id 
_struct_conn.ptnr2_label_seq_id 
_struct_conn.ptnr2_label_atom_id 
_struct_conn.pdbx_ptnr2_label_alt_id 
_struct_conn.pdbx_ptnr2_PDB_ins_code 
_struct_conn.ptnr1_auth_asym_id 
_struct_conn.ptnr1_auth_comp_id 
_struct_conn.ptnr1_auth_seq_id 
_struct_conn.ptnr2_auth_asym_id 
_struct_conn.ptnr2_auth_comp_id 
_struct_conn.ptnr2_auth_seq_id 
_struct_conn.ptnr2_symmetry 
_struct_conn.pdbx_ptnr3_label_atom_id 
_struct_conn.pdbx_ptnr3_label_seq_id 
_struct_conn.pdbx_ptnr3_label_comp_id 
_struct_conn.pdbx_ptnr3_label_asym_id 
_struct_conn.pdbx_ptnr3_label_alt_id 
_struct_conn.pdbx_ptnr3_PDB_ins_code 
_struct_conn.details 
_struct_conn.pdbx_dist_value 
_struct_conn.pdbx_value_order 
_struct_conn.pdbx_role 
covale1 covale both ? A ARG 9  C ? ? ? 1_555 A CME 10 N ? ? A ARG 13 A CME 14 1_555 ? ? ? ? ? ? ? 1.332 ? ? 
covale2 covale both ? A CME 10 C ? ? ? 1_555 A LEU 11 N ? ? A CME 14 A LEU 15 1_555 ? ? ? ? ? ? ? 1.323 ? ? 
covale3 covale both ? B ARG 9  C ? ? ? 1_555 B CME 10 N ? ? B ARG 13 B CME 14 1_555 ? ? ? ? ? ? ? 1.329 ? ? 
covale4 covale both ? B CME 10 C ? ? ? 1_555 B LEU 11 N ? ? B CME 14 B LEU 15 1_555 ? ? ? ? ? ? ? 1.332 ? ? 
# 
_struct_conn_type.id          covale 
_struct_conn_type.criteria    ? 
_struct_conn_type.reference   ? 
# 
loop_
_pdbx_modification_feature.ordinal 
_pdbx_modification_feature.label_comp_id 
_pdbx_modification_feature.label_asym_id 
_pdbx_modification_feature.label_seq_id 
_pdbx_modification_feature.label_alt_id 
_pdbx_modification_feature.modified_residue_label_comp_id 
_pdbx_modification_feature.modified_residue_label_asym_id 
_pdbx_modification_feature.modified_residue_label_seq_id 
_pdbx_modification_feature.modified_residue_label_alt_id 
_pdbx_modification_feature.auth_comp_id 
_pdbx_modification_feature.auth_asym_id 
_pdbx_modification_feature.auth_seq_id 
_pdbx_modification_feature.PDB_ins_code 
_pdbx_modification_feature.symmetry 
_pdbx_modification_feature.modified_residue_auth_comp_id 
_pdbx_modification_feature.modified_residue_auth_asym_id 
_pdbx_modification_feature.modified_residue_auth_seq_id 
_pdbx_modification_feature.modified_residue_PDB_ins_code 
_pdbx_modification_feature.modified_residue_symmetry 
_pdbx_modification_feature.comp_id_linking_atom 
_pdbx_modification_feature.modified_residue_id_linking_atom 
_pdbx_modification_feature.modified_residue_id 
_pdbx_modification_feature.ref_pcm_id 
_pdbx_modification_feature.ref_comp_id 
_pdbx_modification_feature.type 
_pdbx_modification_feature.category 
1 CME A 10 ? . . . . CME A 14 ? 1_555 . . . . . . . CYS 1 CME Beta-mercaptoethanol 'Named protein modification' 
2 CME B 10 ? . . . . CME B 14 ? 1_555 . . . . . . . CYS 1 CME Beta-mercaptoethanol 'Named protein modification' 
# 
_struct_site.id                   AC1 
_struct_site.pdbx_evidence_code   Software 
_struct_site.pdbx_auth_asym_id    A 
_struct_site.pdbx_auth_comp_id    SO4 
_struct_site.pdbx_auth_seq_id     401 
_struct_site.pdbx_auth_ins_code   ? 
_struct_site.pdbx_num_residues    4 
_struct_site.details              'BINDING SITE FOR RESIDUE SO4 A 401' 
# 
loop_
_struct_site_gen.id 
_struct_site_gen.site_id 
_struct_site_gen.pdbx_num_res 
_struct_site_gen.label_comp_id 
_struct_site_gen.label_asym_id 
_struct_site_gen.label_seq_id 
_struct_site_gen.pdbx_auth_ins_code 
_struct_site_gen.auth_comp_id 
_struct_site_gen.auth_asym_id 
_struct_site_gen.auth_seq_id 
_struct_site_gen.label_atom_id 
_struct_site_gen.label_alt_id 
_struct_site_gen.symmetry 
_struct_site_gen.details 
1 AC1 4 ILE A 3  ? ILE A 7  . ? 1_555 ? 
2 AC1 4 HIS A 4  ? HIS A 8  . ? 1_555 ? 
3 AC1 4 ASP A 5  ? ASP A 9  . ? 1_555 ? 
4 AC1 4 ARG A 49 ? ARG A 53 . ? 1_555 ? 
# 
_pdbx_entry_details.entry_id                   2EF8 
_pdbx_entry_details.compound_details           ? 
_pdbx_entry_details.source_details             ? 
_pdbx_entry_details.nonpolymer_details         ? 
_pdbx_entry_details.sequence_details           ? 
_pdbx_entry_details.has_ligand_of_interest     ? 
_pdbx_entry_details.has_protein_modification   Y 
# 
_pdbx_validate_torsion.id              1 
_pdbx_validate_torsion.PDB_model_num   1 
_pdbx_validate_torsion.auth_comp_id    SER 
_pdbx_validate_torsion.auth_asym_id    B 
_pdbx_validate_torsion.auth_seq_id     86 
_pdbx_validate_torsion.PDB_ins_code    ? 
_pdbx_validate_torsion.label_alt_id    ? 
_pdbx_validate_torsion.phi             -27.06 
_pdbx_validate_torsion.psi             -98.52 
# 
loop_
_pdbx_struct_mod_residue.id 
_pdbx_struct_mod_residue.label_asym_id 
_pdbx_struct_mod_residue.label_comp_id 
_pdbx_struct_mod_residue.label_seq_id 
_pdbx_struct_mod_residue.auth_asym_id 
_pdbx_struct_mod_residue.auth_comp_id 
_pdbx_struct_mod_residue.auth_seq_id 
_pdbx_struct_mod_residue.PDB_ins_code 
_pdbx_struct_mod_residue.parent_comp_id 
_pdbx_struct_mod_residue.details 
1 A CME 10 A CME 14 ? CYS 'S,S-(2-HYDROXYETHYL)THIOCYSTEINE' 
2 B CME 10 B CME 14 ? CYS 'S,S-(2-HYDROXYETHYL)THIOCYSTEINE' 
# 
_pdbx_unobs_or_zero_occ_residues.id               1 
_pdbx_unobs_or_zero_occ_residues.PDB_model_num    1 
_pdbx_unobs_or_zero_occ_residues.polymer_flag     Y 
_pdbx_unobs_or_zero_occ_residues.occupancy_flag   1 
_pdbx_unobs_or_zero_occ_residues.auth_asym_id     B 
_pdbx_unobs_or_zero_occ_residues.auth_comp_id     SER 
_pdbx_unobs_or_zero_occ_residues.auth_seq_id      88 
_pdbx_unobs_or_zero_occ_residues.PDB_ins_code     ? 
_pdbx_unobs_or_zero_occ_residues.label_asym_id    B 
_pdbx_unobs_or_zero_occ_residues.label_comp_id    SER 
_pdbx_unobs_or_zero_occ_residues.label_seq_id     84 
# 
loop_
_chem_comp_atom.comp_id 
_chem_comp_atom.atom_id 
_chem_comp_atom.type_symbol 
_chem_comp_atom.pdbx_aromatic_flag 
_chem_comp_atom.pdbx_stereo_config 
_chem_comp_atom.pdbx_ordinal 
ALA N    N N N 1   
ALA CA   C N S 2   
ALA C    C N N 3   
ALA O    O N N 4   
ALA CB   C N N 5   
ALA OXT  O N N 6   
ALA H    H N N 7   
ALA H2   H N N 8   
ALA HA   H N N 9   
ALA HB1  H N N 10  
ALA HB2  H N N 11  
ALA HB3  H N N 12  
ALA HXT  H N N 13  
ARG N    N N N 14  
ARG CA   C N S 15  
ARG C    C N N 16  
ARG O    O N N 17  
ARG CB   C N N 18  
ARG CG   C N N 19  
ARG CD   C N N 20  
ARG NE   N N N 21  
ARG CZ   C N N 22  
ARG NH1  N N N 23  
ARG NH2  N N N 24  
ARG OXT  O N N 25  
ARG H    H N N 26  
ARG H2   H N N 27  
ARG HA   H N N 28  
ARG HB2  H N N 29  
ARG HB3  H N N 30  
ARG HG2  H N N 31  
ARG HG3  H N N 32  
ARG HD2  H N N 33  
ARG HD3  H N N 34  
ARG HE   H N N 35  
ARG HH11 H N N 36  
ARG HH12 H N N 37  
ARG HH21 H N N 38  
ARG HH22 H N N 39  
ARG HXT  H N N 40  
ASP N    N N N 41  
ASP CA   C N S 42  
ASP C    C N N 43  
ASP O    O N N 44  
ASP CB   C N N 45  
ASP CG   C N N 46  
ASP OD1  O N N 47  
ASP OD2  O N N 48  
ASP OXT  O N N 49  
ASP H    H N N 50  
ASP H2   H N N 51  
ASP HA   H N N 52  
ASP HB2  H N N 53  
ASP HB3  H N N 54  
ASP HD2  H N N 55  
ASP HXT  H N N 56  
CME N    N N N 57  
CME CA   C N R 58  
CME CB   C N N 59  
CME SG   S N N 60  
CME SD   S N N 61  
CME CE   C N N 62  
CME CZ   C N N 63  
CME OH   O N N 64  
CME C    C N N 65  
CME O    O N N 66  
CME OXT  O N N 67  
CME H    H N N 68  
CME H2   H N N 69  
CME HA   H N N 70  
CME HB2  H N N 71  
CME HB3  H N N 72  
CME HE2  H N N 73  
CME HE3  H N N 74  
CME HZ2  H N N 75  
CME HZ3  H N N 76  
CME HH   H N N 77  
CME HXT  H N N 78  
GLN N    N N N 79  
GLN CA   C N S 80  
GLN C    C N N 81  
GLN O    O N N 82  
GLN CB   C N N 83  
GLN CG   C N N 84  
GLN CD   C N N 85  
GLN OE1  O N N 86  
GLN NE2  N N N 87  
GLN OXT  O N N 88  
GLN H    H N N 89  
GLN H2   H N N 90  
GLN HA   H N N 91  
GLN HB2  H N N 92  
GLN HB3  H N N 93  
GLN HG2  H N N 94  
GLN HG3  H N N 95  
GLN HE21 H N N 96  
GLN HE22 H N N 97  
GLN HXT  H N N 98  
GLU N    N N N 99  
GLU CA   C N S 100 
GLU C    C N N 101 
GLU O    O N N 102 
GLU CB   C N N 103 
GLU CG   C N N 104 
GLU CD   C N N 105 
GLU OE1  O N N 106 
GLU OE2  O N N 107 
GLU OXT  O N N 108 
GLU H    H N N 109 
GLU H2   H N N 110 
GLU HA   H N N 111 
GLU HB2  H N N 112 
GLU HB3  H N N 113 
GLU HG2  H N N 114 
GLU HG3  H N N 115 
GLU HE2  H N N 116 
GLU HXT  H N N 117 
GLY N    N N N 118 
GLY CA   C N N 119 
GLY C    C N N 120 
GLY O    O N N 121 
GLY OXT  O N N 122 
GLY H    H N N 123 
GLY H2   H N N 124 
GLY HA2  H N N 125 
GLY HA3  H N N 126 
GLY HXT  H N N 127 
HIS N    N N N 128 
HIS CA   C N S 129 
HIS C    C N N 130 
HIS O    O N N 131 
HIS CB   C N N 132 
HIS CG   C Y N 133 
HIS ND1  N Y N 134 
HIS CD2  C Y N 135 
HIS CE1  C Y N 136 
HIS NE2  N Y N 137 
HIS OXT  O N N 138 
HIS H    H N N 139 
HIS H2   H N N 140 
HIS HA   H N N 141 
HIS HB2  H N N 142 
HIS HB3  H N N 143 
HIS HD1  H N N 144 
HIS HD2  H N N 145 
HIS HE1  H N N 146 
HIS HE2  H N N 147 
HIS HXT  H N N 148 
HOH O    O N N 149 
HOH H1   H N N 150 
HOH H2   H N N 151 
ILE N    N N N 152 
ILE CA   C N S 153 
ILE C    C N N 154 
ILE O    O N N 155 
ILE CB   C N S 156 
ILE CG1  C N N 157 
ILE CG2  C N N 158 
ILE CD1  C N N 159 
ILE OXT  O N N 160 
ILE H    H N N 161 
ILE H2   H N N 162 
ILE HA   H N N 163 
ILE HB   H N N 164 
ILE HG12 H N N 165 
ILE HG13 H N N 166 
ILE HG21 H N N 167 
ILE HG22 H N N 168 
ILE HG23 H N N 169 
ILE HD11 H N N 170 
ILE HD12 H N N 171 
ILE HD13 H N N 172 
ILE HXT  H N N 173 
LEU N    N N N 174 
LEU CA   C N S 175 
LEU C    C N N 176 
LEU O    O N N 177 
LEU CB   C N N 178 
LEU CG   C N N 179 
LEU CD1  C N N 180 
LEU CD2  C N N 181 
LEU OXT  O N N 182 
LEU H    H N N 183 
LEU H2   H N N 184 
LEU HA   H N N 185 
LEU HB2  H N N 186 
LEU HB3  H N N 187 
LEU HG   H N N 188 
LEU HD11 H N N 189 
LEU HD12 H N N 190 
LEU HD13 H N N 191 
LEU HD21 H N N 192 
LEU HD22 H N N 193 
LEU HD23 H N N 194 
LEU HXT  H N N 195 
LYS N    N N N 196 
LYS CA   C N S 197 
LYS C    C N N 198 
LYS O    O N N 199 
LYS CB   C N N 200 
LYS CG   C N N 201 
LYS CD   C N N 202 
LYS CE   C N N 203 
LYS NZ   N N N 204 
LYS OXT  O N N 205 
LYS H    H N N 206 
LYS H2   H N N 207 
LYS HA   H N N 208 
LYS HB2  H N N 209 
LYS HB3  H N N 210 
LYS HG2  H N N 211 
LYS HG3  H N N 212 
LYS HD2  H N N 213 
LYS HD3  H N N 214 
LYS HE2  H N N 215 
LYS HE3  H N N 216 
LYS HZ1  H N N 217 
LYS HZ2  H N N 218 
LYS HZ3  H N N 219 
LYS HXT  H N N 220 
MET N    N N N 221 
MET CA   C N S 222 
MET C    C N N 223 
MET O    O N N 224 
MET CB   C N N 225 
MET CG   C N N 226 
MET SD   S N N 227 
MET CE   C N N 228 
MET OXT  O N N 229 
MET H    H N N 230 
MET H2   H N N 231 
MET HA   H N N 232 
MET HB2  H N N 233 
MET HB3  H N N 234 
MET HG2  H N N 235 
MET HG3  H N N 236 
MET HE1  H N N 237 
MET HE2  H N N 238 
MET HE3  H N N 239 
MET HXT  H N N 240 
PHE N    N N N 241 
PHE CA   C N S 242 
PHE C    C N N 243 
PHE O    O N N 244 
PHE CB   C N N 245 
PHE CG   C Y N 246 
PHE CD1  C Y N 247 
PHE CD2  C Y N 248 
PHE CE1  C Y N 249 
PHE CE2  C Y N 250 
PHE CZ   C Y N 251 
PHE OXT  O N N 252 
PHE H    H N N 253 
PHE H2   H N N 254 
PHE HA   H N N 255 
PHE HB2  H N N 256 
PHE HB3  H N N 257 
PHE HD1  H N N 258 
PHE HD2  H N N 259 
PHE HE1  H N N 260 
PHE HE2  H N N 261 
PHE HZ   H N N 262 
PHE HXT  H N N 263 
PRO N    N N N 264 
PRO CA   C N S 265 
PRO C    C N N 266 
PRO O    O N N 267 
PRO CB   C N N 268 
PRO CG   C N N 269 
PRO CD   C N N 270 
PRO OXT  O N N 271 
PRO H    H N N 272 
PRO HA   H N N 273 
PRO HB2  H N N 274 
PRO HB3  H N N 275 
PRO HG2  H N N 276 
PRO HG3  H N N 277 
PRO HD2  H N N 278 
PRO HD3  H N N 279 
PRO HXT  H N N 280 
SER N    N N N 281 
SER CA   C N S 282 
SER C    C N N 283 
SER O    O N N 284 
SER CB   C N N 285 
SER OG   O N N 286 
SER OXT  O N N 287 
SER H    H N N 288 
SER H2   H N N 289 
SER HA   H N N 290 
SER HB2  H N N 291 
SER HB3  H N N 292 
SER HG   H N N 293 
SER HXT  H N N 294 
SO4 S    S N N 295 
SO4 O1   O N N 296 
SO4 O2   O N N 297 
SO4 O3   O N N 298 
SO4 O4   O N N 299 
THR N    N N N 300 
THR CA   C N S 301 
THR C    C N N 302 
THR O    O N N 303 
THR CB   C N R 304 
THR OG1  O N N 305 
THR CG2  C N N 306 
THR OXT  O N N 307 
THR H    H N N 308 
THR H2   H N N 309 
THR HA   H N N 310 
THR HB   H N N 311 
THR HG1  H N N 312 
THR HG21 H N N 313 
THR HG22 H N N 314 
THR HG23 H N N 315 
THR HXT  H N N 316 
TYR N    N N N 317 
TYR CA   C N S 318 
TYR C    C N N 319 
TYR O    O N N 320 
TYR CB   C N N 321 
TYR CG   C Y N 322 
TYR CD1  C Y N 323 
TYR CD2  C Y N 324 
TYR CE1  C Y N 325 
TYR CE2  C Y N 326 
TYR CZ   C Y N 327 
TYR OH   O N N 328 
TYR OXT  O N N 329 
TYR H    H N N 330 
TYR H2   H N N 331 
TYR HA   H N N 332 
TYR HB2  H N N 333 
TYR HB3  H N N 334 
TYR HD1  H N N 335 
TYR HD2  H N N 336 
TYR HE1  H N N 337 
TYR HE2  H N N 338 
TYR HH   H N N 339 
TYR HXT  H N N 340 
VAL N    N N N 341 
VAL CA   C N S 342 
VAL C    C N N 343 
VAL O    O N N 344 
VAL CB   C N N 345 
VAL CG1  C N N 346 
VAL CG2  C N N 347 
VAL OXT  O N N 348 
VAL H    H N N 349 
VAL H2   H N N 350 
VAL HA   H N N 351 
VAL HB   H N N 352 
VAL HG11 H N N 353 
VAL HG12 H N N 354 
VAL HG13 H N N 355 
VAL HG21 H N N 356 
VAL HG22 H N N 357 
VAL HG23 H N N 358 
VAL HXT  H N N 359 
# 
loop_
_chem_comp_bond.comp_id 
_chem_comp_bond.atom_id_1 
_chem_comp_bond.atom_id_2 
_chem_comp_bond.value_order 
_chem_comp_bond.pdbx_aromatic_flag 
_chem_comp_bond.pdbx_stereo_config 
_chem_comp_bond.pdbx_ordinal 
ALA N   CA   sing N N 1   
ALA N   H    sing N N 2   
ALA N   H2   sing N N 3   
ALA CA  C    sing N N 4   
ALA CA  CB   sing N N 5   
ALA CA  HA   sing N N 6   
ALA C   O    doub N N 7   
ALA C   OXT  sing N N 8   
ALA CB  HB1  sing N N 9   
ALA CB  HB2  sing N N 10  
ALA CB  HB3  sing N N 11  
ALA OXT HXT  sing N N 12  
ARG N   CA   sing N N 13  
ARG N   H    sing N N 14  
ARG N   H2   sing N N 15  
ARG CA  C    sing N N 16  
ARG CA  CB   sing N N 17  
ARG CA  HA   sing N N 18  
ARG C   O    doub N N 19  
ARG C   OXT  sing N N 20  
ARG CB  CG   sing N N 21  
ARG CB  HB2  sing N N 22  
ARG CB  HB3  sing N N 23  
ARG CG  CD   sing N N 24  
ARG CG  HG2  sing N N 25  
ARG CG  HG3  sing N N 26  
ARG CD  NE   sing N N 27  
ARG CD  HD2  sing N N 28  
ARG CD  HD3  sing N N 29  
ARG NE  CZ   sing N N 30  
ARG NE  HE   sing N N 31  
ARG CZ  NH1  sing N N 32  
ARG CZ  NH2  doub N N 33  
ARG NH1 HH11 sing N N 34  
ARG NH1 HH12 sing N N 35  
ARG NH2 HH21 sing N N 36  
ARG NH2 HH22 sing N N 37  
ARG OXT HXT  sing N N 38  
ASP N   CA   sing N N 39  
ASP N   H    sing N N 40  
ASP N   H2   sing N N 41  
ASP CA  C    sing N N 42  
ASP CA  CB   sing N N 43  
ASP CA  HA   sing N N 44  
ASP C   O    doub N N 45  
ASP C   OXT  sing N N 46  
ASP CB  CG   sing N N 47  
ASP CB  HB2  sing N N 48  
ASP CB  HB3  sing N N 49  
ASP CG  OD1  doub N N 50  
ASP CG  OD2  sing N N 51  
ASP OD2 HD2  sing N N 52  
ASP OXT HXT  sing N N 53  
CME N   CA   sing N N 54  
CME N   H    sing N N 55  
CME N   H2   sing N N 56  
CME CA  CB   sing N N 57  
CME CA  C    sing N N 58  
CME CA  HA   sing N N 59  
CME CB  SG   sing N N 60  
CME CB  HB2  sing N N 61  
CME CB  HB3  sing N N 62  
CME SG  SD   sing N N 63  
CME SD  CE   sing N N 64  
CME CE  CZ   sing N N 65  
CME CE  HE2  sing N N 66  
CME CE  HE3  sing N N 67  
CME CZ  OH   sing N N 68  
CME CZ  HZ2  sing N N 69  
CME CZ  HZ3  sing N N 70  
CME OH  HH   sing N N 71  
CME C   O    doub N N 72  
CME C   OXT  sing N N 73  
CME OXT HXT  sing N N 74  
GLN N   CA   sing N N 75  
GLN N   H    sing N N 76  
GLN N   H2   sing N N 77  
GLN CA  C    sing N N 78  
GLN CA  CB   sing N N 79  
GLN CA  HA   sing N N 80  
GLN C   O    doub N N 81  
GLN C   OXT  sing N N 82  
GLN CB  CG   sing N N 83  
GLN CB  HB2  sing N N 84  
GLN CB  HB3  sing N N 85  
GLN CG  CD   sing N N 86  
GLN CG  HG2  sing N N 87  
GLN CG  HG3  sing N N 88  
GLN CD  OE1  doub N N 89  
GLN CD  NE2  sing N N 90  
GLN NE2 HE21 sing N N 91  
GLN NE2 HE22 sing N N 92  
GLN OXT HXT  sing N N 93  
GLU N   CA   sing N N 94  
GLU N   H    sing N N 95  
GLU N   H2   sing N N 96  
GLU CA  C    sing N N 97  
GLU CA  CB   sing N N 98  
GLU CA  HA   sing N N 99  
GLU C   O    doub N N 100 
GLU C   OXT  sing N N 101 
GLU CB  CG   sing N N 102 
GLU CB  HB2  sing N N 103 
GLU CB  HB3  sing N N 104 
GLU CG  CD   sing N N 105 
GLU CG  HG2  sing N N 106 
GLU CG  HG3  sing N N 107 
GLU CD  OE1  doub N N 108 
GLU CD  OE2  sing N N 109 
GLU OE2 HE2  sing N N 110 
GLU OXT HXT  sing N N 111 
GLY N   CA   sing N N 112 
GLY N   H    sing N N 113 
GLY N   H2   sing N N 114 
GLY CA  C    sing N N 115 
GLY CA  HA2  sing N N 116 
GLY CA  HA3  sing N N 117 
GLY C   O    doub N N 118 
GLY C   OXT  sing N N 119 
GLY OXT HXT  sing N N 120 
HIS N   CA   sing N N 121 
HIS N   H    sing N N 122 
HIS N   H2   sing N N 123 
HIS CA  C    sing N N 124 
HIS CA  CB   sing N N 125 
HIS CA  HA   sing N N 126 
HIS C   O    doub N N 127 
HIS C   OXT  sing N N 128 
HIS CB  CG   sing N N 129 
HIS CB  HB2  sing N N 130 
HIS CB  HB3  sing N N 131 
HIS CG  ND1  sing Y N 132 
HIS CG  CD2  doub Y N 133 
HIS ND1 CE1  doub Y N 134 
HIS ND1 HD1  sing N N 135 
HIS CD2 NE2  sing Y N 136 
HIS CD2 HD2  sing N N 137 
HIS CE1 NE2  sing Y N 138 
HIS CE1 HE1  sing N N 139 
HIS NE2 HE2  sing N N 140 
HIS OXT HXT  sing N N 141 
HOH O   H1   sing N N 142 
HOH O   H2   sing N N 143 
ILE N   CA   sing N N 144 
ILE N   H    sing N N 145 
ILE N   H2   sing N N 146 
ILE CA  C    sing N N 147 
ILE CA  CB   sing N N 148 
ILE CA  HA   sing N N 149 
ILE C   O    doub N N 150 
ILE C   OXT  sing N N 151 
ILE CB  CG1  sing N N 152 
ILE CB  CG2  sing N N 153 
ILE CB  HB   sing N N 154 
ILE CG1 CD1  sing N N 155 
ILE CG1 HG12 sing N N 156 
ILE CG1 HG13 sing N N 157 
ILE CG2 HG21 sing N N 158 
ILE CG2 HG22 sing N N 159 
ILE CG2 HG23 sing N N 160 
ILE CD1 HD11 sing N N 161 
ILE CD1 HD12 sing N N 162 
ILE CD1 HD13 sing N N 163 
ILE OXT HXT  sing N N 164 
LEU N   CA   sing N N 165 
LEU N   H    sing N N 166 
LEU N   H2   sing N N 167 
LEU CA  C    sing N N 168 
LEU CA  CB   sing N N 169 
LEU CA  HA   sing N N 170 
LEU C   O    doub N N 171 
LEU C   OXT  sing N N 172 
LEU CB  CG   sing N N 173 
LEU CB  HB2  sing N N 174 
LEU CB  HB3  sing N N 175 
LEU CG  CD1  sing N N 176 
LEU CG  CD2  sing N N 177 
LEU CG  HG   sing N N 178 
LEU CD1 HD11 sing N N 179 
LEU CD1 HD12 sing N N 180 
LEU CD1 HD13 sing N N 181 
LEU CD2 HD21 sing N N 182 
LEU CD2 HD22 sing N N 183 
LEU CD2 HD23 sing N N 184 
LEU OXT HXT  sing N N 185 
LYS N   CA   sing N N 186 
LYS N   H    sing N N 187 
LYS N   H2   sing N N 188 
LYS CA  C    sing N N 189 
LYS CA  CB   sing N N 190 
LYS CA  HA   sing N N 191 
LYS C   O    doub N N 192 
LYS C   OXT  sing N N 193 
LYS CB  CG   sing N N 194 
LYS CB  HB2  sing N N 195 
LYS CB  HB3  sing N N 196 
LYS CG  CD   sing N N 197 
LYS CG  HG2  sing N N 198 
LYS CG  HG3  sing N N 199 
LYS CD  CE   sing N N 200 
LYS CD  HD2  sing N N 201 
LYS CD  HD3  sing N N 202 
LYS CE  NZ   sing N N 203 
LYS CE  HE2  sing N N 204 
LYS CE  HE3  sing N N 205 
LYS NZ  HZ1  sing N N 206 
LYS NZ  HZ2  sing N N 207 
LYS NZ  HZ3  sing N N 208 
LYS OXT HXT  sing N N 209 
MET N   CA   sing N N 210 
MET N   H    sing N N 211 
MET N   H2   sing N N 212 
MET CA  C    sing N N 213 
MET CA  CB   sing N N 214 
MET CA  HA   sing N N 215 
MET C   O    doub N N 216 
MET C   OXT  sing N N 217 
MET CB  CG   sing N N 218 
MET CB  HB2  sing N N 219 
MET CB  HB3  sing N N 220 
MET CG  SD   sing N N 221 
MET CG  HG2  sing N N 222 
MET CG  HG3  sing N N 223 
MET SD  CE   sing N N 224 
MET CE  HE1  sing N N 225 
MET CE  HE2  sing N N 226 
MET CE  HE3  sing N N 227 
MET OXT HXT  sing N N 228 
PHE N   CA   sing N N 229 
PHE N   H    sing N N 230 
PHE N   H2   sing N N 231 
PHE CA  C    sing N N 232 
PHE CA  CB   sing N N 233 
PHE CA  HA   sing N N 234 
PHE C   O    doub N N 235 
PHE C   OXT  sing N N 236 
PHE CB  CG   sing N N 237 
PHE CB  HB2  sing N N 238 
PHE CB  HB3  sing N N 239 
PHE CG  CD1  doub Y N 240 
PHE CG  CD2  sing Y N 241 
PHE CD1 CE1  sing Y N 242 
PHE CD1 HD1  sing N N 243 
PHE CD2 CE2  doub Y N 244 
PHE CD2 HD2  sing N N 245 
PHE CE1 CZ   doub Y N 246 
PHE CE1 HE1  sing N N 247 
PHE CE2 CZ   sing Y N 248 
PHE CE2 HE2  sing N N 249 
PHE CZ  HZ   sing N N 250 
PHE OXT HXT  sing N N 251 
PRO N   CA   sing N N 252 
PRO N   CD   sing N N 253 
PRO N   H    sing N N 254 
PRO CA  C    sing N N 255 
PRO CA  CB   sing N N 256 
PRO CA  HA   sing N N 257 
PRO C   O    doub N N 258 
PRO C   OXT  sing N N 259 
PRO CB  CG   sing N N 260 
PRO CB  HB2  sing N N 261 
PRO CB  HB3  sing N N 262 
PRO CG  CD   sing N N 263 
PRO CG  HG2  sing N N 264 
PRO CG  HG3  sing N N 265 
PRO CD  HD2  sing N N 266 
PRO CD  HD3  sing N N 267 
PRO OXT HXT  sing N N 268 
SER N   CA   sing N N 269 
SER N   H    sing N N 270 
SER N   H2   sing N N 271 
SER CA  C    sing N N 272 
SER CA  CB   sing N N 273 
SER CA  HA   sing N N 274 
SER C   O    doub N N 275 
SER C   OXT  sing N N 276 
SER CB  OG   sing N N 277 
SER CB  HB2  sing N N 278 
SER CB  HB3  sing N N 279 
SER OG  HG   sing N N 280 
SER OXT HXT  sing N N 281 
SO4 S   O1   doub N N 282 
SO4 S   O2   doub N N 283 
SO4 S   O3   sing N N 284 
SO4 S   O4   sing N N 285 
THR N   CA   sing N N 286 
THR N   H    sing N N 287 
THR N   H2   sing N N 288 
THR CA  C    sing N N 289 
THR CA  CB   sing N N 290 
THR CA  HA   sing N N 291 
THR C   O    doub N N 292 
THR C   OXT  sing N N 293 
THR CB  OG1  sing N N 294 
THR CB  CG2  sing N N 295 
THR CB  HB   sing N N 296 
THR OG1 HG1  sing N N 297 
THR CG2 HG21 sing N N 298 
THR CG2 HG22 sing N N 299 
THR CG2 HG23 sing N N 300 
THR OXT HXT  sing N N 301 
TYR N   CA   sing N N 302 
TYR N   H    sing N N 303 
TYR N   H2   sing N N 304 
TYR CA  C    sing N N 305 
TYR CA  CB   sing N N 306 
TYR CA  HA   sing N N 307 
TYR C   O    doub N N 308 
TYR C   OXT  sing N N 309 
TYR CB  CG   sing N N 310 
TYR CB  HB2  sing N N 311 
TYR CB  HB3  sing N N 312 
TYR CG  CD1  doub Y N 313 
TYR CG  CD2  sing Y N 314 
TYR CD1 CE1  sing Y N 315 
TYR CD1 HD1  sing N N 316 
TYR CD2 CE2  doub Y N 317 
TYR CD2 HD2  sing N N 318 
TYR CE1 CZ   doub Y N 319 
TYR CE1 HE1  sing N N 320 
TYR CE2 CZ   sing Y N 321 
TYR CE2 HE2  sing N N 322 
TYR CZ  OH   sing N N 323 
TYR OH  HH   sing N N 324 
TYR OXT HXT  sing N N 325 
VAL N   CA   sing N N 326 
VAL N   H    sing N N 327 
VAL N   H2   sing N N 328 
VAL CA  C    sing N N 329 
VAL CA  CB   sing N N 330 
VAL CA  HA   sing N N 331 
VAL C   O    doub N N 332 
VAL C   OXT  sing N N 333 
VAL CB  CG1  sing N N 334 
VAL CB  CG2  sing N N 335 
VAL CB  HB   sing N N 336 
VAL CG1 HG11 sing N N 337 
VAL CG1 HG12 sing N N 338 
VAL CG1 HG13 sing N N 339 
VAL CG2 HG21 sing N N 340 
VAL CG2 HG22 sing N N 341 
VAL CG2 HG23 sing N N 342 
VAL OXT HXT  sing N N 343 
# 
_atom_sites.entry_id                    2EF8 
_atom_sites.fract_transf_matrix[1][1]   -0.00278589 
_atom_sites.fract_transf_matrix[1][2]   -0.00849595 
_atom_sites.fract_transf_matrix[1][3]   -0.01685199 
_atom_sites.fract_transf_matrix[2][1]   0.00882626 
_atom_sites.fract_transf_matrix[2][2]   -0.01409084 
_atom_sites.fract_transf_matrix[2][3]   0.00564480 
_atom_sites.fract_transf_matrix[3][1]   -0.01379994 
_atom_sites.fract_transf_matrix[3][2]   -0.00643126 
_atom_sites.fract_transf_matrix[3][3]   0.00552367 
_atom_sites.fract_transf_vector[1]      0.384354 
_atom_sites.fract_transf_vector[2]      -0.100230 
_atom_sites.fract_transf_vector[3]      0.426647 
# 
loop_
_atom_type.symbol 
C 
N 
O 
S 
# 
loop_
_atom_site.group_PDB 
_atom_site.id 
_atom_site.type_symbol 
_atom_site.label_atom_id 
_atom_site.label_alt_id 
_atom_site.label_comp_id 
_atom_site.label_asym_id 
_atom_site.label_entity_id 
_atom_site.label_seq_id 
_atom_site.pdbx_PDB_ins_code 
_atom_site.Cartn_x 
_atom_site.Cartn_y 
_atom_site.Cartn_z 
_atom_site.occupancy 
_atom_site.B_iso_or_equiv 
_atom_site.pdbx_formal_charge 
_atom_site.auth_seq_id 
_atom_site.auth_comp_id 
_atom_site.auth_asym_id 
_atom_site.auth_atom_id 
_atom_site.pdbx_PDB_model_num 
ATOM   1    N N   . PRO A 1 1  ? 9.497   -13.664 -11.970 1.00 44.23 ? 5   PRO A N   1 
ATOM   2    C CA  . PRO A 1 1  ? 10.373  -13.864 -10.799 1.00 43.58 ? 5   PRO A CA  1 
ATOM   3    C C   . PRO A 1 1  ? 9.572   -13.796 -9.505  1.00 43.14 ? 5   PRO A C   1 
ATOM   4    O O   . PRO A 1 1  ? 8.627   -13.016 -9.380  1.00 44.36 ? 5   PRO A O   1 
ATOM   5    C CB  . PRO A 1 1  ? 11.426  -12.763 -10.839 1.00 43.62 ? 5   PRO A CB  1 
ATOM   6    C CG  . PRO A 1 1  ? 11.454  -12.426 -12.325 1.00 44.17 ? 5   PRO A CG  1 
ATOM   7    C CD  . PRO A 1 1  ? 9.985   -12.522 -12.761 1.00 44.38 ? 5   PRO A CD  1 
ATOM   8    N N   . THR A 1 2  ? 9.959   -14.627 -8.547  1.00 42.44 ? 6   THR A N   1 
ATOM   9    C CA  . THR A 1 2  ? 9.305   -14.678 -7.249  1.00 41.42 ? 6   THR A CA  1 
ATOM   10   C C   . THR A 1 2  ? 9.733   -13.511 -6.353  1.00 40.39 ? 6   THR A C   1 
ATOM   11   O O   . THR A 1 2  ? 10.914  -13.147 -6.318  1.00 40.04 ? 6   THR A O   1 
ATOM   12   C CB  . THR A 1 2  ? 9.642   -16.002 -6.544  1.00 41.72 ? 6   THR A CB  1 
ATOM   13   O OG1 . THR A 1 2  ? 8.955   -17.072 -7.201  1.00 43.06 ? 6   THR A OG1 1 
ATOM   14   C CG2 . THR A 1 2  ? 9.243   -15.958 -5.079  1.00 42.68 ? 6   THR A CG2 1 
ATOM   15   N N   . ILE A 1 3  ? 8.771   -12.923 -5.642  1.00 37.59 ? 7   ILE A N   1 
ATOM   16   C CA  . ILE A 1 3  ? 9.054   -11.817 -4.728  1.00 36.91 ? 7   ILE A CA  1 
ATOM   17   C C   . ILE A 1 3  ? 9.528   -12.444 -3.416  1.00 35.63 ? 7   ILE A C   1 
ATOM   18   O O   . ILE A 1 3  ? 8.812   -13.250 -2.820  1.00 34.66 ? 7   ILE A O   1 
ATOM   19   C CB  . ILE A 1 3  ? 7.794   -10.979 -4.437  1.00 36.30 ? 7   ILE A CB  1 
ATOM   20   C CG1 . ILE A 1 3  ? 7.216   -10.420 -5.742  1.00 36.35 ? 7   ILE A CG1 1 
ATOM   21   C CG2 . ILE A 1 3  ? 8.146   -9.861  -3.480  1.00 36.79 ? 7   ILE A CG2 1 
ATOM   22   C CD1 . ILE A 1 3  ? 5.794   -9.873  -5.596  1.00 33.57 ? 7   ILE A CD1 1 
ATOM   23   N N   . HIS A 1 4  ? 10.713  -12.059 -2.955  1.00 34.96 ? 8   HIS A N   1 
ATOM   24   C CA  . HIS A 1 4  ? 11.279  -12.658 -1.747  1.00 35.68 ? 8   HIS A CA  1 
ATOM   25   C C   . HIS A 1 4  ? 11.206  -11.910 -0.410  1.00 35.62 ? 8   HIS A C   1 
ATOM   26   O O   . HIS A 1 4  ? 11.350  -12.537 0.641   1.00 36.94 ? 8   HIS A O   1 
ATOM   27   C CB  . HIS A 1 4  ? 12.740  -13.031 -2.019  1.00 34.46 ? 8   HIS A CB  1 
ATOM   28   C CG  . HIS A 1 4  ? 12.929  -13.874 -3.243  1.00 34.44 ? 8   HIS A CG  1 
ATOM   29   N ND1 . HIS A 1 4  ? 12.552  -15.200 -3.303  1.00 33.50 ? 8   HIS A ND1 1 
ATOM   30   C CD2 . HIS A 1 4  ? 13.420  -13.566 -4.469  1.00 33.59 ? 8   HIS A CD2 1 
ATOM   31   C CE1 . HIS A 1 4  ? 12.801  -15.671 -4.513  1.00 33.00 ? 8   HIS A CE1 1 
ATOM   32   N NE2 . HIS A 1 4  ? 13.326  -14.700 -5.240  1.00 34.11 ? 8   HIS A NE2 1 
ATOM   33   N N   . ASP A 1 5  ? 10.990  -10.599 -0.420  1.00 35.11 ? 9   ASP A N   1 
ATOM   34   C CA  . ASP A 1 5  ? 10.961  -9.869  0.854   1.00 34.81 ? 9   ASP A CA  1 
ATOM   35   C C   . ASP A 1 5  ? 10.009  -10.431 1.907   1.00 32.99 ? 9   ASP A C   1 
ATOM   36   O O   . ASP A 1 5  ? 8.797   -10.484 1.700   1.00 31.32 ? 9   ASP A O   1 
ATOM   37   C CB  . ASP A 1 5  ? 10.625  -8.400  0.662   1.00 36.94 ? 9   ASP A CB  1 
ATOM   38   C CG  . ASP A 1 5  ? 10.569  -7.672  1.984   1.00 39.35 ? 9   ASP A CG  1 
ATOM   39   O OD1 . ASP A 1 5  ? 9.576   -6.968  2.248   1.00 39.48 ? 9   ASP A OD1 1 
ATOM   40   O OD2 . ASP A 1 5  ? 11.530  -7.836  2.768   1.00 41.10 ? 9   ASP A OD2 1 
ATOM   41   N N   . HIS A 1 6  ? 10.571  -10.802 3.055   1.00 31.60 ? 10  HIS A N   1 
ATOM   42   C CA  . HIS A 1 6  ? 9.819   -11.392 4.161   1.00 31.11 ? 10  HIS A CA  1 
ATOM   43   C C   . HIS A 1 6  ? 8.635   -10.591 4.707   1.00 29.40 ? 10  HIS A C   1 
ATOM   44   O O   . HIS A 1 6  ? 7.534   -11.128 4.860   1.00 26.69 ? 10  HIS A O   1 
ATOM   45   C CB  . HIS A 1 6  ? 10.769  -11.697 5.325   1.00 34.36 ? 10  HIS A CB  1 
ATOM   46   C CG  . HIS A 1 6  ? 10.096  -12.357 6.488   1.00 36.52 ? 10  HIS A CG  1 
ATOM   47   N ND1 . HIS A 1 6  ? 9.533   -13.613 6.407   1.00 38.14 ? 10  HIS A ND1 1 
ATOM   48   C CD2 . HIS A 1 6  ? 9.877   -11.930 7.754   1.00 36.93 ? 10  HIS A CD2 1 
ATOM   49   C CE1 . HIS A 1 6  ? 8.996   -13.931 7.571   1.00 37.49 ? 10  HIS A CE1 1 
ATOM   50   N NE2 . HIS A 1 6  ? 9.191   -12.927 8.406   1.00 38.61 ? 10  HIS A NE2 1 
ATOM   51   N N   . ARG A 1 7  ? 8.871   -9.326  5.048   1.00 27.26 ? 11  ARG A N   1 
ATOM   52   C CA  . ARG A 1 7  ? 7.802   -8.493  5.587   1.00 25.31 ? 11  ARG A CA  1 
ATOM   53   C C   . ARG A 1 7  ? 6.698   -8.342  4.545   1.00 23.14 ? 11  ARG A C   1 
ATOM   54   O O   . ARG A 1 7  ? 5.523   -8.384  4.884   1.00 22.09 ? 11  ARG A O   1 
ATOM   55   C CB  . ARG A 1 7  ? 8.329   -7.113  5.993   1.00 27.44 ? 11  ARG A CB  1 
ATOM   56   C CG  . ARG A 1 7  ? 9.337   -7.158  7.134   1.00 32.34 ? 11  ARG A CG  1 
ATOM   57   C CD  . ARG A 1 7  ? 9.323   -5.885  7.952   1.00 34.06 ? 11  ARG A CD  1 
ATOM   58   N NE  . ARG A 1 7  ? 9.787   -4.713  7.216   1.00 38.57 ? 11  ARG A NE  1 
ATOM   59   C CZ  . ARG A 1 7  ? 9.656   -3.463  7.660   1.00 41.25 ? 11  ARG A CZ  1 
ATOM   60   N NH1 . ARG A 1 7  ? 10.109  -2.450  6.941   1.00 41.03 ? 11  ARG A NH1 1 
ATOM   61   N NH2 . ARG A 1 7  ? 9.058   -3.224  8.826   1.00 41.99 ? 11  ARG A NH2 1 
ATOM   62   N N   . TYR A 1 8  ? 7.087   -8.186  3.282   1.00 20.62 ? 12  TYR A N   1 
ATOM   63   C CA  . TYR A 1 8  ? 6.109   -8.038  2.211   1.00 19.76 ? 12  TYR A CA  1 
ATOM   64   C C   . TYR A 1 8  ? 5.275   -9.316  2.102   1.00 20.30 ? 12  TYR A C   1 
ATOM   65   O O   . TYR A 1 8  ? 4.042   -9.261  2.077   1.00 17.99 ? 12  TYR A O   1 
ATOM   66   C CB  . TYR A 1 8  ? 6.796   -7.719  0.878   1.00 17.56 ? 12  TYR A CB  1 
ATOM   67   C CG  . TYR A 1 8  ? 5.852   -7.777  -0.305  1.00 19.44 ? 12  TYR A CG  1 
ATOM   68   C CD1 . TYR A 1 8  ? 5.667   -8.968  -1.016  1.00 17.51 ? 12  TYR A CD1 1 
ATOM   69   C CD2 . TYR A 1 8  ? 5.055   -6.674  -0.641  1.00 18.25 ? 12  TYR A CD2 1 
ATOM   70   C CE1 . TYR A 1 8  ? 4.705   -9.063  -2.022  1.00 18.51 ? 12  TYR A CE1 1 
ATOM   71   C CE2 . TYR A 1 8  ? 4.081   -6.762  -1.644  1.00 18.24 ? 12  TYR A CE2 1 
ATOM   72   C CZ  . TYR A 1 8  ? 3.910   -7.959  -2.322  1.00 17.12 ? 12  TYR A CZ  1 
ATOM   73   O OH  . TYR A 1 8  ? 2.902   -8.085  -3.239  1.00 15.72 ? 12  TYR A OH  1 
ATOM   74   N N   . ARG A 1 9  ? 5.945   -10.466 2.059   1.00 19.27 ? 13  ARG A N   1 
ATOM   75   C CA  . ARG A 1 9  ? 5.242   -11.742 1.980   1.00 21.41 ? 13  ARG A CA  1 
ATOM   76   C C   . ARG A 1 9  ? 4.277   -11.911 3.151   1.00 20.81 ? 13  ARG A C   1 
ATOM   77   O O   . ARG A 1 9  ? 3.145   -12.346 2.965   1.00 21.97 ? 13  ARG A O   1 
ATOM   78   C CB  . ARG A 1 9  ? 6.231   -12.915 1.971   1.00 20.93 ? 13  ARG A CB  1 
ATOM   79   C CG  . ARG A 1 9  ? 7.090   -13.032 0.739   1.00 25.95 ? 13  ARG A CG  1 
ATOM   80   C CD  . ARG A 1 9  ? 7.698   -14.437 0.687   1.00 29.02 ? 13  ARG A CD  1 
ATOM   81   N NE  . ARG A 1 9  ? 8.033   -14.827 -0.676  1.00 32.62 ? 13  ARG A NE  1 
ATOM   82   C CZ  . ARG A 1 9  ? 7.935   -16.070 -1.133  1.00 31.39 ? 13  ARG A CZ  1 
ATOM   83   N NH1 . ARG A 1 9  ? 7.510   -17.041 -0.333  1.00 33.26 ? 13  ARG A NH1 1 
ATOM   84   N NH2 . ARG A 1 9  ? 8.251   -16.341 -2.387  1.00 32.99 ? 13  ARG A NH2 1 
HETATM 85   N N   . CME A 1 10 ? 4.718   -11.578 4.363   1.00 21.53 ? 14  CME A N   1 
HETATM 86   C CA  . CME A 1 10 ? 3.845   -11.699 5.536   1.00 21.87 ? 14  CME A CA  1 
HETATM 87   C CB  . CME A 1 10 ? 4.613   -11.325 6.806   1.00 27.65 ? 14  CME A CB  1 
HETATM 88   S SG  . CME A 1 10 ? 5.928   -12.521 7.231   1.00 31.66 ? 14  CME A SG  1 
HETATM 89   S SD  . CME A 1 10 ? 4.903   -14.226 7.591   1.00 40.02 ? 14  CME A SD  1 
HETATM 90   C CE  . CME A 1 10 ? 4.883   -15.001 5.941   1.00 42.54 ? 14  CME A CE  1 
HETATM 91   C CZ  . CME A 1 10 ? 6.174   -15.719 5.586   1.00 44.99 ? 14  CME A CZ  1 
HETATM 92   O OH  . CME A 1 10 ? 6.066   -16.310 4.299   1.00 47.93 ? 14  CME A OH  1 
HETATM 93   C C   . CME A 1 10 ? 2.597   -10.811 5.410   1.00 19.52 ? 14  CME A C   1 
HETATM 94   O O   . CME A 1 10 ? 1.491   -11.197 5.795   1.00 19.60 ? 14  CME A O   1 
ATOM   95   N N   . LEU A 1 11 ? 2.780   -9.612  4.880   1.00 17.69 ? 15  LEU A N   1 
ATOM   96   C CA  . LEU A 1 11 ? 1.661   -8.697  4.704   1.00 15.61 ? 15  LEU A CA  1 
ATOM   97   C C   . LEU A 1 11 ? 0.647   -9.279  3.705   1.00 15.08 ? 15  LEU A C   1 
ATOM   98   O O   . LEU A 1 11 ? -0.567  -9.278  3.950   1.00 16.10 ? 15  LEU A O   1 
ATOM   99   C CB  . LEU A 1 11 ? 2.189   -7.346  4.200   1.00 15.07 ? 15  LEU A CB  1 
ATOM   100  C CG  . LEU A 1 11 ? 1.137   -6.310  3.784   1.00 14.60 ? 15  LEU A CG  1 
ATOM   101  C CD1 . LEU A 1 11 ? 0.151   -6.029  4.925   1.00 15.11 ? 15  LEU A CD1 1 
ATOM   102  C CD2 . LEU A 1 11 ? 1.873   -5.012  3.369   1.00 15.26 ? 15  LEU A CD2 1 
ATOM   103  N N   . VAL A 1 12 ? 1.132   -9.785  2.578   1.00 14.22 ? 16  VAL A N   1 
ATOM   104  C CA  . VAL A 1 12 ? 0.217   -10.355 1.597   1.00 15.00 ? 16  VAL A CA  1 
ATOM   105  C C   . VAL A 1 12 ? -0.521  -11.566 2.175   1.00 16.07 ? 16  VAL A C   1 
ATOM   106  O O   . VAL A 1 12 ? -1.715  -11.762 1.915   1.00 17.73 ? 16  VAL A O   1 
ATOM   107  C CB  . VAL A 1 12 ? 0.958   -10.748 0.293   1.00 16.29 ? 16  VAL A CB  1 
ATOM   108  C CG1 . VAL A 1 12 ? 0.010   -11.505 -0.655  1.00 14.05 ? 16  VAL A CG1 1 
ATOM   109  C CG2 . VAL A 1 12 ? 1.486   -9.490  -0.381  1.00 14.00 ? 16  VAL A CG2 1 
ATOM   110  N N   . GLN A 1 13 ? 0.175   -12.369 2.972   1.00 17.90 ? 17  GLN A N   1 
ATOM   111  C CA  . GLN A 1 13 ? -0.477  -13.531 3.564   1.00 18.36 ? 17  GLN A CA  1 
ATOM   112  C C   . GLN A 1 13 ? -1.639  -13.116 4.462   1.00 18.47 ? 17  GLN A C   1 
ATOM   113  O O   . GLN A 1 13 ? -2.693  -13.761 4.466   1.00 17.36 ? 17  GLN A O   1 
ATOM   114  C CB  . GLN A 1 13 ? 0.515   -14.362 4.369   1.00 22.59 ? 17  GLN A CB  1 
ATOM   115  C CG  . GLN A 1 13 ? 1.615   -14.996 3.546   1.00 28.09 ? 17  GLN A CG  1 
ATOM   116  C CD  . GLN A 1 13 ? 2.356   -16.055 4.337   1.00 32.62 ? 17  GLN A CD  1 
ATOM   117  O OE1 . GLN A 1 13 ? 2.490   -15.940 5.552   1.00 33.85 ? 17  GLN A OE1 1 
ATOM   118  N NE2 . GLN A 1 13 ? 2.842   -17.089 3.653   1.00 32.96 ? 17  GLN A NE2 1 
ATOM   119  N N   . LEU A 1 14 ? -1.432  -12.052 5.237   1.00 16.62 ? 18  LEU A N   1 
ATOM   120  C CA  . LEU A 1 14 ? -2.474  -11.534 6.122   1.00 18.45 ? 18  LEU A CA  1 
ATOM   121  C C   . LEU A 1 14 ? -3.661  -11.004 5.311   1.00 16.21 ? 18  LEU A C   1 
ATOM   122  O O   . LEU A 1 14 ? -4.817  -11.224 5.668   1.00 16.10 ? 18  LEU A O   1 
ATOM   123  C CB  . LEU A 1 14 ? -1.920  -10.401 7.008   1.00 21.10 ? 18  LEU A CB  1 
ATOM   124  C CG  . LEU A 1 14 ? -2.998  -9.491  7.624   1.00 24.53 ? 18  LEU A CG  1 
ATOM   125  C CD1 . LEU A 1 14 ? -3.942  -10.307 8.468   1.00 28.81 ? 18  LEU A CD1 1 
ATOM   126  C CD2 . LEU A 1 14 ? -2.359  -8.407  8.475   1.00 30.95 ? 18  LEU A CD2 1 
ATOM   127  N N   . LEU A 1 15 ? -3.365  -10.289 4.232   1.00 16.79 ? 19  LEU A N   1 
ATOM   128  C CA  . LEU A 1 15 ? -4.409  -9.728  3.378   1.00 14.11 ? 19  LEU A CA  1 
ATOM   129  C C   . LEU A 1 15 ? -5.193  -10.855 2.693   1.00 14.29 ? 19  LEU A C   1 
ATOM   130  O O   . LEU A 1 15 ? -6.395  -10.748 2.481   1.00 16.12 ? 19  LEU A O   1 
ATOM   131  C CB  . LEU A 1 15 ? -3.770  -8.794  2.335   1.00 14.64 ? 19  LEU A CB  1 
ATOM   132  C CG  . LEU A 1 15 ? -3.045  -7.553  2.880   1.00 13.08 ? 19  LEU A CG  1 
ATOM   133  C CD1 . LEU A 1 15 ? -2.502  -6.726  1.724   1.00 14.69 ? 19  LEU A CD1 1 
ATOM   134  C CD2 . LEU A 1 15 ? -4.017  -6.701  3.727   1.00 16.65 ? 19  LEU A CD2 1 
ATOM   135  N N   . THR A 1 16 ? -4.506  -11.940 2.360   1.00 13.61 ? 20  THR A N   1 
ATOM   136  C CA  . THR A 1 16 ? -5.161  -13.086 1.724   1.00 16.17 ? 20  THR A CA  1 
ATOM   137  C C   . THR A 1 16 ? -6.137  -13.667 2.736   1.00 16.27 ? 20  THR A C   1 
ATOM   138  O O   . THR A 1 16 ? -7.277  -14.002 2.401   1.00 16.83 ? 20  THR A O   1 
ATOM   139  C CB  . THR A 1 16 ? -4.128  -14.152 1.308   1.00 15.68 ? 20  THR A CB  1 
ATOM   140  O OG1 . THR A 1 16 ? -3.323  -13.634 0.238   1.00 15.16 ? 20  THR A OG1 1 
ATOM   141  C CG2 . THR A 1 16 ? -4.818  -15.445 0.851   1.00 15.42 ? 20  THR A CG2 1 
ATOM   142  N N   . LYS A 1 17 ? -5.685  -13.754 3.984   1.00 17.18 ? 21  LYS A N   1 
ATOM   143  C CA  . LYS A 1 17 ? -6.517  -14.262 5.070   1.00 18.11 ? 21  LYS A CA  1 
ATOM   144  C C   . LYS A 1 17 ? -7.737  -13.342 5.249   1.00 17.64 ? 21  LYS A C   1 
ATOM   145  O O   . LYS A 1 17 ? -8.841  -13.801 5.509   1.00 17.12 ? 21  LYS A O   1 
ATOM   146  C CB  A LYS A 1 17 ? -5.704  -14.286 6.367   0.18 18.14 ? 21  LYS A CB  1 
ATOM   147  C CB  B LYS A 1 17 ? -5.715  -14.322 6.375   0.53 17.40 ? 21  LYS A CB  1 
ATOM   148  C CG  A LYS A 1 17 ? -5.868  -15.541 7.199   0.18 19.48 ? 21  LYS A CG  1 
ATOM   149  C CG  B LYS A 1 17 ? -6.437  -15.039 7.511   0.53 19.36 ? 21  LYS A CG  1 
ATOM   150  C CD  A LYS A 1 17 ? -5.267  -16.741 6.490   0.18 19.54 ? 21  LYS A CD  1 
ATOM   151  C CD  B LYS A 1 17 ? -6.302  -16.554 7.396   0.53 18.48 ? 21  LYS A CD  1 
ATOM   152  C CE  A LYS A 1 17 ? -5.250  -17.959 7.391   0.18 19.80 ? 21  LYS A CE  1 
ATOM   153  C CE  B LYS A 1 17 ? -4.850  -16.979 7.597   0.53 19.74 ? 21  LYS A CE  1 
ATOM   154  N NZ  A LYS A 1 17 ? -4.679  -19.150 6.705   0.18 19.56 ? 21  LYS A NZ  1 
ATOM   155  N NZ  B LYS A 1 17 ? -4.656  -18.444 7.398   0.53 18.87 ? 21  LYS A NZ  1 
ATOM   156  N N   . LEU A 1 18 ? -7.537  -12.031 5.125   1.00 17.42 ? 22  LEU A N   1 
ATOM   157  C CA  . LEU A 1 18 ? -8.651  -11.099 5.277   1.00 15.70 ? 22  LEU A CA  1 
ATOM   158  C C   . LEU A 1 18 ? -9.707  -11.330 4.197   1.00 15.52 ? 22  LEU A C   1 
ATOM   159  O O   . LEU A 1 18 ? -10.908 -11.356 4.477   1.00 14.52 ? 22  LEU A O   1 
ATOM   160  C CB  . LEU A 1 18 ? -8.146  -9.640  5.219   1.00 16.76 ? 22  LEU A CB  1 
ATOM   161  C CG  . LEU A 1 18 ? -7.325  -9.158  6.423   1.00 21.74 ? 22  LEU A CG  1 
ATOM   162  C CD1 . LEU A 1 18 ? -6.997  -7.675  6.268   1.00 23.92 ? 22  LEU A CD1 1 
ATOM   163  C CD2 . LEU A 1 18 ? -8.107  -9.383  7.706   1.00 24.79 ? 22  LEU A CD2 1 
ATOM   164  N N   . ARG A 1 19 ? -9.234  -11.475 2.961   1.00 16.73 ? 23  ARG A N   1 
ATOM   165  C CA  . ARG A 1 19 ? -10.086 -11.717 1.804   1.00 18.33 ? 23  ARG A CA  1 
ATOM   166  C C   . ARG A 1 19 ? -10.957 -12.948 2.051   1.00 19.32 ? 23  ARG A C   1 
ATOM   167  O O   . ARG A 1 19 ? -12.169 -12.915 1.826   1.00 18.66 ? 23  ARG A O   1 
ATOM   168  C CB  . ARG A 1 19 ? -9.235  -11.979 0.545   1.00 19.29 ? 23  ARG A CB  1 
ATOM   169  C CG  . ARG A 1 19 ? -9.994  -12.828 -0.466  1.00 24.03 ? 23  ARG A CG  1 
ATOM   170  C CD  . ARG A 1 19 ? -9.280  -13.082 -1.749  1.00 25.19 ? 23  ARG A CD  1 
ATOM   171  N NE  . ARG A 1 19 ? -8.390  -14.243 -1.736  1.00 23.62 ? 23  ARG A NE  1 
ATOM   172  C CZ  . ARG A 1 19 ? -8.770  -15.522 -1.724  1.00 24.45 ? 23  ARG A CZ  1 
ATOM   173  N NH1 . ARG A 1 19 ? -10.054 -15.873 -1.707  1.00 21.05 ? 23  ARG A NH1 1 
ATOM   174  N NH2 . ARG A 1 19 ? -7.842  -16.464 -1.791  1.00 21.49 ? 23  ARG A NH2 1 
ATOM   175  N N   . LYS A 1 20 ? -10.324 -14.034 2.494   1.00 18.87 ? 24  LYS A N   1 
ATOM   176  C CA  . LYS A 1 20 ? -11.051 -15.275 2.752   1.00 21.01 ? 24  LYS A CA  1 
ATOM   177  C C   . LYS A 1 20 ? -12.096 -15.114 3.842   1.00 22.48 ? 24  LYS A C   1 
ATOM   178  O O   . LYS A 1 20 ? -13.253 -15.516 3.668   1.00 24.16 ? 24  LYS A O   1 
ATOM   179  C CB  . LYS A 1 20 ? -10.072 -16.397 3.098   1.00 23.07 ? 24  LYS A CB  1 
ATOM   180  C CG  . LYS A 1 20 ? -9.222  -16.837 1.899   1.00 23.04 ? 24  LYS A CG  1 
ATOM   181  C CD  . LYS A 1 20 ? -8.233  -17.915 2.288   1.00 27.34 ? 24  LYS A CD  1 
ATOM   182  C CE  . LYS A 1 20 ? -7.500  -18.434 1.069   1.00 28.36 ? 24  LYS A CE  1 
ATOM   183  N NZ  . LYS A 1 20 ? -6.549  -19.494 1.453   1.00 31.52 ? 24  LYS A NZ  1 
ATOM   184  N N   . GLU A 1 21 ? -11.710 -14.512 4.957   1.00 22.89 ? 25  GLU A N   1 
ATOM   185  C CA  . GLU A 1 21 ? -12.660 -14.303 6.040   1.00 24.69 ? 25  GLU A CA  1 
ATOM   186  C C   . GLU A 1 21 ? -13.874 -13.520 5.542   1.00 24.95 ? 25  GLU A C   1 
ATOM   187  O O   . GLU A 1 21 ? -15.012 -13.767 5.960   1.00 23.80 ? 25  GLU A O   1 
ATOM   188  C CB  . GLU A 1 21 ? -12.003 -13.543 7.178   1.00 25.79 ? 25  GLU A CB  1 
ATOM   189  C CG  . GLU A 1 21 ? -12.890 -13.444 8.412   1.00 32.11 ? 25  GLU A CG  1 
ATOM   190  C CD  . GLU A 1 21 ? -13.173 -14.800 9.020   1.00 34.61 ? 25  GLU A CD  1 
ATOM   191  O OE1 . GLU A 1 21 ? -12.277 -15.671 8.963   1.00 34.29 ? 25  GLU A OE1 1 
ATOM   192  O OE2 . GLU A 1 21 ? -14.282 -14.994 9.561   1.00 36.29 ? 25  GLU A OE2 1 
ATOM   193  N N   . ALA A 1 22 ? -13.625 -12.572 4.647   1.00 23.39 ? 26  ALA A N   1 
ATOM   194  C CA  . ALA A 1 22 ? -14.686 -11.746 4.090   1.00 22.58 ? 26  ALA A CA  1 
ATOM   195  C C   . ALA A 1 22 ? -15.530 -12.512 3.065   1.00 23.68 ? 26  ALA A C   1 
ATOM   196  O O   . ALA A 1 22 ? -16.401 -11.930 2.408   1.00 21.70 ? 26  ALA A O   1 
ATOM   197  C CB  . ALA A 1 22 ? -14.064 -10.493 3.429   1.00 19.63 ? 26  ALA A CB  1 
ATOM   198  N N   . SER A 1 23 ? -15.258 -13.806 2.920   1.00 24.06 ? 27  SER A N   1 
ATOM   199  C CA  . SER A 1 23 ? -15.973 -14.651 1.965   1.00 26.65 ? 27  SER A CA  1 
ATOM   200  C C   . SER A 1 23 ? -15.840 -14.133 0.532   1.00 25.28 ? 27  SER A C   1 
ATOM   201  O O   . SER A 1 23 ? -16.769 -14.210 -0.268  1.00 24.56 ? 27  SER A O   1 
ATOM   202  C CB  . SER A 1 23 ? -17.453 -14.767 2.346   1.00 29.16 ? 27  SER A CB  1 
ATOM   203  O OG  . SER A 1 23 ? -17.603 -15.533 3.537   1.00 34.92 ? 27  SER A OG  1 
ATOM   204  N N   . LEU A 1 24 ? -14.671 -13.593 0.214   1.00 23.95 ? 28  LEU A N   1 
ATOM   205  C CA  . LEU A 1 24 ? -14.430 -13.096 -1.123  1.00 23.39 ? 28  LEU A CA  1 
ATOM   206  C C   . LEU A 1 24 ? -13.569 -14.092 -1.900  1.00 23.16 ? 28  LEU A C   1 
ATOM   207  O O   . LEU A 1 24 ? -12.487 -14.485 -1.440  1.00 21.85 ? 28  LEU A O   1 
ATOM   208  C CB  . LEU A 1 24 ? -13.714 -11.742 -1.061  1.00 23.39 ? 28  LEU A CB  1 
ATOM   209  C CG  . LEU A 1 24 ? -14.476 -10.534 -0.503  1.00 23.04 ? 28  LEU A CG  1 
ATOM   210  C CD1 . LEU A 1 24 ? -13.506 -9.380  -0.294  1.00 23.74 ? 28  LEU A CD1 1 
ATOM   211  C CD2 . LEU A 1 24 ? -15.585 -10.130 -1.462  1.00 23.97 ? 28  LEU A CD2 1 
ATOM   212  N N   . SER A 1 25 ? -14.049 -14.513 -3.065  1.00 22.36 ? 29  SER A N   1 
ATOM   213  C CA  . SER A 1 25 ? -13.266 -15.421 -3.903  1.00 21.14 ? 29  SER A CA  1 
ATOM   214  C C   . SER A 1 25 ? -12.185 -14.548 -4.545  1.00 21.24 ? 29  SER A C   1 
ATOM   215  O O   . SER A 1 25 ? -12.232 -13.317 -4.437  1.00 17.84 ? 29  SER A O   1 
ATOM   216  C CB  . SER A 1 25 ? -14.140 -16.045 -4.999  1.00 23.67 ? 29  SER A CB  1 
ATOM   217  O OG  . SER A 1 25 ? -14.583 -15.077 -5.944  1.00 22.80 ? 29  SER A OG  1 
ATOM   218  N N   . GLN A 1 26 ? -11.208 -15.165 -5.200  1.00 20.60 ? 30  GLN A N   1 
ATOM   219  C CA  . GLN A 1 26 ? -10.167 -14.377 -5.847  1.00 19.73 ? 30  GLN A CA  1 
ATOM   220  C C   . GLN A 1 26 ? -10.815 -13.557 -6.981  1.00 20.29 ? 30  GLN A C   1 
ATOM   221  O O   . GLN A 1 26 ? -10.436 -12.413 -7.224  1.00 16.45 ? 30  GLN A O   1 
ATOM   222  C CB  . GLN A 1 26 ? -9.066  -15.287 -6.399  1.00 20.70 ? 30  GLN A CB  1 
ATOM   223  C CG  . GLN A 1 26 ? -8.275  -16.062 -5.340  1.00 20.90 ? 30  GLN A CG  1 
ATOM   224  C CD  . GLN A 1 26 ? -7.091  -16.827 -5.928  1.00 22.69 ? 30  GLN A CD  1 
ATOM   225  O OE1 . GLN A 1 26 ? -7.204  -17.445 -6.985  1.00 25.45 ? 30  GLN A OE1 1 
ATOM   226  N NE2 . GLN A 1 26 ? -5.958  -16.791 -5.245  1.00 23.76 ? 30  GLN A NE2 1 
ATOM   227  N N   . SER A 1 27 ? -11.803 -14.147 -7.660  1.00 20.23 ? 31  SER A N   1 
ATOM   228  C CA  . SER A 1 27 ? -12.514 -13.453 -8.737  1.00 20.01 ? 31  SER A CA  1 
ATOM   229  C C   . SER A 1 27 ? -13.308 -12.261 -8.223  1.00 18.63 ? 31  SER A C   1 
ATOM   230  O O   . SER A 1 27 ? -13.304 -11.203 -8.842  1.00 16.53 ? 31  SER A O   1 
ATOM   231  C CB  . SER A 1 27 ? -13.505 -14.395 -9.452  1.00 21.34 ? 31  SER A CB  1 
ATOM   232  O OG  . SER A 1 27 ? -12.827 -15.270 -10.328 1.00 28.73 ? 31  SER A OG  1 
ATOM   233  N N   . GLU A 1 28 ? -14.017 -12.448 -7.109  1.00 18.56 ? 32  GLU A N   1 
ATOM   234  C CA  . GLU A 1 28 ? -14.822 -11.369 -6.549  1.00 18.42 ? 32  GLU A CA  1 
ATOM   235  C C   . GLU A 1 28 ? -13.933 -10.216 -6.086  1.00 16.87 ? 32  GLU A C   1 
ATOM   236  O O   . GLU A 1 28 ? -14.245 -9.047  -6.329  1.00 16.03 ? 32  GLU A O   1 
ATOM   237  C CB  A GLU A 1 28 ? -15.682 -11.882 -5.388  0.35 17.67 ? 32  GLU A CB  1 
ATOM   238  C CB  B GLU A 1 28 ? -15.627 -11.854 -5.345  0.41 19.24 ? 32  GLU A CB  1 
ATOM   239  C CG  A GLU A 1 28 ? -16.803 -10.931 -5.016  0.35 17.57 ? 32  GLU A CG  1 
ATOM   240  C CG  B GLU A 1 28 ? -16.625 -12.933 -5.636  0.41 22.21 ? 32  GLU A CG  1 
ATOM   241  C CD  A GLU A 1 28 ? -17.711 -11.472 -3.933  0.35 18.07 ? 32  GLU A CD  1 
ATOM   242  C CD  B GLU A 1 28 ? -17.319 -13.399 -4.378  0.41 21.83 ? 32  GLU A CD  1 
ATOM   243  O OE1 A GLU A 1 28 ? -18.675 -10.764 -3.572  0.35 17.71 ? 32  GLU A OE1 1 
ATOM   244  O OE1 B GLU A 1 28 ? -18.047 -12.588 -3.770  0.41 23.43 ? 32  GLU A OE1 1 
ATOM   245  O OE2 A GLU A 1 28 ? -17.463 -12.597 -3.442  0.35 18.27 ? 32  GLU A OE2 1 
ATOM   246  O OE2 B GLU A 1 28 ? -17.129 -14.571 -3.993  0.41 21.58 ? 32  GLU A OE2 1 
ATOM   247  N N   . LEU A 1 29 ? -12.830 -10.539 -5.414  1.00 16.30 ? 33  LEU A N   1 
ATOM   248  C CA  . LEU A 1 29 ? -11.918 -9.485  -4.948  1.00 16.54 ? 33  LEU A CA  1 
ATOM   249  C C   . LEU A 1 29 ? -11.341 -8.701  -6.123  1.00 16.38 ? 33  LEU A C   1 
ATOM   250  O O   . LEU A 1 29 ? -11.196 -7.472  -6.058  1.00 15.35 ? 33  LEU A O   1 
ATOM   251  C CB  . LEU A 1 29 ? -10.763 -10.072 -4.126  1.00 16.27 ? 33  LEU A CB  1 
ATOM   252  C CG  . LEU A 1 29 ? -9.662  -9.072  -3.725  1.00 15.71 ? 33  LEU A CG  1 
ATOM   253  C CD1 . LEU A 1 29 ? -10.226 -7.928  -2.862  1.00 13.67 ? 33  LEU A CD1 1 
ATOM   254  C CD2 . LEU A 1 29 ? -8.571  -9.823  -2.946  1.00 14.56 ? 33  LEU A CD2 1 
ATOM   255  N N   . ALA A 1 30 ? -11.003 -9.420  -7.186  1.00 15.48 ? 34  ALA A N   1 
ATOM   256  C CA  . ALA A 1 30 ? -10.441 -8.804  -8.376  1.00 15.88 ? 34  ALA A CA  1 
ATOM   257  C C   . ALA A 1 30 ? -11.331 -7.676  -8.894  1.00 15.55 ? 34  ALA A C   1 
ATOM   258  O O   . ALA A 1 30 ? -10.834 -6.626  -9.306  1.00 15.91 ? 34  ALA A O   1 
ATOM   259  C CB  . ALA A 1 30 ? -10.238 -9.851  -9.449  1.00 14.25 ? 34  ALA A CB  1 
ATOM   260  N N   . ILE A 1 31 ? -12.641 -7.882  -8.852  1.00 15.78 ? 35  ILE A N   1 
ATOM   261  C CA  . ILE A 1 31 ? -13.574 -6.873  -9.336  1.00 15.05 ? 35  ILE A CA  1 
ATOM   262  C C   . ILE A 1 31 ? -13.347 -5.518  -8.675  1.00 16.53 ? 35  ILE A C   1 
ATOM   263  O O   . ILE A 1 31 ? -13.328 -4.486  -9.336  1.00 12.39 ? 35  ILE A O   1 
ATOM   264  C CB  . ILE A 1 31 ? -15.041 -7.306  -9.087  1.00 17.97 ? 35  ILE A CB  1 
ATOM   265  C CG1 . ILE A 1 31 ? -15.400 -8.484  -9.994  1.00 18.86 ? 35  ILE A CG1 1 
ATOM   266  C CG2 . ILE A 1 31 ? -16.004 -6.145  -9.367  1.00 17.18 ? 35  ILE A CG2 1 
ATOM   267  C CD1 . ILE A 1 31 ? -16.779 -9.073  -9.676  1.00 21.86 ? 35  ILE A CD1 1 
ATOM   268  N N   . PHE A 1 32 ? -13.151 -5.531  -7.360  1.00 15.94 ? 36  PHE A N   1 
ATOM   269  C CA  . PHE A 1 32 ? -12.972 -4.301  -6.608  1.00 15.41 ? 36  PHE A CA  1 
ATOM   270  C C   . PHE A 1 32 ? -11.607 -3.652  -6.805  1.00 15.41 ? 36  PHE A C   1 
ATOM   271  O O   . PHE A 1 32 ? -11.419 -2.466  -6.513  1.00 13.86 ? 36  PHE A O   1 
ATOM   272  C CB  . PHE A 1 32 ? -13.255 -4.586  -5.127  1.00 14.81 ? 36  PHE A CB  1 
ATOM   273  C CG  . PHE A 1 32 ? -14.663 -5.102  -4.874  1.00 18.77 ? 36  PHE A CG  1 
ATOM   274  C CD1 . PHE A 1 32 ? -15.720 -4.223  -4.593  1.00 19.67 ? 36  PHE A CD1 1 
ATOM   275  C CD2 . PHE A 1 32 ? -14.942 -6.461  -4.980  1.00 17.96 ? 36  PHE A CD2 1 
ATOM   276  C CE1 . PHE A 1 32 ? -17.034 -4.716  -4.428  1.00 20.42 ? 36  PHE A CE1 1 
ATOM   277  C CE2 . PHE A 1 32 ? -16.233 -6.943  -4.820  1.00 20.87 ? 36  PHE A CE2 1 
ATOM   278  C CZ  . PHE A 1 32 ? -17.277 -6.076  -4.546  1.00 21.46 ? 36  PHE A CZ  1 
ATOM   279  N N   . LEU A 1 33 ? -10.653 -4.418  -7.319  1.00 12.84 ? 37  LEU A N   1 
ATOM   280  C CA  . LEU A 1 33 ? -9.324  -3.879  -7.540  1.00 13.97 ? 37  LEU A CA  1 
ATOM   281  C C   . LEU A 1 33 ? -8.984  -3.549  -8.986  1.00 14.81 ? 37  LEU A C   1 
ATOM   282  O O   . LEU A 1 33 ? -7.844  -3.143  -9.280  1.00 15.01 ? 37  LEU A O   1 
ATOM   283  C CB  . LEU A 1 33 ? -8.261  -4.839  -7.005  1.00 12.49 ? 37  LEU A CB  1 
ATOM   284  C CG  . LEU A 1 33 ? -7.951  -4.751  -5.514  1.00 13.52 ? 37  LEU A CG  1 
ATOM   285  C CD1 . LEU A 1 33 ? -9.233  -4.954  -4.673  1.00 9.73  ? 37  LEU A CD1 1 
ATOM   286  C CD2 . LEU A 1 33 ? -6.901  -5.812  -5.198  1.00 14.74 ? 37  LEU A CD2 1 
ATOM   287  N N   . GLY A 1 34 ? -9.944  -3.730  -9.883  1.00 15.00 ? 38  GLY A N   1 
ATOM   288  C CA  . GLY A 1 34 ? -9.696  -3.446  -11.285 1.00 18.15 ? 38  GLY A CA  1 
ATOM   289  C C   . GLY A 1 34 ? -8.725  -4.476  -11.821 1.00 18.77 ? 38  GLY A C   1 
ATOM   290  O O   . GLY A 1 34 ? -7.860  -4.170  -12.636 1.00 21.80 ? 38  GLY A O   1 
ATOM   291  N N   . LEU A 1 35 ? -8.863  -5.710  -11.354 1.00 18.47 ? 39  LEU A N   1 
ATOM   292  C CA  . LEU A 1 35 ? -7.972  -6.801  -11.768 1.00 18.08 ? 39  LEU A CA  1 
ATOM   293  C C   . LEU A 1 35 ? -8.748  -8.046  -12.182 1.00 18.23 ? 39  LEU A C   1 
ATOM   294  O O   . LEU A 1 35 ? -9.968  -8.088  -12.065 1.00 19.98 ? 39  LEU A O   1 
ATOM   295  C CB  . LEU A 1 35 ? -7.056  -7.203  -10.606 1.00 19.11 ? 39  LEU A CB  1 
ATOM   296  C CG  . LEU A 1 35 ? -6.052  -6.191  -10.050 1.00 18.60 ? 39  LEU A CG  1 
ATOM   297  C CD1 . LEU A 1 35 ? -5.292  -6.818  -8.866  1.00 18.71 ? 39  LEU A CD1 1 
ATOM   298  C CD2 . LEU A 1 35 ? -5.092  -5.796  -11.131 1.00 18.53 ? 39  LEU A CD2 1 
ATOM   299  N N   . SER A 1 36 ? -8.023  -9.053  -12.665 1.00 18.43 ? 40  SER A N   1 
ATOM   300  C CA  . SER A 1 36 ? -8.626  -10.319 -13.055 1.00 19.24 ? 40  SER A CA  1 
ATOM   301  C C   . SER A 1 36 ? -8.327  -11.313 -11.944 1.00 20.29 ? 40  SER A C   1 
ATOM   302  O O   . SER A 1 36 ? -7.414  -11.112 -11.139 1.00 17.87 ? 40  SER A O   1 
ATOM   303  C CB  . SER A 1 36 ? -8.001  -10.862 -14.339 1.00 19.28 ? 40  SER A CB  1 
ATOM   304  O OG  . SER A 1 36 ? -6.623  -11.167 -14.143 1.00 21.38 ? 40  SER A OG  1 
ATOM   305  N N   . GLN A 1 37 ? -9.083  -12.401 -11.917 1.00 19.18 ? 41  GLN A N   1 
ATOM   306  C CA  . GLN A 1 37 ? -8.854  -13.438 -10.930 1.00 22.55 ? 41  GLN A CA  1 
ATOM   307  C C   . GLN A 1 37 ? -7.401  -13.913 -11.026 1.00 23.16 ? 41  GLN A C   1 
ATOM   308  O O   . GLN A 1 37 ? -6.749  -14.149 -10.010 1.00 22.82 ? 41  GLN A O   1 
ATOM   309  C CB  . GLN A 1 37 ? -9.801  -14.617 -11.161 1.00 24.57 ? 41  GLN A CB  1 
ATOM   310  C CG  . GLN A 1 37 ? -9.550  -15.782 -10.206 1.00 26.02 ? 41  GLN A CG  1 
ATOM   311  C CD  . GLN A 1 37 ? -8.426  -16.699 -10.670 1.00 31.22 ? 41  GLN A CD  1 
ATOM   312  O OE1 . GLN A 1 37 ? -7.753  -17.338 -9.854  1.00 35.03 ? 41  GLN A OE1 1 
ATOM   313  N NE2 . GLN A 1 37 ? -8.226  -16.781 -11.984 1.00 31.76 ? 41  GLN A NE2 1 
ATOM   314  N N   . SER A 1 38 ? -6.895  -14.044 -12.248 1.00 23.06 ? 42  SER A N   1 
ATOM   315  C CA  . SER A 1 38 ? -5.516  -14.484 -12.451 1.00 23.07 ? 42  SER A CA  1 
ATOM   316  C C   . SER A 1 38 ? -4.519  -13.533 -11.777 1.00 21.25 ? 42  SER A C   1 
ATOM   317  O O   . SER A 1 38 ? -3.526  -13.976 -11.197 1.00 20.93 ? 42  SER A O   1 
ATOM   318  C CB  . SER A 1 38 ? -5.197  -14.573 -13.945 1.00 24.28 ? 42  SER A CB  1 
ATOM   319  O OG  . SER A 1 38 ? -3.835  -14.938 -14.118 1.00 31.94 ? 42  SER A OG  1 
ATOM   320  N N   . ASP A 1 39 ? -4.772  -12.231 -11.885 1.00 21.37 ? 43  ASP A N   1 
ATOM   321  C CA  . ASP A 1 39 ? -3.909  -11.226 -11.268 1.00 18.90 ? 43  ASP A CA  1 
ATOM   322  C C   . ASP A 1 39 ? -3.868  -11.445 -9.755  1.00 18.93 ? 43  ASP A C   1 
ATOM   323  O O   . ASP A 1 39 ? -2.811  -11.347 -9.133  1.00 18.27 ? 43  ASP A O   1 
ATOM   324  C CB  . ASP A 1 39 ? -4.443  -9.817  -11.532 1.00 20.51 ? 43  ASP A CB  1 
ATOM   325  C CG  . ASP A 1 39 ? -4.335  -9.393  -12.990 1.00 21.02 ? 43  ASP A CG  1 
ATOM   326  O OD1 . ASP A 1 39 ? -5.078  -8.478  -13.387 1.00 21.00 ? 43  ASP A OD1 1 
ATOM   327  O OD2 . ASP A 1 39 ? -3.515  -9.955  -13.733 1.00 22.11 ? 43  ASP A OD2 1 
ATOM   328  N N   . ILE A 1 40 ? -5.033  -11.706 -9.161  1.00 18.27 ? 44  ILE A N   1 
ATOM   329  C CA  . ILE A 1 40 ? -5.110  -11.922 -7.720  1.00 17.63 ? 44  ILE A CA  1 
ATOM   330  C C   . ILE A 1 40 ? -4.327  -13.192 -7.331  1.00 18.70 ? 44  ILE A C   1 
ATOM   331  O O   . ILE A 1 40 ? -3.591  -13.210 -6.330  1.00 16.54 ? 44  ILE A O   1 
ATOM   332  C CB  . ILE A 1 40 ? -6.599  -12.027 -7.254  1.00 17.24 ? 44  ILE A CB  1 
ATOM   333  C CG1 . ILE A 1 40 ? -7.309  -10.676 -7.450  1.00 17.36 ? 44  ILE A CG1 1 
ATOM   334  C CG2 . ILE A 1 40 ? -6.684  -12.405 -5.767  1.00 15.30 ? 44  ILE A CG2 1 
ATOM   335  C CD1 . ILE A 1 40 ? -6.749  -9.554  -6.603  1.00 17.89 ? 44  ILE A CD1 1 
ATOM   336  N N   . SER A 1 41 ? -4.477  -14.246 -8.126  1.00 17.73 ? 45  SER A N   1 
ATOM   337  C CA  . SER A 1 41 ? -3.779  -15.496 -7.850  1.00 17.14 ? 45  SER A CA  1 
ATOM   338  C C   . SER A 1 41 ? -2.277  -15.254 -7.833  1.00 17.43 ? 45  SER A C   1 
ATOM   339  O O   . SER A 1 41 ? -1.564  -15.766 -6.961  1.00 16.39 ? 45  SER A O   1 
ATOM   340  C CB  . SER A 1 41 ? -4.115  -16.542 -8.913  1.00 19.19 ? 45  SER A CB  1 
ATOM   341  O OG  . SER A 1 41 ? -3.337  -17.711 -8.707  1.00 20.47 ? 45  SER A OG  1 
ATOM   342  N N   . LYS A 1 42 ? -1.794  -14.459 -8.786  1.00 16.89 ? 46  LYS A N   1 
ATOM   343  C CA  . LYS A 1 42 ? -0.370  -14.156 -8.847  1.00 17.44 ? 46  LYS A CA  1 
ATOM   344  C C   . LYS A 1 42 ? 0.069   -13.311 -7.650  1.00 17.22 ? 46  LYS A C   1 
ATOM   345  O O   . LYS A 1 42 ? 1.160   -13.480 -7.126  1.00 15.85 ? 46  LYS A O   1 
ATOM   346  C CB  . LYS A 1 42 ? -0.031  -13.438 -10.146 1.00 19.50 ? 46  LYS A CB  1 
ATOM   347  C CG  . LYS A 1 42 ? -0.040  -14.346 -11.390 1.00 24.59 ? 46  LYS A CG  1 
ATOM   348  C CD  . LYS A 1 42 ? 0.463   -13.573 -12.593 1.00 26.40 ? 46  LYS A CD  1 
ATOM   349  C CE  . LYS A 1 42 ? 0.613   -14.449 -13.817 1.00 30.11 ? 46  LYS A CE  1 
ATOM   350  N NZ  . LYS A 1 42 ? -0.664  -15.091 -14.192 1.00 31.06 ? 46  LYS A NZ  1 
ATOM   351  N N   . ILE A 1 43 ? -0.783  -12.392 -7.216  1.00 16.19 ? 47  ILE A N   1 
ATOM   352  C CA  . ILE A 1 43 ? -0.422  -11.593 -6.062  1.00 16.83 ? 47  ILE A CA  1 
ATOM   353  C C   . ILE A 1 43 ? -0.300  -12.500 -4.830  1.00 16.94 ? 47  ILE A C   1 
ATOM   354  O O   . ILE A 1 43 ? 0.678   -12.420 -4.081  1.00 15.33 ? 47  ILE A O   1 
ATOM   355  C CB  . ILE A 1 43 ? -1.484  -10.497 -5.784  1.00 16.79 ? 47  ILE A CB  1 
ATOM   356  C CG1 . ILE A 1 43 ? -1.361  -9.387  -6.835  1.00 17.48 ? 47  ILE A CG1 1 
ATOM   357  C CG2 . ILE A 1 43 ? -1.303  -9.928  -4.361  1.00 17.83 ? 47  ILE A CG2 1 
ATOM   358  C CD1 . ILE A 1 43 ? -2.555  -8.446  -6.891  1.00 17.89 ? 47  ILE A CD1 1 
ATOM   359  N N   . GLU A 1 44 ? -1.283  -13.379 -4.639  1.00 15.58 ? 48  GLU A N   1 
ATOM   360  C CA  . GLU A 1 44 ? -1.290  -14.232 -3.458  1.00 16.82 ? 48  GLU A CA  1 
ATOM   361  C C   . GLU A 1 44 ? -0.203  -15.302 -3.433  1.00 18.43 ? 48  GLU A C   1 
ATOM   362  O O   . GLU A 1 44 ? 0.130   -15.823 -2.369  1.00 18.20 ? 48  GLU A O   1 
ATOM   363  C CB  . GLU A 1 44 ? -2.688  -14.831 -3.264  1.00 17.50 ? 48  GLU A CB  1 
ATOM   364  C CG  . GLU A 1 44 ? -3.761  -13.733 -3.140  1.00 16.82 ? 48  GLU A CG  1 
ATOM   365  C CD  . GLU A 1 44 ? -5.083  -14.230 -2.600  1.00 21.76 ? 48  GLU A CD  1 
ATOM   366  O OE1 . GLU A 1 44 ? -5.910  -13.383 -2.204  1.00 19.21 ? 48  GLU A OE1 1 
ATOM   367  O OE2 . GLU A 1 44 ? -5.303  -15.461 -2.575  1.00 19.84 ? 48  GLU A OE2 1 
ATOM   368  N N   . SER A 1 45 ? 0.381   -15.588 -4.593  1.00 19.77 ? 49  SER A N   1 
ATOM   369  C CA  . SER A 1 45 ? 1.454   -16.571 -4.674  1.00 22.29 ? 49  SER A CA  1 
ATOM   370  C C   . SER A 1 45 ? 2.784   -15.836 -4.822  1.00 24.14 ? 49  SER A C   1 
ATOM   371  O O   . SER A 1 45 ? 3.806   -16.435 -5.157  1.00 24.33 ? 49  SER A O   1 
ATOM   372  C CB  . SER A 1 45 ? 1.224   -17.507 -5.864  1.00 25.42 ? 49  SER A CB  1 
ATOM   373  O OG  . SER A 1 45 ? 1.166   -16.772 -7.075  1.00 27.61 ? 49  SER A OG  1 
ATOM   374  N N   . PHE A 1 46 ? 2.770   -14.527 -4.581  1.00 22.35 ? 50  PHE A N   1 
ATOM   375  C CA  . PHE A 1 46 ? 3.993   -13.717 -4.659  1.00 24.45 ? 50  PHE A CA  1 
ATOM   376  C C   . PHE A 1 46 ? 4.689   -13.709 -6.022  1.00 24.76 ? 50  PHE A C   1 
ATOM   377  O O   . PHE A 1 46 ? 5.917   -13.701 -6.100  1.00 24.22 ? 50  PHE A O   1 
ATOM   378  C CB  . PHE A 1 46 ? 4.999   -14.191 -3.608  1.00 24.08 ? 50  PHE A CB  1 
ATOM   379  C CG  . PHE A 1 46 ? 4.375   -14.559 -2.302  1.00 25.23 ? 50  PHE A CG  1 
ATOM   380  C CD1 . PHE A 1 46 ? 4.332   -15.883 -1.888  1.00 27.83 ? 50  PHE A CD1 1 
ATOM   381  C CD2 . PHE A 1 46 ? 3.825   -13.582 -1.482  1.00 26.64 ? 50  PHE A CD2 1 
ATOM   382  C CE1 . PHE A 1 46 ? 3.746   -16.227 -0.669  1.00 27.79 ? 50  PHE A CE1 1 
ATOM   383  C CE2 . PHE A 1 46 ? 3.242   -13.916 -0.271  1.00 26.10 ? 50  PHE A CE2 1 
ATOM   384  C CZ  . PHE A 1 46 ? 3.201   -15.233 0.137   1.00 26.78 ? 50  PHE A CZ  1 
ATOM   385  N N   . GLU A 1 47 ? 3.912   -13.708 -7.094  1.00 25.74 ? 51  GLU A N   1 
ATOM   386  C CA  . GLU A 1 47 ? 4.485   -13.683 -8.432  1.00 27.42 ? 51  GLU A CA  1 
ATOM   387  C C   . GLU A 1 47 ? 4.360   -12.280 -9.017  1.00 27.12 ? 51  GLU A C   1 
ATOM   388  O O   . GLU A 1 47 ? 5.089   -11.914 -9.938  1.00 27.98 ? 51  GLU A O   1 
ATOM   389  C CB  . GLU A 1 47 ? 3.776   -14.708 -9.317  1.00 29.98 ? 51  GLU A CB  1 
ATOM   390  C CG  . GLU A 1 47 ? 3.936   -16.130 -8.796  1.00 34.53 ? 51  GLU A CG  1 
ATOM   391  C CD  . GLU A 1 47 ? 3.179   -17.156 -9.616  1.00 38.78 ? 51  GLU A CD  1 
ATOM   392  O OE1 . GLU A 1 47 ? 3.361   -18.364 -9.353  1.00 41.85 ? 51  GLU A OE1 1 
ATOM   393  O OE2 . GLU A 1 47 ? 2.401   -16.763 -10.517 1.00 41.49 ? 51  GLU A OE2 1 
ATOM   394  N N   . ARG A 1 48 ? 3.430   -11.500 -8.465  1.00 24.40 ? 52  ARG A N   1 
ATOM   395  C CA  . ARG A 1 48 ? 3.208   -10.118 -8.894  1.00 22.32 ? 52  ARG A CA  1 
ATOM   396  C C   . ARG A 1 48 ? 2.982   -9.279  -7.634  1.00 21.13 ? 52  ARG A C   1 
ATOM   397  O O   . ARG A 1 48 ? 2.447   -9.769  -6.640  1.00 20.57 ? 52  ARG A O   1 
ATOM   398  C CB  A ARG A 1 48 ? 2.022   -10.005 -9.868  0.36 21.20 ? 52  ARG A CB  1 
ATOM   399  C CB  B ARG A 1 48 ? 1.950   -10.029 -9.762  0.54 23.82 ? 52  ARG A CB  1 
ATOM   400  C CG  A ARG A 1 48 ? 0.642   -10.309 -9.314  0.36 20.13 ? 52  ARG A CG  1 
ATOM   401  C CG  B ARG A 1 48 ? 2.010   -10.781 -11.078 0.54 26.51 ? 52  ARG A CG  1 
ATOM   402  C CD  A ARG A 1 48 ? -0.444  -9.811  -10.288 0.36 18.05 ? 52  ARG A CD  1 
ATOM   403  C CD  B ARG A 1 48 ? 2.879   -10.060 -12.084 0.54 27.48 ? 52  ARG A CD  1 
ATOM   404  N NE  A ARG A 1 48 ? -1.015  -8.525  -9.895  0.36 20.17 ? 52  ARG A NE  1 
ATOM   405  N NE  B ARG A 1 48 ? 2.511   -10.421 -13.447 0.54 30.65 ? 52  ARG A NE  1 
ATOM   406  C CZ  A ARG A 1 48 ? -0.302  -7.471  -9.491  0.36 18.88 ? 52  ARG A CZ  1 
ATOM   407  C CZ  B ARG A 1 48 ? 1.302   -10.226 -13.968 0.54 31.30 ? 52  ARG A CZ  1 
ATOM   408  N NH1 A ARG A 1 48 ? -0.906  -6.346  -9.152  0.36 17.96 ? 52  ARG A NH1 1 
ATOM   409  N NH1 B ARG A 1 48 ? 1.050   -10.581 -15.217 0.54 31.30 ? 52  ARG A NH1 1 
ATOM   410  N NH2 A ARG A 1 48 ? 1.016   -7.543  -9.421  0.36 19.68 ? 52  ARG A NH2 1 
ATOM   411  N NH2 B ARG A 1 48 ? 0.343   -9.673  -13.238 0.54 33.21 ? 52  ARG A NH2 1 
ATOM   412  N N   . ARG A 1 49 ? 3.386   -8.017  -7.673  1.00 21.09 ? 53  ARG A N   1 
ATOM   413  C CA  . ARG A 1 49 ? 3.247   -7.161  -6.500  1.00 21.42 ? 53  ARG A CA  1 
ATOM   414  C C   . ARG A 1 49 ? 1.895   -6.476  -6.344  1.00 19.64 ? 53  ARG A C   1 
ATOM   415  O O   . ARG A 1 49 ? 1.293   -6.037  -7.318  1.00 18.29 ? 53  ARG A O   1 
ATOM   416  C CB  . ARG A 1 49 ? 4.368   -6.106  -6.497  1.00 24.33 ? 53  ARG A CB  1 
ATOM   417  C CG  . ARG A 1 49 ? 5.751   -6.726  -6.277  1.00 29.11 ? 53  ARG A CG  1 
ATOM   418  C CD  . ARG A 1 49 ? 6.846   -5.711  -6.032  1.00 32.70 ? 53  ARG A CD  1 
ATOM   419  N NE  . ARG A 1 49 ? 8.111   -6.346  -5.643  1.00 36.42 ? 53  ARG A NE  1 
ATOM   420  C CZ  . ARG A 1 49 ? 8.407   -6.736  -4.408  1.00 39.37 ? 53  ARG A CZ  1 
ATOM   421  N NH1 . ARG A 1 49 ? 7.548   -6.560  -3.429  1.00 41.04 ? 53  ARG A NH1 1 
ATOM   422  N NH2 . ARG A 1 49 ? 9.565   -7.307  -4.136  1.00 42.03 ? 53  ARG A NH2 1 
ATOM   423  N N   . LEU A 1 50 ? 1.415   -6.413  -5.106  1.00 17.51 ? 54  LEU A N   1 
ATOM   424  C CA  . LEU A 1 50 ? 0.163   -5.727  -4.794  1.00 15.48 ? 54  LEU A CA  1 
ATOM   425  C C   . LEU A 1 50 ? 0.597   -4.269  -4.614  1.00 14.27 ? 54  LEU A C   1 
ATOM   426  O O   . LEU A 1 50 ? 1.478   -3.998  -3.801  1.00 13.19 ? 54  LEU A O   1 
ATOM   427  C CB  . LEU A 1 50 ? -0.395  -6.223  -3.467  1.00 15.85 ? 54  LEU A CB  1 
ATOM   428  C CG  . LEU A 1 50 ? -1.665  -5.507  -2.998  1.00 15.33 ? 54  LEU A CG  1 
ATOM   429  C CD1 . LEU A 1 50 ? -2.833  -5.923  -3.888  1.00 14.96 ? 54  LEU A CD1 1 
ATOM   430  C CD2 . LEU A 1 50 ? -1.949  -5.858  -1.537  1.00 16.43 ? 54  LEU A CD2 1 
ATOM   431  N N   . ASP A 1 51 ? 0.009   -3.331  -5.351  1.00 15.39 ? 55  ASP A N   1 
ATOM   432  C CA  . ASP A 1 51 ? 0.446   -1.936  -5.184  1.00 14.44 ? 55  ASP A CA  1 
ATOM   433  C C   . ASP A 1 51 ? -0.267  -1.166  -4.071  1.00 14.83 ? 55  ASP A C   1 
ATOM   434  O O   . ASP A 1 51 ? -1.236  -1.652  -3.468  1.00 14.07 ? 55  ASP A O   1 
ATOM   435  C CB  . ASP A 1 51 ? 0.393   -1.161  -6.529  1.00 13.24 ? 55  ASP A CB  1 
ATOM   436  C CG  . ASP A 1 51 ? -1.031  -0.796  -6.985  1.00 17.89 ? 55  ASP A CG  1 
ATOM   437  O OD1 . ASP A 1 51 ? -1.878  -0.425  -6.148  1.00 15.06 ? 55  ASP A OD1 1 
ATOM   438  O OD2 . ASP A 1 51 ? -1.291  -0.831  -8.215  1.00 17.98 ? 55  ASP A OD2 1 
ATOM   439  N N   . ALA A 1 52 ? 0.231   0.037   -3.790  1.00 13.41 ? 56  ALA A N   1 
ATOM   440  C CA  . ALA A 1 52 ? -0.304  0.882   -2.729  1.00 12.30 ? 56  ALA A CA  1 
ATOM   441  C C   . ALA A 1 52 ? -1.787  1.205   -2.846  1.00 13.38 ? 56  ALA A C   1 
ATOM   442  O O   . ALA A 1 52 ? -2.471  1.285   -1.839  1.00 14.61 ? 56  ALA A O   1 
ATOM   443  C CB  . ALA A 1 52 ? 0.508   2.178   -2.643  1.00 11.28 ? 56  ALA A CB  1 
ATOM   444  N N   . LEU A 1 53 ? -2.285  1.420   -4.058  1.00 13.67 ? 57  LEU A N   1 
ATOM   445  C CA  . LEU A 1 53 ? -3.714  1.707   -4.233  1.00 13.12 ? 57  LEU A CA  1 
ATOM   446  C C   . LEU A 1 53 ? -4.565  0.449   -3.986  1.00 13.00 ? 57  LEU A C   1 
ATOM   447  O O   . LEU A 1 53 ? -5.574  0.494   -3.271  1.00 12.74 ? 57  LEU A O   1 
ATOM   448  C CB  . LEU A 1 53 ? -3.986  2.248   -5.645  1.00 13.78 ? 57  LEU A CB  1 
ATOM   449  C CG  . LEU A 1 53 ? -5.467  2.491   -5.951  1.00 14.78 ? 57  LEU A CG  1 
ATOM   450  C CD1 . LEU A 1 53 ? -6.074  3.494   -4.949  1.00 16.03 ? 57  LEU A CD1 1 
ATOM   451  C CD2 . LEU A 1 53 ? -5.593  3.003   -7.368  1.00 17.56 ? 57  LEU A CD2 1 
ATOM   452  N N   . GLU A 1 54 ? -4.151  -0.669  -4.578  1.00 12.25 ? 58  GLU A N   1 
ATOM   453  C CA  . GLU A 1 54 ? -4.842  -1.933  -4.408  1.00 12.39 ? 58  GLU A CA  1 
ATOM   454  C C   . GLU A 1 54 ? -4.942  -2.326  -2.930  1.00 12.40 ? 58  GLU A C   1 
ATOM   455  O O   . GLU A 1 54 ? -5.934  -2.929  -2.510  1.00 11.87 ? 58  GLU A O   1 
ATOM   456  C CB  . GLU A 1 54 ? -4.127  -3.012  -5.222  1.00 12.57 ? 58  GLU A CB  1 
ATOM   457  C CG  . GLU A 1 54 ? -4.040  -2.604  -6.695  1.00 12.40 ? 58  GLU A CG  1 
ATOM   458  C CD  . GLU A 1 54 ? -3.182  -3.528  -7.504  1.00 13.73 ? 58  GLU A CD  1 
ATOM   459  O OE1 . GLU A 1 54 ? -2.216  -4.078  -6.949  1.00 18.24 ? 58  GLU A OE1 1 
ATOM   460  O OE2 . GLU A 1 54 ? -3.470  -3.688  -8.697  1.00 14.99 ? 58  GLU A OE2 1 
ATOM   461  N N   . LEU A 1 55 ? -3.925  -1.990  -2.141  1.00 13.12 ? 59  LEU A N   1 
ATOM   462  C CA  . LEU A 1 55 ? -3.971  -2.276  -0.707  1.00 12.01 ? 59  LEU A CA  1 
ATOM   463  C C   . LEU A 1 55 ? -5.205  -1.606  -0.095  1.00 12.96 ? 59  LEU A C   1 
ATOM   464  O O   . LEU A 1 55 ? -5.974  -2.243  0.639   1.00 11.81 ? 59  LEU A O   1 
ATOM   465  C CB  . LEU A 1 55 ? -2.708  -1.755  -0.014  1.00 14.01 ? 59  LEU A CB  1 
ATOM   466  C CG  . LEU A 1 55 ? -2.787  -1.513  1.503   1.00 16.91 ? 59  LEU A CG  1 
ATOM   467  C CD1 . LEU A 1 55 ? -2.993  -2.797  2.235   1.00 16.82 ? 59  LEU A CD1 1 
ATOM   468  C CD2 . LEU A 1 55 ? -1.520  -0.888  1.968   1.00 18.15 ? 59  LEU A CD2 1 
ATOM   469  N N   . PHE A 1 56 ? -5.407  -0.322  -0.383  1.00 12.28 ? 60  PHE A N   1 
ATOM   470  C CA  . PHE A 1 56 ? -6.569  0.365   0.186   1.00 11.98 ? 60  PHE A CA  1 
ATOM   471  C C   . PHE A 1 56 ? -7.876  -0.202  -0.352  1.00 13.09 ? 60  PHE A C   1 
ATOM   472  O O   . PHE A 1 56 ? -8.858  -0.342  0.383   1.00 14.81 ? 60  PHE A O   1 
ATOM   473  C CB  . PHE A 1 56 ? -6.513  1.885   -0.093  1.00 11.37 ? 60  PHE A CB  1 
ATOM   474  C CG  . PHE A 1 56 ? -5.498  2.610   0.741   1.00 13.89 ? 60  PHE A CG  1 
ATOM   475  C CD1 . PHE A 1 56 ? -4.265  2.971   0.211   1.00 17.14 ? 60  PHE A CD1 1 
ATOM   476  C CD2 . PHE A 1 56 ? -5.779  2.925   2.071   1.00 16.74 ? 60  PHE A CD2 1 
ATOM   477  C CE1 . PHE A 1 56 ? -3.314  3.643   0.992   1.00 19.23 ? 60  PHE A CE1 1 
ATOM   478  C CE2 . PHE A 1 56 ? -4.844  3.594   2.863   1.00 19.38 ? 60  PHE A CE2 1 
ATOM   479  C CZ  . PHE A 1 56 ? -3.601  3.954   2.315   1.00 19.56 ? 60  PHE A CZ  1 
ATOM   480  N N   . GLU A 1 57 ? -7.904  -0.512  -1.644  1.00 13.05 ? 61  GLU A N   1 
ATOM   481  C CA  . GLU A 1 57 ? -9.119  -1.054  -2.245  1.00 14.35 ? 61  GLU A CA  1 
ATOM   482  C C   . GLU A 1 57 ? -9.532  -2.383  -1.621  1.00 14.17 ? 61  GLU A C   1 
ATOM   483  O O   . GLU A 1 57 ? -10.722 -2.646  -1.396  1.00 13.18 ? 61  GLU A O   1 
ATOM   484  C CB  . GLU A 1 57 ? -8.917  -1.197  -3.759  1.00 14.74 ? 61  GLU A CB  1 
ATOM   485  C CG  . GLU A 1 57 ? -8.912  0.172   -4.413  1.00 13.46 ? 61  GLU A CG  1 
ATOM   486  C CD  . GLU A 1 57 ? -8.407  0.167   -5.822  1.00 12.99 ? 61  GLU A CD  1 
ATOM   487  O OE1 . GLU A 1 57 ? -8.680  1.156   -6.533  1.00 15.60 ? 61  GLU A OE1 1 
ATOM   488  O OE2 . GLU A 1 57 ? -7.732  -0.790  -6.222  1.00 14.15 ? 61  GLU A OE2 1 
ATOM   489  N N   . LEU A 1 58 ? -8.542  -3.220  -1.337  1.00 13.55 ? 62  LEU A N   1 
ATOM   490  C CA  . LEU A 1 58 ? -8.778  -4.515  -0.723  1.00 12.23 ? 62  LEU A CA  1 
ATOM   491  C C   . LEU A 1 58 ? -9.330  -4.331  0.706   1.00 12.76 ? 62  LEU A C   1 
ATOM   492  O O   . LEU A 1 58 ? -10.340 -4.932  1.087   1.00 13.45 ? 62  LEU A O   1 
ATOM   493  C CB  . LEU A 1 58 ? -7.463  -5.306  -0.711  1.00 13.19 ? 62  LEU A CB  1 
ATOM   494  C CG  . LEU A 1 58 ? -7.482  -6.727  -0.123  1.00 16.94 ? 62  LEU A CG  1 
ATOM   495  C CD1 . LEU A 1 58 ? -6.280  -7.523  -0.632  1.00 17.68 ? 62  LEU A CD1 1 
ATOM   496  C CD2 . LEU A 1 58 ? -7.488  -6.630  1.417   1.00 16.21 ? 62  LEU A CD2 1 
ATOM   497  N N   . LEU A 1 59 ? -8.676  -3.496  1.501   1.00 12.73 ? 63  LEU A N   1 
ATOM   498  C CA  . LEU A 1 59 ? -9.130  -3.279  2.869   1.00 14.29 ? 63  LEU A CA  1 
ATOM   499  C C   . LEU A 1 59 ? -10.531 -2.668  2.897   1.00 14.05 ? 63  LEU A C   1 
ATOM   500  O O   . LEU A 1 59 ? -11.339 -2.986  3.777   1.00 15.86 ? 63  LEU A O   1 
ATOM   501  C CB  . LEU A 1 59 ? -8.153  -2.375  3.620   1.00 12.15 ? 63  LEU A CB  1 
ATOM   502  C CG  . LEU A 1 59 ? -6.755  -2.949  3.840   1.00 14.05 ? 63  LEU A CG  1 
ATOM   503  C CD1 . LEU A 1 59 ? -5.946  -1.905  4.601   1.00 15.78 ? 63  LEU A CD1 1 
ATOM   504  C CD2 . LEU A 1 59 ? -6.807  -4.277  4.607   1.00 15.57 ? 63  LEU A CD2 1 
ATOM   505  N N   . GLU A 1 60 ? -10.826 -1.806  1.931   1.00 14.43 ? 64  GLU A N   1 
ATOM   506  C CA  . GLU A 1 60 ? -12.155 -1.183  1.865   1.00 16.79 ? 64  GLU A CA  1 
ATOM   507  C C   . GLU A 1 60 ? -13.284 -2.212  1.686   1.00 17.67 ? 64  GLU A C   1 
ATOM   508  O O   . GLU A 1 60 ? -14.292 -2.187  2.421   1.00 17.68 ? 64  GLU A O   1 
ATOM   509  C CB  . GLU A 1 60 ? -12.179 -0.155  0.729   1.00 18.91 ? 64  GLU A CB  1 
ATOM   510  C CG  . GLU A 1 60 ? -13.501 0.518   0.528   1.00 27.11 ? 64  GLU A CG  1 
ATOM   511  C CD  . GLU A 1 60 ? -13.411 1.679   -0.457  1.00 31.87 ? 64  GLU A CD  1 
ATOM   512  O OE1 . GLU A 1 60 ? -12.482 1.678   -1.302  1.00 33.23 ? 64  GLU A OE1 1 
ATOM   513  O OE2 . GLU A 1 60 ? -14.280 2.578   -0.380  1.00 35.50 ? 64  GLU A OE2 1 
ATOM   514  N N   . VAL A 1 61 ? -13.125 -3.132  0.740   1.00 15.97 ? 65  VAL A N   1 
ATOM   515  C CA  . VAL A 1 61 ? -14.169 -4.122  0.530   1.00 18.27 ? 65  VAL A CA  1 
ATOM   516  C C   . VAL A 1 61 ? -14.197 -5.130  1.682   1.00 18.17 ? 65  VAL A C   1 
ATOM   517  O O   . VAL A 1 61 ? -15.269 -5.593  2.086   1.00 18.38 ? 65  VAL A O   1 
ATOM   518  C CB  . VAL A 1 61 ? -14.022 -4.834  -0.848  1.00 17.64 ? 65  VAL A CB  1 
ATOM   519  C CG1 . VAL A 1 61 ? -12.693 -5.613  -0.927  1.00 18.23 ? 65  VAL A CG1 1 
ATOM   520  C CG2 . VAL A 1 61 ? -15.251 -5.735  -1.094  1.00 14.90 ? 65  VAL A CG2 1 
ATOM   521  N N   . VAL A 1 62 ? -13.032 -5.460  2.223   1.00 17.21 ? 66  VAL A N   1 
ATOM   522  C CA  . VAL A 1 62 ? -12.997 -6.374  3.352   1.00 18.75 ? 66  VAL A CA  1 
ATOM   523  C C   . VAL A 1 62 ? -13.757 -5.727  4.517   1.00 18.37 ? 66  VAL A C   1 
ATOM   524  O O   . VAL A 1 62 ? -14.579 -6.372  5.166   1.00 16.10 ? 66  VAL A O   1 
ATOM   525  C CB  . VAL A 1 62 ? -11.555 -6.676  3.794   1.00 19.68 ? 66  VAL A CB  1 
ATOM   526  C CG1 . VAL A 1 62 ? -11.561 -7.304  5.185   1.00 22.75 ? 66  VAL A CG1 1 
ATOM   527  C CG2 . VAL A 1 62 ? -10.911 -7.639  2.812   1.00 18.17 ? 66  VAL A CG2 1 
ATOM   528  N N   . ALA A 1 63 ? -13.483 -4.446  4.754   1.00 17.85 ? 67  ALA A N   1 
ATOM   529  C CA  . ALA A 1 63 ? -14.121 -3.697  5.836   1.00 20.05 ? 67  ALA A CA  1 
ATOM   530  C C   . ALA A 1 63 ? -15.634 -3.685  5.694   1.00 20.46 ? 67  ALA A C   1 
ATOM   531  O O   . ALA A 1 63 ? -16.363 -3.833  6.680   1.00 23.24 ? 67  ALA A O   1 
ATOM   532  C CB  . ALA A 1 63 ? -13.589 -2.254  5.868   1.00 17.74 ? 67  ALA A CB  1 
ATOM   533  N N   . SER A 1 64 ? -16.099 -3.527  4.462   1.00 21.52 ? 68  SER A N   1 
ATOM   534  C CA  . SER A 1 64 ? -17.522 -3.494  4.159   1.00 24.29 ? 68  SER A CA  1 
ATOM   535  C C   . SER A 1 64 ? -18.181 -4.862  4.362   1.00 25.50 ? 68  SER A C   1 
ATOM   536  O O   . SER A 1 64 ? -19.261 -4.964  4.945   1.00 26.82 ? 68  SER A O   1 
ATOM   537  C CB  . SER A 1 64 ? -17.719 -3.024  2.712   1.00 24.82 ? 68  SER A CB  1 
ATOM   538  O OG  . SER A 1 64 ? -19.086 -2.939  2.385   1.00 30.45 ? 68  SER A OG  1 
ATOM   539  N N   . ARG A 1 65 ? -17.527 -5.915  3.901   1.00 23.67 ? 69  ARG A N   1 
ATOM   540  C CA  . ARG A 1 65 ? -18.089 -7.248  4.035   1.00 26.07 ? 69  ARG A CA  1 
ATOM   541  C C   . ARG A 1 65 ? -18.143 -7.734  5.476   1.00 25.63 ? 69  ARG A C   1 
ATOM   542  O O   . ARG A 1 65 ? -19.070 -8.442  5.862   1.00 28.37 ? 69  ARG A O   1 
ATOM   543  C CB  A ARG A 1 65 ? -17.274 -8.245  3.203   0.39 25.04 ? 69  ARG A CB  1 
ATOM   544  C CB  B ARG A 1 65 ? -17.309 -8.235  3.157   0.61 25.78 ? 69  ARG A CB  1 
ATOM   545  C CG  A ARG A 1 65 ? -17.245 -7.957  1.712   0.39 25.53 ? 69  ARG A CG  1 
ATOM   546  C CG  B ARG A 1 65 ? -17.428 -7.930  1.671   0.61 27.67 ? 69  ARG A CG  1 
ATOM   547  C CD  A ARG A 1 65 ? -18.627 -8.047  1.089   0.39 26.67 ? 69  ARG A CD  1 
ATOM   548  C CD  B ARG A 1 65 ? -18.885 -7.710  1.283   0.61 30.51 ? 69  ARG A CD  1 
ATOM   549  N NE  A ARG A 1 65 ? -18.679 -9.003  -0.014  0.39 25.94 ? 69  ARG A NE  1 
ATOM   550  N NE  B ARG A 1 65 ? -19.056 -7.234  -0.091  0.61 31.64 ? 69  ARG A NE  1 
ATOM   551  C CZ  A ARG A 1 65 ? -18.534 -10.319 0.127   0.39 26.17 ? 69  ARG A CZ  1 
ATOM   552  C CZ  B ARG A 1 65 ? -19.091 -8.010  -1.170  0.61 31.88 ? 69  ARG A CZ  1 
ATOM   553  N NH1 A ARG A 1 65 ? -18.329 -10.844 1.323   0.39 25.55 ? 69  ARG A NH1 1 
ATOM   554  N NH1 B ARG A 1 65 ? -18.964 -9.327  -1.062  0.61 31.96 ? 69  ARG A NH1 1 
ATOM   555  N NH2 A ARG A 1 65 ? -18.598 -11.113 -0.930  0.39 26.40 ? 69  ARG A NH2 1 
ATOM   556  N NH2 B ARG A 1 65 ? -19.261 -7.463  -2.364  0.61 33.31 ? 69  ARG A NH2 1 
ATOM   557  N N   . LEU A 1 66 ? -17.168 -7.334  6.278   1.00 25.23 ? 70  LEU A N   1 
ATOM   558  C CA  . LEU A 1 66 ? -17.118 -7.757  7.670   1.00 25.45 ? 70  LEU A CA  1 
ATOM   559  C C   . LEU A 1 66 ? -17.713 -6.763  8.665   1.00 25.89 ? 70  LEU A C   1 
ATOM   560  O O   . LEU A 1 66 ? -17.794 -7.062  9.850   1.00 26.48 ? 70  LEU A O   1 
ATOM   561  C CB  . LEU A 1 66 ? -15.672 -8.043  8.076   1.00 23.78 ? 70  LEU A CB  1 
ATOM   562  C CG  . LEU A 1 66 ? -14.948 -9.118  7.250   1.00 23.44 ? 70  LEU A CG  1 
ATOM   563  C CD1 . LEU A 1 66 ? -13.508 -9.207  7.695   1.00 24.35 ? 70  LEU A CD1 1 
ATOM   564  C CD2 . LEU A 1 66 ? -15.638 -10.450 7.410   1.00 23.69 ? 70  LEU A CD2 1 
ATOM   565  N N   . GLY A 1 67 ? -18.130 -5.595  8.197   1.00 25.11 ? 71  GLY A N   1 
ATOM   566  C CA  . GLY A 1 67 ? -18.683 -4.620  9.120   1.00 26.13 ? 71  GLY A CA  1 
ATOM   567  C C   . GLY A 1 67 ? -17.640 -4.047  10.066  1.00 25.68 ? 71  GLY A C   1 
ATOM   568  O O   . GLY A 1 67 ? -17.936 -3.744  11.221  1.00 27.91 ? 71  GLY A O   1 
ATOM   569  N N   . LEU A 1 68 ? -16.413 -3.878  9.585   1.00 24.30 ? 72  LEU A N   1 
ATOM   570  C CA  . LEU A 1 68 ? -15.348 -3.327  10.422  1.00 23.49 ? 72  LEU A CA  1 
ATOM   571  C C   . LEU A 1 68 ? -14.999 -1.900  9.998   1.00 23.20 ? 72  LEU A C   1 
ATOM   572  O O   . LEU A 1 68 ? -15.056 -1.568  8.826   1.00 20.62 ? 72  LEU A O   1 
ATOM   573  C CB  . LEU A 1 68 ? -14.086 -4.191  10.315  1.00 24.96 ? 72  LEU A CB  1 
ATOM   574  C CG  . LEU A 1 68 ? -14.213 -5.693  10.603  1.00 27.12 ? 72  LEU A CG  1 
ATOM   575  C CD1 . LEU A 1 68 ? -12.877 -6.365  10.376  1.00 26.40 ? 72  LEU A CD1 1 
ATOM   576  C CD2 . LEU A 1 68 ? -14.672 -5.910  12.045  1.00 27.97 ? 72  LEU A CD2 1 
ATOM   577  N N   . PRO A 1 69 ? -14.661 -1.030  10.960  1.00 24.58 ? 73  PRO A N   1 
ATOM   578  C CA  . PRO A 1 69 ? -14.302 0.345   10.603  1.00 25.01 ? 73  PRO A CA  1 
ATOM   579  C C   . PRO A 1 69 ? -12.914 0.371   9.930   1.00 23.66 ? 73  PRO A C   1 
ATOM   580  O O   . PRO A 1 69 ? -12.023 -0.399  10.306  1.00 20.84 ? 73  PRO A O   1 
ATOM   581  C CB  . PRO A 1 69 ? -14.325 1.067   11.954  1.00 26.52 ? 73  PRO A CB  1 
ATOM   582  C CG  . PRO A 1 69 ? -14.020 -0.024  12.934  1.00 26.62 ? 73  PRO A CG  1 
ATOM   583  C CD  . PRO A 1 69 ? -14.838 -1.165  12.416  1.00 26.15 ? 73  PRO A CD  1 
ATOM   584  N N   . MET A 1 70 ? -12.751 1.227   8.918   1.00 24.10 ? 74  MET A N   1 
ATOM   585  C CA  . MET A 1 70 ? -11.482 1.344   8.198   1.00 23.85 ? 74  MET A CA  1 
ATOM   586  C C   . MET A 1 70 ? -10.316 1.760   9.074   1.00 24.68 ? 74  MET A C   1 
ATOM   587  O O   . MET A 1 70 ? -9.218  1.228   8.937   1.00 23.25 ? 74  MET A O   1 
ATOM   588  C CB  . MET A 1 70 ? -11.592 2.344   7.033   1.00 24.12 ? 74  MET A CB  1 
ATOM   589  C CG  . MET A 1 70 ? -12.044 1.731   5.712   1.00 26.94 ? 74  MET A CG  1 
ATOM   590  S SD  . MET A 1 70 ? -10.925 0.446   5.085   1.00 26.63 ? 74  MET A SD  1 
ATOM   591  C CE  . MET A 1 70 ? -9.542  1.388   4.601   1.00 28.47 ? 74  MET A CE  1 
ATOM   592  N N   . ASP A 1 71 ? -10.529 2.717   9.973   1.00 25.21 ? 75  ASP A N   1 
ATOM   593  C CA  . ASP A 1 71 ? -9.419  3.152   10.802  1.00 26.04 ? 75  ASP A CA  1 
ATOM   594  C C   . ASP A 1 71 ? -8.815  2.007   11.616  1.00 24.61 ? 75  ASP A C   1 
ATOM   595  O O   . ASP A 1 71 ? -7.594  1.932   11.788  1.00 23.29 ? 75  ASP A O   1 
ATOM   596  C CB  . ASP A 1 71 ? -9.841  4.326   11.707  1.00 31.48 ? 75  ASP A CB  1 
ATOM   597  C CG  . ASP A 1 71 ? -10.779 3.916   12.821  1.00 34.49 ? 75  ASP A CG  1 
ATOM   598  O OD1 . ASP A 1 71 ? -11.811 3.266   12.547  1.00 37.55 ? 75  ASP A OD1 1 
ATOM   599  O OD2 . ASP A 1 71 ? -10.480 4.263   13.983  1.00 39.65 ? 75  ASP A OD2 1 
ATOM   600  N N   . ILE A 1 72 ? -9.651  1.097   12.100  1.00 23.38 ? 76  ILE A N   1 
ATOM   601  C CA  . ILE A 1 72 ? -9.125  -0.022  12.869  1.00 24.43 ? 76  ILE A CA  1 
ATOM   602  C C   . ILE A 1 72 ? -8.431  -1.007  11.941  1.00 21.48 ? 76  ILE A C   1 
ATOM   603  O O   . ILE A 1 72 ? -7.360  -1.502  12.258  1.00 22.19 ? 76  ILE A O   1 
ATOM   604  C CB  . ILE A 1 72 ? -10.237 -0.776  13.653  1.00 25.88 ? 76  ILE A CB  1 
ATOM   605  C CG1 . ILE A 1 72 ? -11.053 0.210   14.494  1.00 28.58 ? 76  ILE A CG1 1 
ATOM   606  C CG2 . ILE A 1 72 ? -9.602  -1.847  14.530  1.00 27.56 ? 76  ILE A CG2 1 
ATOM   607  C CD1 . ILE A 1 72 ? -10.230 1.131   15.382  1.00 33.21 ? 76  ILE A CD1 1 
ATOM   608  N N   . LEU A 1 73 ? -9.039  -1.289  10.795  1.00 21.15 ? 77  LEU A N   1 
ATOM   609  C CA  . LEU A 1 73 ? -8.453  -2.220  9.831   1.00 20.17 ? 77  LEU A CA  1 
ATOM   610  C C   . LEU A 1 73 ? -7.080  -1.722  9.388   1.00 18.18 ? 77  LEU A C   1 
ATOM   611  O O   . LEU A 1 73 ? -6.109  -2.475  9.338   1.00 17.41 ? 77  LEU A O   1 
ATOM   612  C CB  . LEU A 1 73 ? -9.331  -2.336  8.582   1.00 22.51 ? 77  LEU A CB  1 
ATOM   613  C CG  . LEU A 1 73 ? -9.874  -3.699  8.160   1.00 27.09 ? 77  LEU A CG  1 
ATOM   614  C CD1 . LEU A 1 73 ? -10.311 -3.621  6.703   1.00 25.00 ? 77  LEU A CD1 1 
ATOM   615  C CD2 . LEU A 1 73 ? -8.815  -4.777  8.344   1.00 25.05 ? 77  LEU A CD2 1 
ATOM   616  N N   . LEU A 1 74 ? -7.017  -0.445  9.038   1.00 16.72 ? 78  LEU A N   1 
ATOM   617  C CA  . LEU A 1 74 ? -5.770  0.158   8.596   1.00 16.58 ? 78  LEU A CA  1 
ATOM   618  C C   . LEU A 1 74 ? -4.700  0.110   9.672   1.00 14.35 ? 78  LEU A C   1 
ATOM   619  O O   . LEU A 1 74 ? -3.563  -0.277  9.420   1.00 13.95 ? 78  LEU A O   1 
ATOM   620  C CB  . LEU A 1 74 ? -6.009  1.622   8.193   1.00 19.32 ? 78  LEU A CB  1 
ATOM   621  C CG  . LEU A 1 74 ? -6.583  1.889   6.810   1.00 18.48 ? 78  LEU A CG  1 
ATOM   622  C CD1 . LEU A 1 74 ? -6.949  3.357   6.671   1.00 20.96 ? 78  LEU A CD1 1 
ATOM   623  C CD2 . LEU A 1 74 ? -5.544  1.510   5.755   1.00 19.04 ? 78  LEU A CD2 1 
ATOM   624  N N   . LYS A 1 75 ? -5.056  0.527   10.877  1.00 15.48 ? 79  LYS A N   1 
ATOM   625  C CA  . LYS A 1 75 ? -4.078  0.536   11.957  1.00 17.06 ? 79  LYS A CA  1 
ATOM   626  C C   . LYS A 1 75 ? -3.571  -0.865  12.263  1.00 16.05 ? 79  LYS A C   1 
ATOM   627  O O   . LYS A 1 75 ? -2.359  -1.083  12.404  1.00 16.61 ? 79  LYS A O   1 
ATOM   628  C CB  . LYS A 1 75 ? -4.682  1.150   13.220  1.00 20.03 ? 79  LYS A CB  1 
ATOM   629  C CG  . LYS A 1 75 ? -3.641  1.381   14.306  1.00 25.10 ? 79  LYS A CG  1 
ATOM   630  C CD  . LYS A 1 75 ? -2.496  2.257   13.763  1.00 27.92 ? 79  LYS A CD  1 
ATOM   631  C CE  . LYS A 1 75 ? -1.556  2.710   14.864  1.00 30.09 ? 79  LYS A CE  1 
ATOM   632  N NZ  . LYS A 1 75 ? -2.316  3.509   15.856  1.00 30.06 ? 79  LYS A NZ  1 
ATOM   633  N N   . ASP A 1 76 ? -4.498  -1.814  12.371  1.00 15.24 ? 80  ASP A N   1 
ATOM   634  C CA  . ASP A 1 76 ? -4.118  -3.190  12.658  1.00 16.59 ? 80  ASP A CA  1 
ATOM   635  C C   . ASP A 1 76 ? -3.206  -3.768  11.579  1.00 15.66 ? 80  ASP A C   1 
ATOM   636  O O   . ASP A 1 76 ? -2.228  -4.456  11.884  1.00 14.06 ? 80  ASP A O   1 
ATOM   637  C CB  . ASP A 1 76 ? -5.364  -4.070  12.790  1.00 16.42 ? 80  ASP A CB  1 
ATOM   638  C CG  . ASP A 1 76 ? -5.989  -3.989  14.167  1.00 20.26 ? 80  ASP A CG  1 
ATOM   639  O OD1 . ASP A 1 76 ? -5.543  -3.137  14.979  1.00 21.18 ? 80  ASP A OD1 1 
ATOM   640  O OD2 . ASP A 1 76 ? -6.925  -4.772  14.426  1.00 19.19 ? 80  ASP A OD2 1 
ATOM   641  N N   . THR A 1 77 ? -3.548  -3.510  10.318  1.00 16.06 ? 81  THR A N   1 
ATOM   642  C CA  . THR A 1 77 ? -2.749  -4.005  9.203   1.00 16.05 ? 81  THR A CA  1 
ATOM   643  C C   . THR A 1 77 ? -1.354  -3.413  9.319   1.00 15.95 ? 81  THR A C   1 
ATOM   644  O O   . THR A 1 77 ? -0.350  -4.114  9.217   1.00 17.68 ? 81  THR A O   1 
ATOM   645  C CB  . THR A 1 77 ? -3.375  -3.622  7.841   1.00 18.63 ? 81  THR A CB  1 
ATOM   646  O OG1 . THR A 1 77 ? -4.696  -4.193  7.732   1.00 18.43 ? 81  THR A OG1 1 
ATOM   647  C CG2 . THR A 1 77 ? -2.515  -4.150  6.710   1.00 17.63 ? 81  THR A CG2 1 
ATOM   648  N N   . TYR A 1 78 ? -1.284  -2.109  9.539   1.00 17.55 ? 82  TYR A N   1 
ATOM   649  C CA  . TYR A 1 78 ? 0.013   -1.467  9.726   1.00 18.50 ? 82  TYR A CA  1 
ATOM   650  C C   . TYR A 1 78 ? 0.780   -2.114  10.882  1.00 19.72 ? 82  TYR A C   1 
ATOM   651  O O   . TYR A 1 78 ? 1.968   -2.463  10.744  1.00 20.08 ? 82  TYR A O   1 
ATOM   652  C CB  . TYR A 1 78 ? -0.159  0.019   10.054  1.00 19.51 ? 82  TYR A CB  1 
ATOM   653  C CG  . TYR A 1 78 ? 1.122   0.643   10.552  1.00 20.12 ? 82  TYR A CG  1 
ATOM   654  C CD1 . TYR A 1 78 ? 2.252   0.693   9.735   1.00 22.82 ? 82  TYR A CD1 1 
ATOM   655  C CD2 . TYR A 1 78 ? 1.224   1.129   11.851  1.00 20.56 ? 82  TYR A CD2 1 
ATOM   656  C CE1 . TYR A 1 78 ? 3.458   1.201   10.202  1.00 23.17 ? 82  TYR A CE1 1 
ATOM   657  C CE2 . TYR A 1 78 ? 2.427   1.647   12.333  1.00 22.56 ? 82  TYR A CE2 1 
ATOM   658  C CZ  . TYR A 1 78 ? 3.539   1.674   11.499  1.00 24.59 ? 82  TYR A CZ  1 
ATOM   659  O OH  . TYR A 1 78 ? 4.736   2.158   11.965  1.00 23.22 ? 82  TYR A OH  1 
ATOM   660  N N   . GLU A 1 79 ? 0.114   -2.275  12.023  1.00 19.22 ? 83  GLU A N   1 
ATOM   661  C CA  . GLU A 1 79 ? 0.796   -2.842  13.191  1.00 20.59 ? 83  GLU A CA  1 
ATOM   662  C C   . GLU A 1 79 ? 1.213   -4.301  13.049  1.00 21.27 ? 83  GLU A C   1 
ATOM   663  O O   . GLU A 1 79 ? 2.049   -4.790  13.819  1.00 21.48 ? 83  GLU A O   1 
ATOM   664  C CB  A GLU A 1 79 ? -0.079  -2.682  14.437  0.34 19.89 ? 83  GLU A CB  1 
ATOM   665  C CB  B GLU A 1 79 ? -0.075  -2.693  14.446  0.48 19.69 ? 83  GLU A CB  1 
ATOM   666  C CG  A GLU A 1 79 ? -0.532  -1.247  14.690  0.34 20.01 ? 83  GLU A CG  1 
ATOM   667  C CG  B GLU A 1 79 ? -0.290  -1.249  14.934  0.48 19.73 ? 83  GLU A CG  1 
ATOM   668  C CD  A GLU A 1 79 ? -0.994  -1.018  16.112  0.34 19.37 ? 83  GLU A CD  1 
ATOM   669  C CD  B GLU A 1 79 ? 1.009   -0.522  15.268  0.48 19.14 ? 83  GLU A CD  1 
ATOM   670  O OE1 A GLU A 1 79 ? -1.807  -1.819  16.613  0.34 18.21 ? 83  GLU A OE1 1 
ATOM   671  O OE1 B GLU A 1 79 ? 2.058   -1.187  15.412  0.48 18.23 ? 83  GLU A OE1 1 
ATOM   672  O OE2 A GLU A 1 79 ? -0.544  -0.029  16.731  0.34 19.67 ? 83  GLU A OE2 1 
ATOM   673  O OE2 B GLU A 1 79 ? 0.981   0.722   15.404  0.48 18.79 ? 83  GLU A OE2 1 
ATOM   674  N N   . SER A 1 80 ? 0.646   -4.999  12.069  1.00 22.19 ? 84  SER A N   1 
ATOM   675  C CA  . SER A 1 80 ? 0.975   -6.413  11.861  1.00 21.76 ? 84  SER A CA  1 
ATOM   676  C C   . SER A 1 80 ? 2.387   -6.553  11.321  1.00 24.56 ? 84  SER A C   1 
ATOM   677  O O   . SER A 1 80 ? 3.015   -7.608  11.432  1.00 23.43 ? 84  SER A O   1 
ATOM   678  C CB  . SER A 1 80 ? -0.008  -7.052  10.870  1.00 22.19 ? 84  SER A CB  1 
ATOM   679  O OG  . SER A 1 80 ? 0.205   -6.576  9.546   1.00 18.42 ? 84  SER A OG  1 
ATOM   680  N N   . ILE A 1 81 ? 2.888   -5.486  10.724  1.00 23.69 ? 85  ILE A N   1 
ATOM   681  C CA  . ILE A 1 81 ? 4.219   -5.523  10.163  1.00 28.21 ? 85  ILE A CA  1 
ATOM   682  C C   . ILE A 1 81 ? 5.259   -5.447  11.283  1.00 31.81 ? 85  ILE A C   1 
ATOM   683  O O   . ILE A 1 81 ? 5.310   -4.474  12.033  1.00 31.95 ? 85  ILE A O   1 
ATOM   684  C CB  . ILE A 1 81 ? 4.425   -4.360  9.180   1.00 25.64 ? 85  ILE A CB  1 
ATOM   685  C CG1 . ILE A 1 81 ? 3.362   -4.426  8.075   1.00 25.14 ? 85  ILE A CG1 1 
ATOM   686  C CG2 . ILE A 1 81 ? 5.819   -4.434  8.572   1.00 28.18 ? 85  ILE A CG2 1 
ATOM   687  C CD1 . ILE A 1 81 ? 3.420   -3.273  7.126   1.00 25.39 ? 85  ILE A CD1 1 
ATOM   688  N N   . SER A 1 82 ? 6.072   -6.490  11.406  1.00 37.22 ? 86  SER A N   1 
ATOM   689  C CA  . SER A 1 82 ? 7.107   -6.514  12.440  1.00 41.65 ? 86  SER A CA  1 
ATOM   690  C C   . SER A 1 82 ? 8.070   -5.372  12.187  1.00 44.29 ? 86  SER A C   1 
ATOM   691  O O   . SER A 1 82 ? 8.497   -5.163  11.052  1.00 44.63 ? 86  SER A O   1 
ATOM   692  C CB  . SER A 1 82 ? 7.879   -7.836  12.401  1.00 41.51 ? 86  SER A CB  1 
ATOM   693  O OG  . SER A 1 82 ? 7.024   -8.935  12.652  1.00 44.20 ? 86  SER A OG  1 
ATOM   694  N N   . LYS A 1 83 ? 8.404   -4.625  13.234  1.00 47.81 ? 87  LYS A N   1 
ATOM   695  C CA  . LYS A 1 83 ? 9.340   -3.514  13.091  1.00 50.51 ? 87  LYS A CA  1 
ATOM   696  C C   . LYS A 1 83 ? 10.746  -4.032  13.368  1.00 52.25 ? 87  LYS A C   1 
ATOM   697  O O   . LYS A 1 83 ? 11.736  -3.346  13.108  1.00 52.89 ? 87  LYS A O   1 
ATOM   698  C CB  . LYS A 1 83 ? 8.997   -2.384  14.065  1.00 50.93 ? 87  LYS A CB  1 
ATOM   699  C CG  . LYS A 1 83 ? 7.681   -1.678  13.774  1.00 51.74 ? 87  LYS A CG  1 
ATOM   700  C CD  . LYS A 1 83 ? 7.504   -0.487  14.710  1.00 52.91 ? 87  LYS A CD  1 
ATOM   701  C CE  . LYS A 1 83 ? 6.197   0.248   14.474  1.00 53.09 ? 87  LYS A CE  1 
ATOM   702  N NZ  . LYS A 1 83 ? 6.056   1.410   15.403  1.00 53.34 ? 87  LYS A NZ  1 
ATOM   703  N N   . SER A 1 84 ? 10.812  -5.252  13.894  1.00 53.27 ? 88  SER A N   1 
ATOM   704  C CA  . SER A 1 84 ? 12.078  -5.907  14.211  1.00 54.76 ? 88  SER A CA  1 
ATOM   705  C C   . SER A 1 84 ? 11.827  -7.380  14.542  1.00 55.03 ? 88  SER A C   1 
ATOM   706  O O   . SER A 1 84 ? 10.641  -7.773  14.609  1.00 54.80 ? 88  SER A O   1 
ATOM   707  C CB  . SER A 1 84 ? 12.758  -5.220  15.402  1.00 55.61 ? 88  SER A CB  1 
ATOM   708  O OG  . SER A 1 84 ? 14.014  -5.819  15.691  1.00 56.15 ? 88  SER A OG  1 
ATOM   709  O OXT . SER A 1 84 ? 12.818  -8.118  14.736  1.00 55.51 ? 88  SER A OXT 1 
ATOM   710  N N   . PRO B 1 1  ? 7.424   3.628   -20.168 1.00 45.41 ? 5   PRO B N   1 
ATOM   711  C CA  . PRO B 1 1  ? 6.655   2.519   -19.554 1.00 45.08 ? 5   PRO B CA  1 
ATOM   712  C C   . PRO B 1 1  ? 5.888   3.025   -18.331 1.00 44.60 ? 5   PRO B C   1 
ATOM   713  O O   . PRO B 1 1  ? 5.753   2.315   -17.331 1.00 45.60 ? 5   PRO B O   1 
ATOM   714  C CB  . PRO B 1 1  ? 7.671   1.452   -19.152 1.00 46.01 ? 5   PRO B CB  1 
ATOM   715  C CG  . PRO B 1 1  ? 8.833   1.752   -20.108 1.00 45.73 ? 5   PRO B CG  1 
ATOM   716  C CD  . PRO B 1 1  ? 8.857   3.284   -20.208 1.00 45.64 ? 5   PRO B CD  1 
ATOM   717  N N   . THR B 1 2  ? 5.364   4.243   -18.427 1.00 42.44 ? 6   THR B N   1 
ATOM   718  C CA  . THR B 1 2  ? 4.644   4.869   -17.318 1.00 40.20 ? 6   THR B CA  1 
ATOM   719  C C   . THR B 1 2  ? 3.236   4.354   -16.984 1.00 37.30 ? 6   THR B C   1 
ATOM   720  O O   . THR B 1 2  ? 2.524   3.801   -17.831 1.00 35.86 ? 6   THR B O   1 
ATOM   721  C CB  . THR B 1 2  ? 4.563   6.395   -17.526 1.00 41.50 ? 6   THR B CB  1 
ATOM   722  O OG1 . THR B 1 2  ? 3.900   6.997   -16.410 1.00 45.05 ? 6   THR B OG1 1 
ATOM   723  C CG2 . THR B 1 2  ? 3.803   6.715   -18.791 1.00 42.61 ? 6   THR B CG2 1 
ATOM   724  N N   . ILE B 1 3  ? 2.855   4.566   -15.728 1.00 32.23 ? 7   ILE B N   1 
ATOM   725  C CA  . ILE B 1 3  ? 1.554   4.171   -15.185 1.00 30.69 ? 7   ILE B CA  1 
ATOM   726  C C   . ILE B 1 3  ? 0.566   5.308   -15.442 1.00 30.20 ? 7   ILE B C   1 
ATOM   727  O O   . ILE B 1 3  ? 0.843   6.457   -15.104 1.00 30.81 ? 7   ILE B O   1 
ATOM   728  C CB  . ILE B 1 3  ? 1.670   3.932   -13.652 1.00 28.51 ? 7   ILE B CB  1 
ATOM   729  C CG1 . ILE B 1 3  ? 2.766   2.892   -13.377 1.00 27.82 ? 7   ILE B CG1 1 
ATOM   730  C CG2 . ILE B 1 3  ? 0.343   3.488   -13.087 1.00 25.91 ? 7   ILE B CG2 1 
ATOM   731  C CD1 . ILE B 1 3  ? 3.277   2.871   -11.923 1.00 28.23 ? 7   ILE B CD1 1 
ATOM   732  N N   . HIS B 1 4  ? -0.587  5.007   -16.032 1.00 31.19 ? 8   HIS B N   1 
ATOM   733  C CA  . HIS B 1 4  ? -1.540  6.076   -16.307 1.00 31.72 ? 8   HIS B CA  1 
ATOM   734  C C   . HIS B 1 4  ? -2.815  6.065   -15.480 1.00 32.40 ? 8   HIS B C   1 
ATOM   735  O O   . HIS B 1 4  ? -3.673  6.938   -15.655 1.00 34.17 ? 8   HIS B O   1 
ATOM   736  C CB  . HIS B 1 4  ? -1.911  6.101   -17.793 1.00 32.29 ? 8   HIS B CB  1 
ATOM   737  C CG  . HIS B 1 4  ? -0.744  6.327   -18.700 1.00 29.72 ? 8   HIS B CG  1 
ATOM   738  N ND1 . HIS B 1 4  ? -0.074  5.293   -19.319 1.00 29.76 ? 8   HIS B ND1 1 
ATOM   739  C CD2 . HIS B 1 4  ? -0.106  7.464   -19.066 1.00 29.02 ? 8   HIS B CD2 1 
ATOM   740  C CE1 . HIS B 1 4  ? 0.927   5.784   -20.027 1.00 28.99 ? 8   HIS B CE1 1 
ATOM   741  N NE2 . HIS B 1 4  ? 0.931   7.098   -19.889 1.00 27.66 ? 8   HIS B NE2 1 
ATOM   742  N N   . ASP B 1 5  ? -2.945  5.106   -14.570 1.00 31.75 ? 9   ASP B N   1 
ATOM   743  C CA  . ASP B 1 5  ? -4.149  5.042   -13.754 1.00 31.57 ? 9   ASP B CA  1 
ATOM   744  C C   . ASP B 1 5  ? -4.327  6.286   -12.899 1.00 30.21 ? 9   ASP B C   1 
ATOM   745  O O   . ASP B 1 5  ? -3.474  6.614   -12.062 1.00 28.54 ? 9   ASP B O   1 
ATOM   746  C CB  . ASP B 1 5  ? -4.153  3.820   -12.852 1.00 32.88 ? 9   ASP B CB  1 
ATOM   747  C CG  . ASP B 1 5  ? -5.457  3.680   -12.110 1.00 35.01 ? 9   ASP B CG  1 
ATOM   748  O OD1 . ASP B 1 5  ? -6.495  3.454   -12.774 1.00 38.41 ? 9   ASP B OD1 1 
ATOM   749  O OD2 . ASP B 1 5  ? -5.458  3.816   -10.875 1.00 35.01 ? 9   ASP B OD2 1 
ATOM   750  N N   . HIS B 1 6  ? -5.463  6.951   -13.086 1.00 29.00 ? 10  HIS B N   1 
ATOM   751  C CA  . HIS B 1 6  ? -5.747  8.193   -12.380 1.00 29.48 ? 10  HIS B CA  1 
ATOM   752  C C   . HIS B 1 6  ? -5.725  8.182   -10.851 1.00 27.88 ? 10  HIS B C   1 
ATOM   753  O O   . HIS B 1 6  ? -5.045  9.016   -10.239 1.00 26.79 ? 10  HIS B O   1 
ATOM   754  C CB  . HIS B 1 6  ? -7.082  8.782   -12.855 1.00 31.98 ? 10  HIS B CB  1 
ATOM   755  C CG  . HIS B 1 6  ? -7.379  10.130  -12.273 1.00 35.07 ? 10  HIS B CG  1 
ATOM   756  N ND1 . HIS B 1 6  ? -6.507  11.193  -12.381 1.00 35.71 ? 10  HIS B ND1 1 
ATOM   757  C CD2 . HIS B 1 6  ? -8.434  10.580  -11.552 1.00 36.42 ? 10  HIS B CD2 1 
ATOM   758  C CE1 . HIS B 1 6  ? -7.011  12.239  -11.747 1.00 36.65 ? 10  HIS B CE1 1 
ATOM   759  N NE2 . HIS B 1 6  ? -8.179  11.893  -11.236 1.00 37.32 ? 10  HIS B NE2 1 
ATOM   760  N N   . ARG B 1 7  ? -6.468  7.273   -10.226 1.00 23.53 ? 11  ARG B N   1 
ATOM   761  C CA  . ARG B 1 7  ? -6.497  7.250   -8.772  1.00 20.97 ? 11  ARG B CA  1 
ATOM   762  C C   . ARG B 1 7  ? -5.138  6.880   -8.172  1.00 19.31 ? 11  ARG B C   1 
ATOM   763  O O   . ARG B 1 7  ? -4.774  7.392   -7.121  1.00 19.22 ? 11  ARG B O   1 
ATOM   764  C CB  A ARG B 1 7  ? -7.558  6.271   -8.259  0.30 21.18 ? 11  ARG B CB  1 
ATOM   765  C CB  B ARG B 1 7  ? -7.588  6.293   -8.272  0.56 21.44 ? 11  ARG B CB  1 
ATOM   766  C CG  A ARG B 1 7  ? -8.873  6.924   -7.853  0.30 21.24 ? 11  ARG B CG  1 
ATOM   767  C CG  B ARG B 1 7  ? -9.009  6.675   -8.700  0.56 22.29 ? 11  ARG B CG  1 
ATOM   768  C CD  A ARG B 1 7  ? -9.722  5.971   -7.015  0.30 21.53 ? 11  ARG B CD  1 
ATOM   769  C CD  B ARG B 1 7  ? -10.030 6.264   -7.649  0.56 22.17 ? 11  ARG B CD  1 
ATOM   770  N NE  A ARG B 1 7  ? -10.991 6.568   -6.617  0.30 21.38 ? 11  ARG B NE  1 
ATOM   771  N NE  B ARG B 1 7  ? -9.942  4.848   -7.304  0.56 25.31 ? 11  ARG B NE  1 
ATOM   772  C CZ  A ARG B 1 7  ? -11.930 6.954   -7.475  0.30 21.38 ? 11  ARG B CZ  1 
ATOM   773  C CZ  B ARG B 1 7  ? -10.395 4.326   -6.169  0.56 25.87 ? 11  ARG B CZ  1 
ATOM   774  N NH1 A ARG B 1 7  ? -11.736 6.807   -8.777  0.30 21.14 ? 11  ARG B NH1 1 
ATOM   775  N NH1 B ARG B 1 7  ? -10.962 5.107   -5.263  0.56 27.15 ? 11  ARG B NH1 1 
ATOM   776  N NH2 A ARG B 1 7  ? -13.063 7.480   -7.034  0.30 21.28 ? 11  ARG B NH2 1 
ATOM   777  N NH2 B ARG B 1 7  ? -10.299 3.023   -5.945  0.56 26.93 ? 11  ARG B NH2 1 
ATOM   778  N N   . TYR B 1 8  ? -4.397  6.014   -8.855  1.00 19.01 ? 12  TYR B N   1 
ATOM   779  C CA  . TYR B 1 8  ? -3.070  5.605   -8.388  1.00 20.85 ? 12  TYR B CA  1 
ATOM   780  C C   . TYR B 1 8  ? -2.134  6.812   -8.439  1.00 21.77 ? 12  TYR B C   1 
ATOM   781  O O   . TYR B 1 8  ? -1.375  7.073   -7.496  1.00 18.98 ? 12  TYR B O   1 
ATOM   782  C CB  . TYR B 1 8  ? -2.519  4.450   -9.248  1.00 20.70 ? 12  TYR B CB  1 
ATOM   783  C CG  . TYR B 1 8  ? -1.080  4.100   -8.916  1.00 20.57 ? 12  TYR B CG  1 
ATOM   784  C CD1 . TYR B 1 8  ? -0.022  4.732   -9.575  1.00 19.60 ? 12  TYR B CD1 1 
ATOM   785  C CD2 . TYR B 1 8  ? -0.771  3.241   -7.854  1.00 18.59 ? 12  TYR B CD2 1 
ATOM   786  C CE1 . TYR B 1 8  ? 1.300   4.540   -9.187  1.00 17.25 ? 12  TYR B CE1 1 
ATOM   787  C CE2 . TYR B 1 8  ? 0.564   3.040   -7.458  1.00 18.22 ? 12  TYR B CE2 1 
ATOM   788  C CZ  . TYR B 1 8  ? 1.592   3.704   -8.132  1.00 18.53 ? 12  TYR B CZ  1 
ATOM   789  O OH  . TYR B 1 8  ? 2.911   3.568   -7.727  1.00 18.32 ? 12  TYR B OH  1 
ATOM   790  N N   . ARG B 1 9  ? -2.205  7.560   -9.536  1.00 23.38 ? 13  ARG B N   1 
ATOM   791  C CA  . ARG B 1 9  ? -1.382  8.753   -9.698  1.00 24.72 ? 13  ARG B CA  1 
ATOM   792  C C   . ARG B 1 9  ? -1.672  9.759   -8.597  1.00 24.85 ? 13  ARG B C   1 
ATOM   793  O O   . ARG B 1 9  ? -0.751  10.369  -8.044  1.00 25.87 ? 13  ARG B O   1 
ATOM   794  C CB  . ARG B 1 9  ? -1.634  9.401   -11.069 1.00 25.04 ? 13  ARG B CB  1 
ATOM   795  C CG  . ARG B 1 9  ? -1.006  8.638   -12.213 1.00 29.42 ? 13  ARG B CG  1 
ATOM   796  C CD  . ARG B 1 9  ? -1.166  9.384   -13.534 1.00 32.17 ? 13  ARG B CD  1 
ATOM   797  N NE  . ARG B 1 9  ? -0.119  8.992   -14.465 1.00 35.48 ? 13  ARG B NE  1 
ATOM   798  C CZ  . ARG B 1 9  ? 0.722   9.838   -15.050 1.00 35.23 ? 13  ARG B CZ  1 
ATOM   799  N NH1 . ARG B 1 9  ? 0.646   11.144  -14.815 1.00 34.57 ? 13  ARG B NH1 1 
ATOM   800  N NH2 . ARG B 1 9  ? 1.662   9.366   -15.851 1.00 35.61 ? 13  ARG B NH2 1 
HETATM 801  N N   . CME B 1 10 ? -2.950  9.934   -8.275  1.00 25.63 ? 14  CME B N   1 
HETATM 802  C CA  . CME B 1 10 ? -3.334  10.875  -7.228  1.00 25.39 ? 14  CME B CA  1 
HETATM 803  C CB  . CME B 1 10 ? -4.857  10.981  -7.139  1.00 29.75 ? 14  CME B CB  1 
HETATM 804  S SG  . CME B 1 10 ? -5.596  11.590  -8.697  1.00 38.12 ? 14  CME B SG  1 
HETATM 805  S SD  . CME B 1 10 ? -4.654  13.369  -8.990  1.00 42.40 ? 14  CME B SD  1 
HETATM 806  C CE  . CME B 1 10 ? -5.723  14.610  -8.186  1.00 44.04 ? 14  CME B CE  1 
HETATM 807  C CZ  . CME B 1 10 ? -6.016  14.339  -6.720  1.00 45.02 ? 14  CME B CZ  1 
HETATM 808  O OH  . CME B 1 10 ? -6.917  13.252  -6.604  1.00 47.64 ? 14  CME B OH  1 
HETATM 809  C C   . CME B 1 10 ? -2.756  10.477  -5.872  1.00 24.79 ? 14  CME B C   1 
HETATM 810  O O   . CME B 1 10 ? -2.284  11.329  -5.114  1.00 23.57 ? 14  CME B O   1 
ATOM   811  N N   . LEU B 1 11 ? -2.800  9.181   -5.571  1.00 21.65 ? 15  LEU B N   1 
ATOM   812  C CA  . LEU B 1 11 ? -2.275  8.666   -4.318  1.00 19.82 ? 15  LEU B CA  1 
ATOM   813  C C   . LEU B 1 11 ? -0.781  8.990   -4.205  1.00 19.85 ? 15  LEU B C   1 
ATOM   814  O O   . LEU B 1 11 ? -0.329  9.559   -3.202  1.00 19.98 ? 15  LEU B O   1 
ATOM   815  C CB  . LEU B 1 11 ? -2.482  7.144   -4.250  1.00 19.02 ? 15  LEU B CB  1 
ATOM   816  C CG  . LEU B 1 11 ? -1.842  6.438   -3.054  1.00 19.97 ? 15  LEU B CG  1 
ATOM   817  C CD1 . LEU B 1 11 ? -2.433  6.962   -1.777  1.00 19.87 ? 15  LEU B CD1 1 
ATOM   818  C CD2 . LEU B 1 11 ? -2.058  4.949   -3.159  1.00 17.92 ? 15  LEU B CD2 1 
ATOM   819  N N   . VAL B 1 12 ? -0.027  8.626   -5.235  1.00 19.88 ? 16  VAL B N   1 
ATOM   820  C CA  . VAL B 1 12 ? 1.413   8.866   -5.258  1.00 19.89 ? 16  VAL B CA  1 
ATOM   821  C C   . VAL B 1 12 ? 1.740   10.361  -5.189  1.00 20.82 ? 16  VAL B C   1 
ATOM   822  O O   . VAL B 1 12 ? 2.727   10.753  -4.572  1.00 19.53 ? 16  VAL B O   1 
ATOM   823  C CB  . VAL B 1 12 ? 2.055   8.261   -6.512  1.00 20.11 ? 16  VAL B CB  1 
ATOM   824  C CG1 . VAL B 1 12 ? 3.530   8.663   -6.594  1.00 21.58 ? 16  VAL B CG1 1 
ATOM   825  C CG2 . VAL B 1 12 ? 1.932   6.726   -6.466  1.00 21.99 ? 16  VAL B CG2 1 
ATOM   826  N N   . GLN B 1 13 ? 0.919   11.195  -5.817  1.00 20.59 ? 17  GLN B N   1 
ATOM   827  C CA  . GLN B 1 13 ? 1.161   12.639  -5.763  1.00 23.00 ? 17  GLN B CA  1 
ATOM   828  C C   . GLN B 1 13 ? 1.013   13.129  -4.332  1.00 21.42 ? 17  GLN B C   1 
ATOM   829  O O   . GLN B 1 13 ? 1.780   13.982  -3.889  1.00 22.41 ? 17  GLN B O   1 
ATOM   830  C CB  . GLN B 1 13 ? 0.200   13.400  -6.685  1.00 24.80 ? 17  GLN B CB  1 
ATOM   831  C CG  . GLN B 1 13 ? 0.384   13.055  -8.157  1.00 30.86 ? 17  GLN B CG  1 
ATOM   832  C CD  . GLN B 1 13 ? -0.476  13.912  -9.060  1.00 34.87 ? 17  GLN B CD  1 
ATOM   833  O OE1 . GLN B 1 13 ? -1.640  14.189  -8.752  1.00 36.70 ? 17  GLN B OE1 1 
ATOM   834  N NE2 . GLN B 1 13 ? 0.086   14.330  -10.187 1.00 36.89 ? 17  GLN B NE2 1 
ATOM   835  N N   . LEU B 1 14 ? 0.043   12.581  -3.602  1.00 21.19 ? 18  LEU B N   1 
ATOM   836  C CA  . LEU B 1 14 ? -0.162  12.955  -2.206  1.00 19.53 ? 18  LEU B CA  1 
ATOM   837  C C   . LEU B 1 14 ? 1.027   12.505  -1.364  1.00 19.03 ? 18  LEU B C   1 
ATOM   838  O O   . LEU B 1 14 ? 1.510   13.241  -0.508  1.00 18.14 ? 18  LEU B O   1 
ATOM   839  C CB  . LEU B 1 14 ? -1.436  12.315  -1.642  1.00 21.00 ? 18  LEU B CB  1 
ATOM   840  C CG  . LEU B 1 14 ? -1.572  12.354  -0.112  1.00 23.04 ? 18  LEU B CG  1 
ATOM   841  C CD1 . LEU B 1 14 ? -1.642  13.799  0.366   1.00 24.64 ? 18  LEU B CD1 1 
ATOM   842  C CD2 . LEU B 1 14 ? -2.829  11.597  0.342   1.00 23.42 ? 18  LEU B CD2 1 
ATOM   843  N N   . LEU B 1 15 ? 1.488   11.285  -1.602  1.00 19.01 ? 19  LEU B N   1 
ATOM   844  C CA  . LEU B 1 15 ? 2.611   10.754  -0.848  1.00 17.25 ? 19  LEU B CA  1 
ATOM   845  C C   . LEU B 1 15 ? 3.868   11.566  -1.145  1.00 17.54 ? 19  LEU B C   1 
ATOM   846  O O   . LEU B 1 15 ? 4.729   11.721  -0.283  1.00 17.59 ? 19  LEU B O   1 
ATOM   847  C CB  . LEU B 1 15 ? 2.832   9.289   -1.200  1.00 16.45 ? 19  LEU B CB  1 
ATOM   848  C CG  . LEU B 1 15 ? 1.646   8.353   -0.918  1.00 15.49 ? 19  LEU B CG  1 
ATOM   849  C CD1 . LEU B 1 15 ? 2.020   6.957   -1.385  1.00 15.77 ? 19  LEU B CD1 1 
ATOM   850  C CD2 . LEU B 1 15 ? 1.313   8.342   0.583   1.00 15.48 ? 19  LEU B CD2 1 
ATOM   851  N N   . THR B 1 16 ? 3.981   12.075  -2.368  1.00 17.58 ? 20  THR B N   1 
ATOM   852  C CA  . THR B 1 16 ? 5.140   12.892  -2.723  1.00 18.76 ? 20  THR B CA  1 
ATOM   853  C C   . THR B 1 16 ? 5.067   14.191  -1.901  1.00 19.43 ? 20  THR B C   1 
ATOM   854  O O   . THR B 1 16 ? 6.069   14.646  -1.334  1.00 17.87 ? 20  THR B O   1 
ATOM   855  C CB  . THR B 1 16 ? 5.171   13.179  -4.245  1.00 20.26 ? 20  THR B CB  1 
ATOM   856  O OG1 . THR B 1 16 ? 5.370   11.940  -4.956  1.00 19.05 ? 20  THR B OG1 1 
ATOM   857  C CG2 . THR B 1 16 ? 6.317   14.148  -4.595  1.00 20.81 ? 20  THR B CG2 1 
ATOM   858  N N   . LYS B 1 17 ? 3.873   14.772  -1.809  1.00 22.52 ? 21  LYS B N   1 
ATOM   859  C CA  . LYS B 1 17 ? 3.684   15.985  -1.018  1.00 22.06 ? 21  LYS B CA  1 
ATOM   860  C C   . LYS B 1 17 ? 3.983   15.732  0.464   1.00 22.24 ? 21  LYS B C   1 
ATOM   861  O O   . LYS B 1 17 ? 4.541   16.601  1.142   1.00 21.70 ? 21  LYS B O   1 
ATOM   862  C CB  . LYS B 1 17 ? 2.252   16.516  -1.169  1.00 25.39 ? 21  LYS B CB  1 
ATOM   863  C CG  . LYS B 1 17 ? 1.956   17.102  -2.537  1.00 30.20 ? 21  LYS B CG  1 
ATOM   864  C CD  . LYS B 1 17 ? 0.525   17.637  -2.614  1.00 33.86 ? 21  LYS B CD  1 
ATOM   865  C CE  . LYS B 1 17 ? 0.273   18.431  -3.908  1.00 35.76 ? 21  LYS B CE  1 
ATOM   866  N NZ  . LYS B 1 17 ? 0.538   17.677  -5.173  1.00 35.85 ? 21  LYS B NZ  1 
ATOM   867  N N   . LEU B 1 18 ? 3.604   14.558  0.972   1.00 19.26 ? 22  LEU B N   1 
ATOM   868  C CA  . LEU B 1 18 ? 3.873   14.215  2.370   1.00 19.19 ? 22  LEU B CA  1 
ATOM   869  C C   . LEU B 1 18 ? 5.379   14.151  2.607   1.00 19.35 ? 22  LEU B C   1 
ATOM   870  O O   . LEU B 1 18 ? 5.882   14.619  3.628   1.00 17.89 ? 22  LEU B O   1 
ATOM   871  C CB  . LEU B 1 18 ? 3.232   12.863  2.739   1.00 17.44 ? 22  LEU B CB  1 
ATOM   872  C CG  . LEU B 1 18 ? 1.706   12.901  2.917   1.00 17.33 ? 22  LEU B CG  1 
ATOM   873  C CD1 . LEU B 1 18 ? 1.153   11.480  3.159   1.00 16.87 ? 22  LEU B CD1 1 
ATOM   874  C CD2 . LEU B 1 18 ? 1.364   13.830  4.082   1.00 17.99 ? 22  LEU B CD2 1 
ATOM   875  N N   . ARG B 1 19 ? 6.082   13.550  1.651   1.00 18.84 ? 23  ARG B N   1 
ATOM   876  C CA  . ARG B 1 19 ? 7.538   13.421  1.690   1.00 19.25 ? 23  ARG B CA  1 
ATOM   877  C C   . ARG B 1 19 ? 8.163   14.813  1.845   1.00 19.69 ? 23  ARG B C   1 
ATOM   878  O O   . ARG B 1 19 ? 9.003   15.063  2.724   1.00 16.61 ? 23  ARG B O   1 
ATOM   879  C CB  . ARG B 1 19 ? 8.020   12.814  0.375   1.00 20.24 ? 23  ARG B CB  1 
ATOM   880  C CG  . ARG B 1 19 ? 9.369   12.155  0.436   1.00 24.75 ? 23  ARG B CG  1 
ATOM   881  C CD  . ARG B 1 19 ? 10.409  12.770  -0.464  1.00 24.48 ? 23  ARG B CD  1 
ATOM   882  N NE  . ARG B 1 19 ? 10.021  13.120  -1.832  1.00 21.30 ? 23  ARG B NE  1 
ATOM   883  C CZ  . ARG B 1 19 ? 10.560  14.167  -2.455  1.00 23.54 ? 23  ARG B CZ  1 
ATOM   884  N NH1 . ARG B 1 19 ? 11.458  14.892  -1.796  1.00 18.61 ? 23  ARG B NH1 1 
ATOM   885  N NH2 . ARG B 1 19 ? 10.235  14.495  -3.706  1.00 20.59 ? 23  ARG B NH2 1 
ATOM   886  N N   . LYS B 1 20 ? 7.765   15.699  0.949   1.00 20.04 ? 24  LYS B N   1 
ATOM   887  C CA  . LYS B 1 20 ? 8.254   17.064  0.946   1.00 23.81 ? 24  LYS B CA  1 
ATOM   888  C C   . LYS B 1 20 ? 7.846   17.813  2.218   1.00 24.46 ? 24  LYS B C   1 
ATOM   889  O O   . LYS B 1 20 ? 8.643   18.559  2.792   1.00 24.58 ? 24  LYS B O   1 
ATOM   890  C CB  . LYS B 1 20 ? 7.748   17.780  -0.309  1.00 24.07 ? 24  LYS B CB  1 
ATOM   891  C CG  . LYS B 1 20 ? 8.324   17.199  -1.600  1.00 25.01 ? 24  LYS B CG  1 
ATOM   892  C CD  . LYS B 1 20 ? 7.829   17.935  -2.814  1.00 29.91 ? 24  LYS B CD  1 
ATOM   893  C CE  . LYS B 1 20 ? 8.521   17.447  -4.069  1.00 31.15 ? 24  LYS B CE  1 
ATOM   894  N NZ  . LYS B 1 20 ? 8.006   18.168  -5.260  1.00 35.61 ? 24  LYS B NZ  1 
ATOM   895  N N   . GLU B 1 21 ? 6.616   17.599  2.676   1.00 25.33 ? 25  GLU B N   1 
ATOM   896  C CA  . GLU B 1 21 ? 6.150   18.255  3.906   1.00 24.81 ? 25  GLU B CA  1 
ATOM   897  C C   . GLU B 1 21 ? 7.020   17.831  5.081   1.00 24.21 ? 25  GLU B C   1 
ATOM   898  O O   . GLU B 1 21 ? 7.230   18.597  6.013   1.00 23.35 ? 25  GLU B O   1 
ATOM   899  C CB  . GLU B 1 21 ? 4.698   17.874  4.207   1.00 25.67 ? 25  GLU B CB  1 
ATOM   900  C CG  . GLU B 1 21 ? 4.082   18.568  5.425   1.00 27.49 ? 25  GLU B CG  1 
ATOM   901  C CD  . GLU B 1 21 ? 3.803   20.037  5.183   1.00 28.03 ? 25  GLU B CD  1 
ATOM   902  O OE1 . GLU B 1 21 ? 3.407   20.387  4.057   1.00 30.46 ? 25  GLU B OE1 1 
ATOM   903  O OE2 . GLU B 1 21 ? 3.962   20.840  6.121   1.00 32.60 ? 25  GLU B OE2 1 
ATOM   904  N N   . ALA B 1 22 ? 7.517   16.599  5.033   1.00 20.91 ? 26  ALA B N   1 
ATOM   905  C CA  . ALA B 1 22 ? 8.356   16.071  6.101   1.00 19.48 ? 26  ALA B CA  1 
ATOM   906  C C   . ALA B 1 22 ? 9.829   16.446  5.925   1.00 19.49 ? 26  ALA B C   1 
ATOM   907  O O   . ALA B 1 22 ? 10.682  15.953  6.661   1.00 21.99 ? 26  ALA B O   1 
ATOM   908  C CB  . ALA B 1 22 ? 8.217   14.537  6.169   1.00 17.91 ? 26  ALA B CB  1 
ATOM   909  N N   . SER B 1 23 ? 10.122  17.307  4.957   1.00 20.04 ? 27  SER B N   1 
ATOM   910  C CA  . SER B 1 23 ? 11.506  17.733  4.693   1.00 23.00 ? 27  SER B CA  1 
ATOM   911  C C   . SER B 1 23 ? 12.467  16.587  4.359   1.00 22.79 ? 27  SER B C   1 
ATOM   912  O O   . SER B 1 23 ? 13.653  16.630  4.721   1.00 22.77 ? 27  SER B O   1 
ATOM   913  C CB  . SER B 1 23 ? 12.062  18.513  5.891   1.00 24.52 ? 27  SER B CB  1 
ATOM   914  O OG  . SER B 1 23 ? 11.349  19.727  6.072   1.00 27.30 ? 27  SER B OG  1 
ATOM   915  N N   . LEU B 1 24 ? 11.961  15.564  3.675   1.00 20.93 ? 28  LEU B N   1 
ATOM   916  C CA  . LEU B 1 24 ? 12.793  14.431  3.285   1.00 20.58 ? 28  LEU B CA  1 
ATOM   917  C C   . LEU B 1 24 ? 13.135  14.533  1.801   1.00 21.37 ? 28  LEU B C   1 
ATOM   918  O O   . LEU B 1 24 ? 12.262  14.833  0.992   1.00 20.87 ? 28  LEU B O   1 
ATOM   919  C CB  . LEU B 1 24 ? 12.053  13.111  3.531   1.00 22.99 ? 28  LEU B CB  1 
ATOM   920  C CG  . LEU B 1 24 ? 11.701  12.764  4.981   1.00 24.37 ? 28  LEU B CG  1 
ATOM   921  C CD1 . LEU B 1 24 ? 10.720  11.607  5.009   1.00 25.99 ? 28  LEU B CD1 1 
ATOM   922  C CD2 . LEU B 1 24 ? 12.972  12.417  5.733   1.00 26.42 ? 28  LEU B CD2 1 
ATOM   923  N N   . SER B 1 25 ? 14.402  14.306  1.450   1.00 19.11 ? 29  SER B N   1 
ATOM   924  C CA  . SER B 1 25 ? 14.815  14.324  0.046   1.00 20.09 ? 29  SER B CA  1 
ATOM   925  C C   . SER B 1 25 ? 14.475  12.926  -0.452  1.00 18.87 ? 29  SER B C   1 
ATOM   926  O O   . SER B 1 25 ? 14.128  12.051  0.349   1.00 19.56 ? 29  SER B O   1 
ATOM   927  C CB  . SER B 1 25 ? 16.330  14.546  -0.070  1.00 16.97 ? 29  SER B CB  1 
ATOM   928  O OG  . SER B 1 25 ? 17.019  13.524  0.635   1.00 19.30 ? 29  SER B OG  1 
ATOM   929  N N   . GLN B 1 26 ? 14.581  12.702  -1.755  1.00 18.96 ? 30  GLN B N   1 
ATOM   930  C CA  . GLN B 1 26 ? 14.293  11.381  -2.301  1.00 19.93 ? 30  GLN B CA  1 
ATOM   931  C C   . GLN B 1 26 ? 15.309  10.375  -1.771  1.00 19.80 ? 30  GLN B C   1 
ATOM   932  O O   . GLN B 1 26 ? 14.948  9.232   -1.504  1.00 20.55 ? 30  GLN B O   1 
ATOM   933  C CB  . GLN B 1 26 ? 14.312  11.412  -3.834  1.00 20.80 ? 30  GLN B CB  1 
ATOM   934  C CG  . GLN B 1 26 ? 13.213  12.293  -4.454  1.00 20.94 ? 30  GLN B CG  1 
ATOM   935  C CD  . GLN B 1 26 ? 13.211  12.231  -5.971  1.00 25.29 ? 30  GLN B CD  1 
ATOM   936  O OE1 . GLN B 1 26 ? 14.272  12.208  -6.592  1.00 26.74 ? 30  GLN B OE1 1 
ATOM   937  N NE2 . GLN B 1 26 ? 12.023  12.217  -6.574  1.00 24.32 ? 30  GLN B NE2 1 
ATOM   938  N N   . SER B 1 27 ? 16.567  10.798  -1.594  1.00 17.96 ? 31  SER B N   1 
ATOM   939  C CA  . SER B 1 27 ? 17.607  9.899   -1.066  1.00 20.12 ? 31  SER B CA  1 
ATOM   940  C C   . SER B 1 27 ? 17.331  9.536   0.379   1.00 18.84 ? 31  SER B C   1 
ATOM   941  O O   . SER B 1 27 ? 17.549  8.406   0.804   1.00 20.95 ? 31  SER B O   1 
ATOM   942  C CB  . SER B 1 27 ? 19.003  10.540  -1.118  1.00 20.83 ? 31  SER B CB  1 
ATOM   943  O OG  . SER B 1 27 ? 19.445  10.706  -2.449  1.00 22.49 ? 31  SER B OG  1 
ATOM   944  N N   . GLU B 1 28 ? 16.885  10.516  1.147   1.00 19.84 ? 32  GLU B N   1 
ATOM   945  C CA  . GLU B 1 28 ? 16.586  10.278  2.541   1.00 18.87 ? 32  GLU B CA  1 
ATOM   946  C C   . GLU B 1 28 ? 15.452  9.271   2.671   1.00 18.50 ? 32  GLU B C   1 
ATOM   947  O O   . GLU B 1 28 ? 15.544  8.315   3.451   1.00 18.30 ? 32  GLU B O   1 
ATOM   948  C CB  . GLU B 1 28 ? 16.253  11.608  3.229   1.00 19.94 ? 32  GLU B CB  1 
ATOM   949  C CG  . GLU B 1 28 ? 17.512  12.328  3.696   1.00 22.07 ? 32  GLU B CG  1 
ATOM   950  C CD  . GLU B 1 28 ? 17.375  13.841  3.798   1.00 24.33 ? 32  GLU B CD  1 
ATOM   951  O OE1 . GLU B 1 28 ? 16.241  14.365  3.804   1.00 21.02 ? 32  GLU B OE1 1 
ATOM   952  O OE2 . GLU B 1 28 ? 18.428  14.510  3.884   1.00 24.72 ? 32  GLU B OE2 1 
ATOM   953  N N   . LEU B 1 29 ? 14.392  9.460   1.892   1.00 19.22 ? 33  LEU B N   1 
ATOM   954  C CA  . LEU B 1 29 ? 13.257  8.540   1.948   1.00 17.77 ? 33  LEU B CA  1 
ATOM   955  C C   . LEU B 1 29 ? 13.709  7.162   1.471   1.00 17.52 ? 33  LEU B C   1 
ATOM   956  O O   . LEU B 1 29 ? 13.335  6.124   2.036   1.00 16.88 ? 33  LEU B O   1 
ATOM   957  C CB  . LEU B 1 29 ? 12.105  9.067   1.073   1.00 19.94 ? 33  LEU B CB  1 
ATOM   958  C CG  . LEU B 1 29 ? 10.887  8.145   1.000   1.00 17.99 ? 33  LEU B CG  1 
ATOM   959  C CD1 . LEU B 1 29 ? 10.258  8.047   2.400   1.00 18.29 ? 33  LEU B CD1 1 
ATOM   960  C CD2 . LEU B 1 29 ? 9.861   8.706   -0.013  1.00 18.26 ? 33  LEU B CD2 1 
ATOM   961  N N   . ALA B 1 30 ? 14.520  7.153   0.421   1.00 17.16 ? 34  ALA B N   1 
ATOM   962  C CA  . ALA B 1 30 ? 15.046  5.910   -0.111  1.00 18.20 ? 34  ALA B CA  1 
ATOM   963  C C   . ALA B 1 30 ? 15.735  5.121   0.983   1.00 17.90 ? 34  ALA B C   1 
ATOM   964  O O   . ALA B 1 30 ? 15.518  3.924   1.122   1.00 18.15 ? 34  ALA B O   1 
ATOM   965  C CB  . ALA B 1 30 ? 16.052  6.192   -1.225  1.00 19.62 ? 34  ALA B CB  1 
ATOM   966  N N   . ILE B 1 31 ? 16.591  5.790   1.748   1.00 17.87 ? 35  ILE B N   1 
ATOM   967  C CA  . ILE B 1 31 ? 17.321  5.089   2.803   1.00 18.47 ? 35  ILE B CA  1 
ATOM   968  C C   . ILE B 1 31 ? 16.413  4.405   3.787   1.00 18.24 ? 35  ILE B C   1 
ATOM   969  O O   . ILE B 1 31 ? 16.643  3.262   4.168   1.00 17.49 ? 35  ILE B O   1 
ATOM   970  C CB  . ILE B 1 31 ? 18.270  6.053   3.557   1.00 19.30 ? 35  ILE B CB  1 
ATOM   971  C CG1 . ILE B 1 31 ? 19.471  6.356   2.662   1.00 19.76 ? 35  ILE B CG1 1 
ATOM   972  C CG2 . ILE B 1 31 ? 18.750  5.424   4.882   1.00 19.90 ? 35  ILE B CG2 1 
ATOM   973  C CD1 . ILE B 1 31 ? 20.433  7.386   3.224   1.00 20.70 ? 35  ILE B CD1 1 
ATOM   974  N N   . PHE B 1 32 ? 15.361  5.098   4.193   1.00 18.68 ? 36  PHE B N   1 
ATOM   975  C CA  . PHE B 1 32 ? 14.437  4.520   5.156   1.00 19.54 ? 36  PHE B CA  1 
ATOM   976  C C   . PHE B 1 32 ? 13.630  3.363   4.619   1.00 19.39 ? 36  PHE B C   1 
ATOM   977  O O   . PHE B 1 32 ? 13.196  2.524   5.389   1.00 20.86 ? 36  PHE B O   1 
ATOM   978  C CB  . PHE B 1 32 ? 13.528  5.614   5.687   1.00 21.99 ? 36  PHE B CB  1 
ATOM   979  C CG  . PHE B 1 32 ? 14.279  6.691   6.364   1.00 24.92 ? 36  PHE B CG  1 
ATOM   980  C CD1 . PHE B 1 32 ? 15.189  6.365   7.359   1.00 26.87 ? 36  PHE B CD1 1 
ATOM   981  C CD2 . PHE B 1 32 ? 14.184  8.008   5.943   1.00 27.34 ? 36  PHE B CD2 1 
ATOM   982  C CE1 . PHE B 1 32 ? 16.000  7.324   7.913   1.00 27.56 ? 36  PHE B CE1 1 
ATOM   983  C CE2 . PHE B 1 32 ? 14.995  8.989   6.496   1.00 27.05 ? 36  PHE B CE2 1 
ATOM   984  C CZ  . PHE B 1 32 ? 15.913  8.646   7.486   1.00 28.52 ? 36  PHE B CZ  1 
ATOM   985  N N   . LEU B 1 33 ? 13.439  3.315   3.304   1.00 17.08 ? 37  LEU B N   1 
ATOM   986  C CA  . LEU B 1 33 ? 12.680  2.235   2.685   1.00 19.98 ? 37  LEU B CA  1 
ATOM   987  C C   . LEU B 1 33 ? 13.631  1.136   2.171   1.00 20.07 ? 37  LEU B C   1 
ATOM   988  O O   . LEU B 1 33 ? 13.201  0.153   1.581   1.00 21.82 ? 37  LEU B O   1 
ATOM   989  C CB  . LEU B 1 33 ? 11.835  2.783   1.520   1.00 17.76 ? 37  LEU B CB  1 
ATOM   990  C CG  . LEU B 1 33 ? 10.409  3.293   1.790   1.00 21.12 ? 37  LEU B CG  1 
ATOM   991  C CD1 . LEU B 1 33 ? 10.421  4.275   2.929   1.00 19.09 ? 37  LEU B CD1 1 
ATOM   992  C CD2 . LEU B 1 33 ? 9.845   3.938   0.531   1.00 21.63 ? 37  LEU B CD2 1 
ATOM   993  N N   . GLY B 1 34 ? 14.926  1.310   2.404   1.00 21.76 ? 38  GLY B N   1 
ATOM   994  C CA  . GLY B 1 34 ? 15.886  0.317   1.938   1.00 21.58 ? 38  GLY B CA  1 
ATOM   995  C C   . GLY B 1 34 ? 15.924  0.258   0.421   1.00 22.43 ? 38  GLY B C   1 
ATOM   996  O O   . GLY B 1 34 ? 16.208  -0.802  -0.159  1.00 21.83 ? 38  GLY B O   1 
ATOM   997  N N   . LEU B 1 35 ? 15.628  1.395   -0.216  1.00 21.85 ? 39  LEU B N   1 
ATOM   998  C CA  . LEU B 1 35 ? 15.628  1.501   -1.674  1.00 22.24 ? 39  LEU B CA  1 
ATOM   999  C C   . LEU B 1 35 ? 16.696  2.492   -2.112  1.00 21.79 ? 39  LEU B C   1 
ATOM   1000 O O   . LEU B 1 35 ? 17.378  3.098   -1.278  1.00 22.28 ? 39  LEU B O   1 
ATOM   1001 C CB  . LEU B 1 35 ? 14.267  1.999   -2.194  1.00 21.01 ? 39  LEU B CB  1 
ATOM   1002 C CG  . LEU B 1 35 ? 12.970  1.237   -1.902  1.00 23.91 ? 39  LEU B CG  1 
ATOM   1003 C CD1 . LEU B 1 35 ? 11.806  1.993   -2.532  1.00 23.92 ? 39  LEU B CD1 1 
ATOM   1004 C CD2 . LEU B 1 35 ? 13.037  -0.186  -2.473  1.00 23.75 ? 39  LEU B CD2 1 
ATOM   1005 N N   . SER B 1 36 ? 16.836  2.662   -3.424  1.00 21.11 ? 40  SER B N   1 
ATOM   1006 C CA  . SER B 1 36 ? 17.803  3.606   -3.975  1.00 22.53 ? 40  SER B CA  1 
ATOM   1007 C C   . SER B 1 36 ? 17.049  4.885   -4.310  1.00 22.14 ? 40  SER B C   1 
ATOM   1008 O O   . SER B 1 36 ? 15.820  4.864   -4.439  1.00 22.61 ? 40  SER B O   1 
ATOM   1009 C CB  . SER B 1 36 ? 18.422  3.046   -5.256  1.00 23.25 ? 40  SER B CB  1 
ATOM   1010 O OG  . SER B 1 36 ? 17.434  2.952   -6.272  1.00 23.32 ? 40  SER B OG  1 
ATOM   1011 N N   . GLN B 1 37 ? 17.771  5.992   -4.457  1.00 20.90 ? 41  GLN B N   1 
ATOM   1012 C CA  . GLN B 1 37 ? 17.136  7.258   -4.815  1.00 23.01 ? 41  GLN B CA  1 
ATOM   1013 C C   . GLN B 1 37 ? 16.487  7.137   -6.195  1.00 23.59 ? 41  GLN B C   1 
ATOM   1014 O O   . GLN B 1 37 ? 15.466  7.762   -6.477  1.00 24.75 ? 41  GLN B O   1 
ATOM   1015 C CB  . GLN B 1 37 ? 18.158  8.395   -4.830  1.00 24.32 ? 41  GLN B CB  1 
ATOM   1016 C CG  . GLN B 1 37 ? 17.575  9.748   -5.249  1.00 26.09 ? 41  GLN B CG  1 
ATOM   1017 C CD  . GLN B 1 37 ? 17.584  9.969   -6.756  1.00 29.84 ? 41  GLN B CD  1 
ATOM   1018 O OE1 . GLN B 1 37 ? 16.822  10.785  -7.285  1.00 33.46 ? 41  GLN B OE1 1 
ATOM   1019 N NE2 . GLN B 1 37 ? 18.456  9.251   -7.455  1.00 31.87 ? 41  GLN B NE2 1 
ATOM   1020 N N   . SER B 1 38 ? 17.092  6.342   -7.065  1.00 24.43 ? 42  SER B N   1 
ATOM   1021 C CA  . SER B 1 38 ? 16.533  6.161   -8.397  1.00 25.45 ? 42  SER B CA  1 
ATOM   1022 C C   . SER B 1 38 ? 15.166  5.468   -8.275  1.00 25.07 ? 42  SER B C   1 
ATOM   1023 O O   . SER B 1 38 ? 14.234  5.780   -9.019  1.00 24.46 ? 42  SER B O   1 
ATOM   1024 C CB  . SER B 1 38 ? 17.491  5.336   -9.252  1.00 26.27 ? 42  SER B CB  1 
ATOM   1025 O OG  . SER B 1 38 ? 16.874  4.958   -10.470 1.00 31.50 ? 42  SER B OG  1 
ATOM   1026 N N   . ASP B 1 39 ? 15.047  4.540   -7.326  1.00 23.39 ? 43  ASP B N   1 
ATOM   1027 C CA  . ASP B 1 39 ? 13.782  3.829   -7.109  1.00 23.29 ? 43  ASP B CA  1 
ATOM   1028 C C   . ASP B 1 39 ? 12.681  4.821   -6.727  1.00 21.63 ? 43  ASP B C   1 
ATOM   1029 O O   . ASP B 1 39 ? 11.554  4.722   -7.212  1.00 19.38 ? 43  ASP B O   1 
ATOM   1030 C CB  . ASP B 1 39 ? 13.906  2.801   -5.973  1.00 24.90 ? 43  ASP B CB  1 
ATOM   1031 C CG  . ASP B 1 39 ? 14.772  1.601   -6.341  1.00 29.54 ? 43  ASP B CG  1 
ATOM   1032 O OD1 . ASP B 1 39 ? 15.071  0.794   -5.433  1.00 28.04 ? 43  ASP B OD1 1 
ATOM   1033 O OD2 . ASP B 1 39 ? 15.144  1.453   -7.522  1.00 29.14 ? 43  ASP B OD2 1 
ATOM   1034 N N   . ILE B 1 40 ? 13.016  5.780   -5.859  1.00 19.41 ? 44  ILE B N   1 
ATOM   1035 C CA  . ILE B 1 40 ? 12.043  6.767   -5.400  1.00 18.52 ? 44  ILE B CA  1 
ATOM   1036 C C   . ILE B 1 40 ? 11.663  7.729   -6.509  1.00 18.95 ? 44  ILE B C   1 
ATOM   1037 O O   . ILE B 1 40 ? 10.501  8.131   -6.635  1.00 16.29 ? 44  ILE B O   1 
ATOM   1038 C CB  . ILE B 1 40 ? 12.586  7.568   -4.201  1.00 20.36 ? 44  ILE B CB  1 
ATOM   1039 C CG1 . ILE B 1 40 ? 12.918  6.610   -3.050  1.00 20.54 ? 44  ILE B CG1 1 
ATOM   1040 C CG2 . ILE B 1 40 ? 11.562  8.590   -3.753  1.00 18.48 ? 44  ILE B CG2 1 
ATOM   1041 C CD1 . ILE B 1 40 ? 11.695  5.896   -2.472  1.00 20.01 ? 44  ILE B CD1 1 
ATOM   1042 N N   . SER B 1 41 ? 12.659  8.107   -7.302  1.00 18.84 ? 45  SER B N   1 
ATOM   1043 C CA  . SER B 1 41 ? 12.438  9.004   -8.419  1.00 20.54 ? 45  SER B CA  1 
ATOM   1044 C C   . SER B 1 41 ? 11.458  8.344   -9.397  1.00 18.80 ? 45  SER B C   1 
ATOM   1045 O O   . SER B 1 41 ? 10.522  8.976   -9.863  1.00 18.88 ? 45  SER B O   1 
ATOM   1046 C CB  . SER B 1 41 ? 13.765  9.283   -9.128  1.00 22.28 ? 45  SER B CB  1 
ATOM   1047 O OG  . SER B 1 41 ? 13.551  10.023  -10.316 1.00 26.73 ? 45  SER B OG  1 
ATOM   1048 N N   . LYS B 1 42 ? 11.674  7.068   -9.696  1.00 18.75 ? 46  LYS B N   1 
ATOM   1049 C CA  . LYS B 1 42 ? 10.793  6.377   -10.637 1.00 20.55 ? 46  LYS B CA  1 
ATOM   1050 C C   . LYS B 1 42 ? 9.372   6.219   -10.095 1.00 20.09 ? 46  LYS B C   1 
ATOM   1051 O O   . LYS B 1 42 ? 8.395   6.250   -10.846 1.00 18.63 ? 46  LYS B O   1 
ATOM   1052 C CB  . LYS B 1 42 ? 11.360  5.006   -11.000 1.00 22.07 ? 46  LYS B CB  1 
ATOM   1053 C CG  . LYS B 1 42 ? 12.645  5.053   -11.810 1.00 24.65 ? 46  LYS B CG  1 
ATOM   1054 C CD  . LYS B 1 42 ? 12.803  3.778   -12.619 1.00 29.29 ? 46  LYS B CD  1 
ATOM   1055 C CE  . LYS B 1 42 ? 14.270  3.426   -12.852 1.00 31.82 ? 46  LYS B CE  1 
ATOM   1056 N NZ  . LYS B 1 42 ? 15.108  4.610   -13.188 1.00 35.92 ? 46  LYS B NZ  1 
ATOM   1057 N N   . ILE B 1 43 ? 9.257   6.040   -8.787  1.00 19.65 ? 47  ILE B N   1 
ATOM   1058 C CA  . ILE B 1 43 ? 7.948   5.909   -8.179  1.00 17.57 ? 47  ILE B CA  1 
ATOM   1059 C C   . ILE B 1 43 ? 7.220   7.231   -8.306  1.00 16.82 ? 47  ILE B C   1 
ATOM   1060 O O   . ILE B 1 43 ? 6.060   7.283   -8.694  1.00 17.42 ? 47  ILE B O   1 
ATOM   1061 C CB  . ILE B 1 43 ? 8.064   5.527   -6.675  1.00 17.92 ? 47  ILE B CB  1 
ATOM   1062 C CG1 . ILE B 1 43 ? 8.409   4.037   -6.564  1.00 20.87 ? 47  ILE B CG1 1 
ATOM   1063 C CG2 . ILE B 1 43 ? 6.767   5.858   -5.937  1.00 17.99 ? 47  ILE B CG2 1 
ATOM   1064 C CD1 . ILE B 1 43 ? 8.864   3.598   -5.187  1.00 19.10 ? 47  ILE B CD1 1 
ATOM   1065 N N   . GLU B 1 44 ? 7.914   8.316   -7.995  1.00 16.14 ? 48  GLU B N   1 
ATOM   1066 C CA  . GLU B 1 44 ? 7.282   9.625   -8.037  1.00 16.56 ? 48  GLU B CA  1 
ATOM   1067 C C   . GLU B 1 44 ? 6.947   10.101  -9.457  1.00 17.38 ? 48  GLU B C   1 
ATOM   1068 O O   . GLU B 1 44 ? 6.076   10.948  -9.628  1.00 17.81 ? 48  GLU B O   1 
ATOM   1069 C CB  . GLU B 1 44 ? 8.161   10.632  -7.275  1.00 16.85 ? 48  GLU B CB  1 
ATOM   1070 C CG  . GLU B 1 44 ? 8.243   10.251  -5.776  1.00 18.70 ? 48  GLU B CG  1 
ATOM   1071 C CD  . GLU B 1 44 ? 8.782   11.346  -4.879  1.00 21.97 ? 48  GLU B CD  1 
ATOM   1072 O OE1 . GLU B 1 44 ? 8.749   11.160  -3.635  1.00 22.37 ? 48  GLU B OE1 1 
ATOM   1073 O OE2 . GLU B 1 44 ? 9.228   12.391  -5.403  1.00 20.35 ? 48  GLU B OE2 1 
ATOM   1074 N N   . SER B 1 45 ? 7.618   9.534   -10.456 1.00 18.63 ? 49  SER B N   1 
ATOM   1075 C CA  . SER B 1 45 ? 7.351   9.895   -11.855 1.00 23.37 ? 49  SER B CA  1 
ATOM   1076 C C   . SER B 1 45 ? 6.475   8.820   -12.532 1.00 24.21 ? 49  SER B C   1 
ATOM   1077 O O   . SER B 1 45 ? 6.357   8.768   -13.754 1.00 24.29 ? 49  SER B O   1 
ATOM   1078 C CB  . SER B 1 45 ? 8.663   10.061  -12.636 1.00 23.88 ? 49  SER B CB  1 
ATOM   1079 O OG  . SER B 1 45 ? 9.351   8.828   -12.794 1.00 27.03 ? 49  SER B OG  1 
ATOM   1080 N N   . PHE B 1 46 ? 5.891   7.949   -11.719 1.00 24.32 ? 50  PHE B N   1 
ATOM   1081 C CA  . PHE B 1 46 ? 5.015   6.889   -12.209 1.00 25.90 ? 50  PHE B CA  1 
ATOM   1082 C C   . PHE B 1 46 ? 5.642   5.906   -13.189 1.00 26.06 ? 50  PHE B C   1 
ATOM   1083 O O   . PHE B 1 46 ? 4.982   5.451   -14.127 1.00 28.24 ? 50  PHE B O   1 
ATOM   1084 C CB  . PHE B 1 46 ? 3.776   7.509   -12.840 1.00 24.93 ? 50  PHE B CB  1 
ATOM   1085 C CG  . PHE B 1 46 ? 3.210   8.641   -12.047 1.00 26.16 ? 50  PHE B CG  1 
ATOM   1086 C CD1 . PHE B 1 46 ? 3.279   9.939   -12.529 1.00 27.40 ? 50  PHE B CD1 1 
ATOM   1087 C CD2 . PHE B 1 46 ? 2.630   8.419   -10.802 1.00 26.40 ? 50  PHE B CD2 1 
ATOM   1088 C CE1 . PHE B 1 46 ? 2.786   11.001  -11.789 1.00 27.60 ? 50  PHE B CE1 1 
ATOM   1089 C CE2 . PHE B 1 46 ? 2.130   9.485   -10.050 1.00 28.15 ? 50  PHE B CE2 1 
ATOM   1090 C CZ  . PHE B 1 46 ? 2.211   10.777  -10.551 1.00 27.44 ? 50  PHE B CZ  1 
ATOM   1091 N N   . GLU B 1 47 ? 6.897   5.548   -12.960 1.00 25.34 ? 51  GLU B N   1 
ATOM   1092 C CA  . GLU B 1 47 ? 7.580   4.609   -13.836 1.00 26.31 ? 51  GLU B CA  1 
ATOM   1093 C C   . GLU B 1 47 ? 7.762   3.265   -13.144 1.00 26.11 ? 51  GLU B C   1 
ATOM   1094 O O   . GLU B 1 47 ? 8.058   2.261   -13.791 1.00 27.40 ? 51  GLU B O   1 
ATOM   1095 C CB  . GLU B 1 47 ? 8.939   5.178   -14.245 1.00 27.40 ? 51  GLU B CB  1 
ATOM   1096 C CG  . GLU B 1 47 ? 8.810   6.469   -15.014 1.00 32.43 ? 51  GLU B CG  1 
ATOM   1097 C CD  . GLU B 1 47 ? 10.139  7.122   -15.336 1.00 35.23 ? 51  GLU B CD  1 
ATOM   1098 O OE1 . GLU B 1 47 ? 10.132  8.070   -16.145 1.00 37.80 ? 51  GLU B OE1 1 
ATOM   1099 O OE2 . GLU B 1 47 ? 11.182  6.705   -14.783 1.00 36.20 ? 51  GLU B OE2 1 
ATOM   1100 N N   . ARG B 1 48 ? 7.570   3.259   -11.827 1.00 23.26 ? 52  ARG B N   1 
ATOM   1101 C CA  . ARG B 1 48 ? 7.709   2.063   -10.996 1.00 22.99 ? 52  ARG B CA  1 
ATOM   1102 C C   . ARG B 1 48 ? 6.576   2.093   -9.973  1.00 20.78 ? 52  ARG B C   1 
ATOM   1103 O O   . ARG B 1 48 ? 6.245   3.150   -9.455  1.00 20.53 ? 52  ARG B O   1 
ATOM   1104 C CB  . ARG B 1 48 ? 9.057   2.108   -10.262 1.00 26.06 ? 52  ARG B CB  1 
ATOM   1105 C CG  . ARG B 1 48 ? 9.302   1.008   -9.229  1.00 29.79 ? 52  ARG B CG  1 
ATOM   1106 C CD  . ARG B 1 48 ? 10.500  1.394   -8.334  1.00 31.44 ? 52  ARG B CD  1 
ATOM   1107 N NE  . ARG B 1 48 ? 10.885  0.372   -7.356  1.00 33.08 ? 52  ARG B NE  1 
ATOM   1108 C CZ  . ARG B 1 48 ? 10.137  -0.020  -6.324  1.00 34.54 ? 52  ARG B CZ  1 
ATOM   1109 N NH1 . ARG B 1 48 ? 8.940   0.511   -6.118  1.00 32.52 ? 52  ARG B NH1 1 
ATOM   1110 N NH2 . ARG B 1 48 ? 10.608  -0.916  -5.462  1.00 34.57 ? 52  ARG B NH2 1 
ATOM   1111 N N   . ARG B 1 49 ? 5.994   0.940   -9.670  1.00 20.05 ? 53  ARG B N   1 
ATOM   1112 C CA  . ARG B 1 49 ? 4.900   0.878   -8.701  1.00 20.02 ? 53  ARG B CA  1 
ATOM   1113 C C   . ARG B 1 49 ? 5.409   0.946   -7.256  1.00 18.50 ? 53  ARG B C   1 
ATOM   1114 O O   . ARG B 1 49 ? 6.475   0.426   -6.945  1.00 17.14 ? 53  ARG B O   1 
ATOM   1115 C CB  . ARG B 1 49 ? 4.133   -0.440  -8.858  1.00 21.76 ? 53  ARG B CB  1 
ATOM   1116 C CG  . ARG B 1 49 ? 3.406   -0.629  -10.177 1.00 22.75 ? 53  ARG B CG  1 
ATOM   1117 C CD  . ARG B 1 49 ? 1.994   -0.147  -10.093 1.00 24.01 ? 53  ARG B CD  1 
ATOM   1118 N NE  . ARG B 1 49 ? 1.351   -0.185  -11.402 1.00 27.16 ? 53  ARG B NE  1 
ATOM   1119 C CZ  . ARG B 1 49 ? 0.134   0.279   -11.656 1.00 27.82 ? 53  ARG B CZ  1 
ATOM   1120 N NH1 . ARG B 1 49 ? -0.353  0.203   -12.875 1.00 30.18 ? 53  ARG B NH1 1 
ATOM   1121 N NH2 . ARG B 1 49 ? -0.607  0.816   -10.706 1.00 26.04 ? 53  ARG B NH2 1 
ATOM   1122 N N   . LEU B 1 50 ? 4.638   1.596   -6.391  1.00 17.06 ? 54  LEU B N   1 
ATOM   1123 C CA  . LEU B 1 50 ? 4.948   1.664   -4.969  1.00 15.50 ? 54  LEU B CA  1 
ATOM   1124 C C   . LEU B 1 50 ? 4.139   0.494   -4.423  1.00 14.10 ? 54  LEU B C   1 
ATOM   1125 O O   . LEU B 1 50 ? 2.916   0.439   -4.617  1.00 14.84 ? 54  LEU B O   1 
ATOM   1126 C CB  . LEU B 1 50 ? 4.434   2.969   -4.359  1.00 14.43 ? 54  LEU B CB  1 
ATOM   1127 C CG  . LEU B 1 50 ? 4.596   3.095   -2.844  1.00 15.27 ? 54  LEU B CG  1 
ATOM   1128 C CD1 . LEU B 1 50 ? 6.068   3.373   -2.511  1.00 16.57 ? 54  LEU B CD1 1 
ATOM   1129 C CD2 . LEU B 1 50 ? 3.732   4.245   -2.326  1.00 15.02 ? 54  LEU B CD2 1 
ATOM   1130 N N   . ASP B 1 51 ? 4.787   -0.459  -3.764  1.00 14.45 ? 55  ASP B N   1 
ATOM   1131 C CA  . ASP B 1 51 ? 4.022   -1.594  -3.281  1.00 14.00 ? 55  ASP B CA  1 
ATOM   1132 C C   . ASP B 1 51 ? 3.360   -1.389  -1.917  1.00 14.75 ? 55  ASP B C   1 
ATOM   1133 O O   . ASP B 1 51 ? 3.557   -0.372  -1.252  1.00 12.73 ? 55  ASP B O   1 
ATOM   1134 C CB  . ASP B 1 51 ? 4.843   -2.899  -3.340  1.00 15.45 ? 55  ASP B CB  1 
ATOM   1135 C CG  . ASP B 1 51 ? 5.906   -3.012  -2.256  1.00 18.62 ? 55  ASP B CG  1 
ATOM   1136 O OD1 . ASP B 1 51 ? 5.724   -2.473  -1.151  1.00 18.97 ? 55  ASP B OD1 1 
ATOM   1137 O OD2 . ASP B 1 51 ? 6.919   -3.700  -2.509  1.00 19.12 ? 55  ASP B OD2 1 
ATOM   1138 N N   . ALA B 1 52 ? 2.511   -2.340  -1.555  1.00 13.14 ? 56  ALA B N   1 
ATOM   1139 C CA  . ALA B 1 52 ? 1.749   -2.273  -0.321  1.00 14.44 ? 56  ALA B CA  1 
ATOM   1140 C C   . ALA B 1 52 ? 2.589   -2.070  0.925   1.00 12.97 ? 56  ALA B C   1 
ATOM   1141 O O   . ALA B 1 52 ? 2.196   -1.314  1.814   1.00 14.10 ? 56  ALA B O   1 
ATOM   1142 C CB  . ALA B 1 52 ? 0.887   -3.537  -0.183  1.00 14.45 ? 56  ALA B CB  1 
ATOM   1143 N N   . LEU B 1 53 ? 3.732   -2.746  1.003   1.00 14.26 ? 57  LEU B N   1 
ATOM   1144 C CA  . LEU B 1 53 ? 4.605   -2.611  2.176   1.00 14.02 ? 57  LEU B CA  1 
ATOM   1145 C C   . LEU B 1 53 ? 5.297   -1.247  2.186   1.00 13.15 ? 57  LEU B C   1 
ATOM   1146 O O   . LEU B 1 53 ? 5.397   -0.602  3.233   1.00 13.71 ? 57  LEU B O   1 
ATOM   1147 C CB  . LEU B 1 53 ? 5.665   -3.730  2.197   1.00 13.72 ? 57  LEU B CB  1 
ATOM   1148 C CG  . LEU B 1 53 ? 6.725   -3.600  3.299   1.00 15.60 ? 57  LEU B CG  1 
ATOM   1149 C CD1 . LEU B 1 53 ? 6.043   -3.743  4.658   1.00 15.43 ? 57  LEU B CD1 1 
ATOM   1150 C CD2 . LEU B 1 53 ? 7.815   -4.673  3.142   1.00 16.08 ? 57  LEU B CD2 1 
ATOM   1151 N N   . GLU B 1 54 ? 5.769   -0.806  1.020   1.00 12.69 ? 58  GLU B N   1 
ATOM   1152 C CA  . GLU B 1 54 ? 6.452   0.479   0.931   1.00 12.33 ? 58  GLU B CA  1 
ATOM   1153 C C   . GLU B 1 54 ? 5.504   1.605   1.338   1.00 12.72 ? 58  GLU B C   1 
ATOM   1154 O O   . GLU B 1 54 ? 5.937   2.627   1.883   1.00 12.66 ? 58  GLU B O   1 
ATOM   1155 C CB  . GLU B 1 54 ? 6.997   0.684   -0.492  1.00 12.75 ? 58  GLU B CB  1 
ATOM   1156 C CG  . GLU B 1 54 ? 8.031   -0.411  -0.858  1.00 12.97 ? 58  GLU B CG  1 
ATOM   1157 C CD  . GLU B 1 54 ? 8.370   -0.495  -2.343  1.00 15.07 ? 58  GLU B CD  1 
ATOM   1158 O OE1 . GLU B 1 54 ? 7.525   -0.133  -3.186  1.00 16.22 ? 58  GLU B OE1 1 
ATOM   1159 O OE2 . GLU B 1 54 ? 9.487   -0.959  -2.670  1.00 19.69 ? 58  GLU B OE2 1 
ATOM   1160 N N   . LEU B 1 55 ? 4.215   1.420   1.067   1.00 12.21 ? 59  LEU B N   1 
ATOM   1161 C CA  . LEU B 1 55 ? 3.214   2.428   1.444   1.00 12.36 ? 59  LEU B CA  1 
ATOM   1162 C C   . LEU B 1 55 ? 3.281   2.663   2.949   1.00 11.78 ? 59  LEU B C   1 
ATOM   1163 O O   . LEU B 1 55 ? 3.425   3.804   3.400   1.00 12.60 ? 59  LEU B O   1 
ATOM   1164 C CB  . LEU B 1 55 ? 1.810   1.954   1.049   1.00 10.97 ? 59  LEU B CB  1 
ATOM   1165 C CG  . LEU B 1 55 ? 0.523   2.718   1.396   1.00 14.03 ? 59  LEU B CG  1 
ATOM   1166 C CD1 . LEU B 1 55 ? 0.231   2.666   2.853   1.00 15.68 ? 59  LEU B CD1 1 
ATOM   1167 C CD2 . LEU B 1 55 ? 0.645   4.156   0.952   1.00 13.61 ? 59  LEU B CD2 1 
ATOM   1168 N N   . PHE B 1 56 ? 3.171   1.594   3.733   1.00 12.24 ? 60  PHE B N   1 
ATOM   1169 C CA  . PHE B 1 56 ? 3.238   1.728   5.194   1.00 13.68 ? 60  PHE B CA  1 
ATOM   1170 C C   . PHE B 1 56 ? 4.574   2.290   5.690   1.00 15.14 ? 60  PHE B C   1 
ATOM   1171 O O   . PHE B 1 56 ? 4.607   3.168   6.575   1.00 14.24 ? 60  PHE B O   1 
ATOM   1172 C CB  . PHE B 1 56 ? 2.981   0.382   5.882   1.00 12.74 ? 60  PHE B CB  1 
ATOM   1173 C CG  . PHE B 1 56 ? 1.562   -0.071  5.811   1.00 15.10 ? 60  PHE B CG  1 
ATOM   1174 C CD1 . PHE B 1 56 ? 1.228   -1.236  5.130   1.00 14.54 ? 60  PHE B CD1 1 
ATOM   1175 C CD2 . PHE B 1 56 ? 0.553   0.653   6.446   1.00 14.06 ? 60  PHE B CD2 1 
ATOM   1176 C CE1 . PHE B 1 56 ? -0.084  -1.693  5.076   1.00 13.95 ? 60  PHE B CE1 1 
ATOM   1177 C CE2 . PHE B 1 56 ? -0.780  0.210   6.404   1.00 16.48 ? 60  PHE B CE2 1 
ATOM   1178 C CZ  . PHE B 1 56 ? -1.104  -0.968  5.719   1.00 15.27 ? 60  PHE B CZ  1 
ATOM   1179 N N   . GLU B 1 57 ? 5.671   1.787   5.132   1.00 15.13 ? 61  GLU B N   1 
ATOM   1180 C CA  . GLU B 1 57 ? 7.002   2.246   5.517   1.00 16.38 ? 61  GLU B CA  1 
ATOM   1181 C C   . GLU B 1 57 ? 7.173   3.743   5.292   1.00 15.56 ? 61  GLU B C   1 
ATOM   1182 O O   . GLU B 1 57 ? 7.762   4.447   6.125   1.00 15.34 ? 61  GLU B O   1 
ATOM   1183 C CB  . GLU B 1 57 ? 8.066   1.471   4.722   1.00 18.37 ? 61  GLU B CB  1 
ATOM   1184 C CG  . GLU B 1 57 ? 8.129   0.007   5.131   1.00 20.17 ? 61  GLU B CG  1 
ATOM   1185 C CD  . GLU B 1 57 ? 9.014   -0.851  4.232   1.00 20.80 ? 61  GLU B CD  1 
ATOM   1186 O OE1 . GLU B 1 57 ? 9.420   -1.924  4.702   1.00 26.08 ? 61  GLU B OE1 1 
ATOM   1187 O OE2 . GLU B 1 57 ? 9.288   -0.488  3.067   1.00 21.79 ? 61  GLU B OE2 1 
ATOM   1188 N N   . LEU B 1 58 ? 6.666   4.229   4.159   1.00 14.99 ? 62  LEU B N   1 
ATOM   1189 C CA  . LEU B 1 58 ? 6.761   5.646   3.826   1.00 13.48 ? 62  LEU B CA  1 
ATOM   1190 C C   . LEU B 1 58 ? 5.970   6.484   4.828   1.00 13.74 ? 62  LEU B C   1 
ATOM   1191 O O   . LEU B 1 58 ? 6.456   7.502   5.335   1.00 12.64 ? 62  LEU B O   1 
ATOM   1192 C CB  . LEU B 1 58 ? 6.247   5.872   2.401   1.00 12.42 ? 62  LEU B CB  1 
ATOM   1193 C CG  . LEU B 1 58 ? 6.321   7.276   1.785   1.00 10.22 ? 62  LEU B CG  1 
ATOM   1194 C CD1 . LEU B 1 58 ? 6.286   7.177   0.270   1.00 14.20 ? 62  LEU B CD1 1 
ATOM   1195 C CD2 . LEU B 1 58 ? 5.139   8.127   2.298   1.00 14.50 ? 62  LEU B CD2 1 
ATOM   1196 N N   . LEU B 1 59 ? 4.735   6.067   5.102   1.00 13.32 ? 63  LEU B N   1 
ATOM   1197 C CA  . LEU B 1 59 ? 3.910   6.791   6.052   1.00 12.99 ? 63  LEU B CA  1 
ATOM   1198 C C   . LEU B 1 59 ? 4.588   6.800   7.415   1.00 14.39 ? 63  LEU B C   1 
ATOM   1199 O O   . LEU B 1 59 ? 4.588   7.823   8.108   1.00 12.77 ? 63  LEU B O   1 
ATOM   1200 C CB  . LEU B 1 59 ? 2.518   6.151   6.154   1.00 13.47 ? 63  LEU B CB  1 
ATOM   1201 C CG  . LEU B 1 59 ? 1.695   6.294   4.869   1.00 13.83 ? 63  LEU B CG  1 
ATOM   1202 C CD1 . LEU B 1 59 ? 0.310   5.686   5.070   1.00 16.24 ? 63  LEU B CD1 1 
ATOM   1203 C CD2 . LEU B 1 59 ? 1.592   7.786   4.495   1.00 15.62 ? 63  LEU B CD2 1 
ATOM   1204 N N   . GLU B 1 60 ? 5.178   5.665   7.787   1.00 15.18 ? 64  GLU B N   1 
ATOM   1205 C CA  . GLU B 1 60 ? 5.861   5.573   9.069   1.00 19.19 ? 64  GLU B CA  1 
ATOM   1206 C C   . GLU B 1 60 ? 6.986   6.607   9.200   1.00 19.72 ? 64  GLU B C   1 
ATOM   1207 O O   . GLU B 1 60 ? 7.098   7.260   10.236  1.00 18.44 ? 64  GLU B O   1 
ATOM   1208 C CB  . GLU B 1 60 ? 6.424   4.160   9.288   1.00 20.88 ? 64  GLU B CB  1 
ATOM   1209 C CG  . GLU B 1 60 ? 7.301   4.033   10.529  1.00 26.28 ? 64  GLU B CG  1 
ATOM   1210 C CD  . GLU B 1 60 ? 7.772   2.604   10.795  1.00 32.12 ? 64  GLU B CD  1 
ATOM   1211 O OE1 . GLU B 1 60 ? 7.858   1.813   9.822   1.00 31.13 ? 64  GLU B OE1 1 
ATOM   1212 O OE2 . GLU B 1 60 ? 8.069   2.282   11.978  1.00 33.40 ? 64  GLU B OE2 1 
ATOM   1213 N N   . VAL B 1 61 ? 7.810   6.776   8.162   1.00 18.35 ? 65  VAL B N   1 
ATOM   1214 C CA  . VAL B 1 61 ? 8.895   7.742   8.284   1.00 19.37 ? 65  VAL B CA  1 
ATOM   1215 C C   . VAL B 1 61 ? 8.343   9.160   8.259   1.00 18.77 ? 65  VAL B C   1 
ATOM   1216 O O   . VAL B 1 61 ? 8.827   10.034  8.979   1.00 16.99 ? 65  VAL B O   1 
ATOM   1217 C CB  A VAL B 1 61 ? 9.979   7.589   7.155   0.45 19.97 ? 65  VAL B CB  1 
ATOM   1218 C CB  B VAL B 1 61 ? 9.974   7.538   7.166   0.55 21.19 ? 65  VAL B CB  1 
ATOM   1219 C CG1 A VAL B 1 61 ? 10.212  6.129   6.848   0.45 18.44 ? 65  VAL B CG1 1 
ATOM   1220 C CG1 B VAL B 1 61 ? 9.326   7.458   5.808   0.55 23.03 ? 65  VAL B CG1 1 
ATOM   1221 C CG2 A VAL B 1 61 ? 9.589   8.363   5.917   0.45 20.77 ? 65  VAL B CG2 1 
ATOM   1222 C CG2 B VAL B 1 61 ? 10.996  8.668   7.211   0.55 21.31 ? 65  VAL B CG2 1 
ATOM   1223 N N   . VAL B 1 62 ? 7.306   9.393   7.463   1.00 16.53 ? 66  VAL B N   1 
ATOM   1224 C CA  . VAL B 1 62 ? 6.710   10.719  7.422   1.00 16.67 ? 66  VAL B CA  1 
ATOM   1225 C C   . VAL B 1 62 ? 6.125   11.073  8.802   1.00 18.12 ? 66  VAL B C   1 
ATOM   1226 O O   . VAL B 1 62 ? 6.286   12.202  9.291   1.00 18.62 ? 66  VAL B O   1 
ATOM   1227 C CB  . VAL B 1 62 ? 5.594   10.788  6.359   1.00 16.43 ? 66  VAL B CB  1 
ATOM   1228 C CG1 . VAL B 1 62 ? 4.768   12.057  6.541   1.00 15.36 ? 66  VAL B CG1 1 
ATOM   1229 C CG2 . VAL B 1 62 ? 6.213   10.750  4.971   1.00 12.91 ? 66  VAL B CG2 1 
ATOM   1230 N N   . ALA B 1 63 ? 5.448   10.113  9.423   1.00 17.72 ? 67  ALA B N   1 
ATOM   1231 C CA  . ALA B 1 63 ? 4.833   10.345  10.732  1.00 21.57 ? 67  ALA B CA  1 
ATOM   1232 C C   . ALA B 1 63 ? 5.907   10.713  11.750  1.00 22.38 ? 67  ALA B C   1 
ATOM   1233 O O   . ALA B 1 63 ? 5.755   11.666  12.537  1.00 23.26 ? 67  ALA B O   1 
ATOM   1234 C CB  . ALA B 1 63 ? 4.047   9.080   11.197  1.00 21.37 ? 67  ALA B CB  1 
ATOM   1235 N N   . SER B 1 64 ? 7.007   9.970   11.721  1.00 21.95 ? 68  SER B N   1 
ATOM   1236 C CA  . SER B 1 64 ? 8.101   10.227  12.640  1.00 22.75 ? 68  SER B CA  1 
ATOM   1237 C C   . SER B 1 64 ? 8.668   11.626  12.440  1.00 23.97 ? 68  SER B C   1 
ATOM   1238 O O   . SER B 1 64 ? 8.846   12.374  13.401  1.00 23.77 ? 68  SER B O   1 
ATOM   1239 C CB  . SER B 1 64 ? 9.198   9.194   12.439  1.00 23.91 ? 68  SER B CB  1 
ATOM   1240 O OG  . SER B 1 64 ? 10.262  9.432   13.336  1.00 27.92 ? 68  SER B OG  1 
ATOM   1241 N N   . ARG B 1 65 ? 8.940   11.987  11.187  1.00 24.05 ? 69  ARG B N   1 
ATOM   1242 C CA  . ARG B 1 65 ? 9.483   13.305  10.893  1.00 25.55 ? 69  ARG B CA  1 
ATOM   1243 C C   . ARG B 1 65 ? 8.544   14.441  11.288  1.00 25.32 ? 69  ARG B C   1 
ATOM   1244 O O   . ARG B 1 65 ? 9.000   15.483  11.761  1.00 24.22 ? 69  ARG B O   1 
ATOM   1245 C CB  . ARG B 1 65 ? 9.829   13.432  9.403   1.00 25.97 ? 69  ARG B CB  1 
ATOM   1246 C CG  . ARG B 1 65 ? 11.023  12.592  8.937   1.00 27.62 ? 69  ARG B CG  1 
ATOM   1247 C CD  . ARG B 1 65 ? 12.323  13.018  9.618   1.00 29.39 ? 69  ARG B CD  1 
ATOM   1248 N NE  . ARG B 1 65 ? 12.419  12.486  10.970  1.00 30.88 ? 69  ARG B NE  1 
ATOM   1249 C CZ  . ARG B 1 65 ? 12.783  13.196  12.031  1.00 32.97 ? 69  ARG B CZ  1 
ATOM   1250 N NH1 . ARG B 1 65 ? 12.841  12.621  13.223  1.00 34.16 ? 69  ARG B NH1 1 
ATOM   1251 N NH2 . ARG B 1 65 ? 13.085  14.480  11.906  1.00 33.44 ? 69  ARG B NH2 1 
ATOM   1252 N N   . LEU B 1 66 ? 7.238   14.246  11.107  1.00 23.37 ? 70  LEU B N   1 
ATOM   1253 C CA  . LEU B 1 66 ? 6.261   15.294  11.432  1.00 22.63 ? 70  LEU B CA  1 
ATOM   1254 C C   . LEU B 1 66 ? 5.712   15.230  12.855  1.00 24.43 ? 70  LEU B C   1 
ATOM   1255 O O   . LEU B 1 66 ? 4.957   16.120  13.284  1.00 23.93 ? 70  LEU B O   1 
ATOM   1256 C CB  . LEU B 1 66 ? 5.098   15.249  10.425  1.00 21.84 ? 70  LEU B CB  1 
ATOM   1257 C CG  . LEU B 1 66 ? 5.463   15.568  8.964   1.00 21.61 ? 70  LEU B CG  1 
ATOM   1258 C CD1 . LEU B 1 66 ? 4.244   15.386  8.053   1.00 20.73 ? 70  LEU B CD1 1 
ATOM   1259 C CD2 . LEU B 1 66 ? 5.974   17.002  8.875   1.00 23.91 ? 70  LEU B CD2 1 
ATOM   1260 N N   . GLY B 1 67 ? 6.090   14.182  13.584  1.00 24.18 ? 71  GLY B N   1 
ATOM   1261 C CA  . GLY B 1 67 ? 5.607   14.002  14.939  1.00 26.03 ? 71  GLY B CA  1 
ATOM   1262 C C   . GLY B 1 67 ? 4.101   13.756  14.977  1.00 26.78 ? 71  GLY B C   1 
ATOM   1263 O O   . GLY B 1 67 ? 3.427   14.109  15.951  1.00 26.98 ? 71  GLY B O   1 
ATOM   1264 N N   . LEU B 1 68 ? 3.573   13.156  13.912  1.00 25.68 ? 72  LEU B N   1 
ATOM   1265 C CA  . LEU B 1 68 ? 2.146   12.860  13.809  1.00 24.04 ? 72  LEU B CA  1 
ATOM   1266 C C   . LEU B 1 68 ? 1.819   11.385  14.050  1.00 24.69 ? 72  LEU B C   1 
ATOM   1267 O O   . LEU B 1 68 ? 2.614   10.491  13.744  1.00 24.22 ? 72  LEU B O   1 
ATOM   1268 C CB  . LEU B 1 68 ? 1.624   13.234  12.418  1.00 24.66 ? 72  LEU B CB  1 
ATOM   1269 C CG  . LEU B 1 68 ? 1.283   14.681  12.069  1.00 25.56 ? 72  LEU B CG  1 
ATOM   1270 C CD1 . LEU B 1 68 ? 0.956   14.774  10.587  1.00 25.77 ? 72  LEU B CD1 1 
ATOM   1271 C CD2 . LEU B 1 68 ? 0.101   15.148  12.908  1.00 26.26 ? 72  LEU B CD2 1 
ATOM   1272 N N   . PRO B 1 69 ? 0.638   11.114  14.613  1.00 23.72 ? 73  PRO B N   1 
ATOM   1273 C CA  . PRO B 1 69 ? 0.219   9.730   14.874  1.00 22.97 ? 73  PRO B CA  1 
ATOM   1274 C C   . PRO B 1 69 ? 0.037   9.053   13.509  1.00 21.83 ? 73  PRO B C   1 
ATOM   1275 O O   . PRO B 1 69 ? -0.318  9.717   12.530  1.00 19.28 ? 73  PRO B O   1 
ATOM   1276 C CB  . PRO B 1 69 ? -1.137  9.893   15.568  1.00 23.44 ? 73  PRO B CB  1 
ATOM   1277 C CG  . PRO B 1 69 ? -1.097  11.297  16.142  1.00 23.51 ? 73  PRO B CG  1 
ATOM   1278 C CD  . PRO B 1 69 ? -0.360  12.087  15.103  1.00 24.88 ? 73  PRO B CD  1 
ATOM   1279 N N   . MET B 1 70 ? 0.257   7.745   13.440  1.00 20.79 ? 74  MET B N   1 
ATOM   1280 C CA  . MET B 1 70 ? 0.070   7.036   12.179  1.00 20.61 ? 74  MET B CA  1 
ATOM   1281 C C   . MET B 1 70 ? -1.404  7.079   11.772  1.00 19.18 ? 74  MET B C   1 
ATOM   1282 O O   . MET B 1 70 ? -1.709  7.122   10.583  1.00 16.59 ? 74  MET B O   1 
ATOM   1283 C CB  . MET B 1 70 ? 0.533   5.577   12.287  1.00 19.80 ? 74  MET B CB  1 
ATOM   1284 C CG  . MET B 1 70 ? 2.001   5.359   11.878  1.00 21.04 ? 74  MET B CG  1 
ATOM   1285 S SD  . MET B 1 70 ? 2.346   5.686   10.108  1.00 24.73 ? 74  MET B SD  1 
ATOM   1286 C CE  . MET B 1 70 ? 1.562   4.271   9.321   1.00 23.66 ? 74  MET B CE  1 
ATOM   1287 N N   . ASP B 1 71 ? -2.307  7.046   12.753  1.00 18.04 ? 75  ASP B N   1 
ATOM   1288 C CA  . ASP B 1 71 ? -3.753  7.107   12.479  1.00 19.56 ? 75  ASP B CA  1 
ATOM   1289 C C   . ASP B 1 71 ? -4.103  8.299   11.577  1.00 16.79 ? 75  ASP B C   1 
ATOM   1290 O O   . ASP B 1 71 ? -4.993  8.210   10.722  1.00 17.60 ? 75  ASP B O   1 
ATOM   1291 C CB  . ASP B 1 71 ? -4.554  7.253   13.783  1.00 22.93 ? 75  ASP B CB  1 
ATOM   1292 C CG  . ASP B 1 71 ? -4.670  5.947   14.566  1.00 29.35 ? 75  ASP B CG  1 
ATOM   1293 O OD1 . ASP B 1 71 ? -5.073  6.008   15.750  1.00 30.69 ? 75  ASP B OD1 1 
ATOM   1294 O OD2 . ASP B 1 71 ? -4.381  4.865   14.002  1.00 31.30 ? 75  ASP B OD2 1 
ATOM   1295 N N   . ILE B 1 72 ? -3.420  9.419   11.795  1.00 13.58 ? 76  ILE B N   1 
ATOM   1296 C CA  . ILE B 1 72 ? -3.666  10.636  11.028  1.00 13.80 ? 76  ILE B CA  1 
ATOM   1297 C C   . ILE B 1 72 ? -3.199  10.497  9.587   1.00 13.31 ? 76  ILE B C   1 
ATOM   1298 O O   . ILE B 1 72 ? -3.917  10.873  8.662   1.00 13.60 ? 76  ILE B O   1 
ATOM   1299 C CB  . ILE B 1 72 ? -2.966  11.884  11.680  1.00 12.36 ? 76  ILE B CB  1 
ATOM   1300 C CG1 . ILE B 1 72 ? -3.800  12.392  12.865  1.00 17.70 ? 76  ILE B CG1 1 
ATOM   1301 C CG2 . ILE B 1 72 ? -2.806  13.011  10.663  1.00 13.46 ? 76  ILE B CG2 1 
ATOM   1302 C CD1 . ILE B 1 72 ? -5.104  13.084  12.462  1.00 15.60 ? 76  ILE B CD1 1 
ATOM   1303 N N   . LEU B 1 73 ? -2.003  9.955   9.390   1.00 12.55 ? 77  LEU B N   1 
ATOM   1304 C CA  . LEU B 1 73 ? -1.500  9.803   8.028   1.00 14.22 ? 77  LEU B CA  1 
ATOM   1305 C C   . LEU B 1 73 ? -2.265  8.723   7.278   1.00 13.50 ? 77  LEU B C   1 
ATOM   1306 O O   . LEU B 1 73 ? -2.479  8.829   6.074   1.00 13.53 ? 77  LEU B O   1 
ATOM   1307 C CB  . LEU B 1 73 ? -0.004  9.495   8.050   1.00 17.09 ? 77  LEU B CB  1 
ATOM   1308 C CG  . LEU B 1 73 ? 0.839   10.721  8.457   1.00 20.09 ? 77  LEU B CG  1 
ATOM   1309 C CD1 . LEU B 1 73 ? 2.293   10.314  8.583   1.00 23.99 ? 77  LEU B CD1 1 
ATOM   1310 C CD2 . LEU B 1 73 ? 0.687   11.833  7.402   1.00 22.27 ? 77  LEU B CD2 1 
ATOM   1311 N N   . LEU B 1 74 ? -2.683  7.683   7.990   1.00 13.52 ? 78  LEU B N   1 
ATOM   1312 C CA  . LEU B 1 74 ? -3.438  6.616   7.349   1.00 14.95 ? 78  LEU B CA  1 
ATOM   1313 C C   . LEU B 1 74 ? -4.761  7.181   6.843   1.00 15.14 ? 78  LEU B C   1 
ATOM   1314 O O   . LEU B 1 74 ? -5.193  6.899   5.718   1.00 15.30 ? 78  LEU B O   1 
ATOM   1315 C CB  . LEU B 1 74 ? -3.687  5.479   8.345   1.00 15.11 ? 78  LEU B CB  1 
ATOM   1316 C CG  . LEU B 1 74 ? -2.434  4.652   8.664   1.00 15.09 ? 78  LEU B CG  1 
ATOM   1317 C CD1 . LEU B 1 74 ? -2.681  3.760   9.879   1.00 16.24 ? 78  LEU B CD1 1 
ATOM   1318 C CD2 . LEU B 1 74 ? -2.061  3.826   7.422   1.00 15.02 ? 78  LEU B CD2 1 
ATOM   1319 N N   . LYS B 1 75 ? -5.385  7.995   7.683   1.00 16.05 ? 79  LYS B N   1 
ATOM   1320 C CA  . LYS B 1 75 ? -6.660  8.626   7.364   1.00 17.60 ? 79  LYS B CA  1 
ATOM   1321 C C   . LYS B 1 75 ? -6.512  9.587   6.180   1.00 16.22 ? 79  LYS B C   1 
ATOM   1322 O O   . LYS B 1 75 ? -7.345  9.596   5.276   1.00 15.73 ? 79  LYS B O   1 
ATOM   1323 C CB  . LYS B 1 75 ? -7.183  9.369   8.602   1.00 19.66 ? 79  LYS B CB  1 
ATOM   1324 C CG  . LYS B 1 75 ? -8.596  9.896   8.462   1.00 25.75 ? 79  LYS B CG  1 
ATOM   1325 C CD  . LYS B 1 75 ? -9.455  9.509   9.677   1.00 31.76 ? 79  LYS B CD  1 
ATOM   1326 C CE  . LYS B 1 75 ? -9.276  10.455  10.875  1.00 32.83 ? 79  LYS B CE  1 
ATOM   1327 N NZ  . LYS B 1 75 ? -7.897  10.474  11.470  1.00 33.04 ? 79  LYS B NZ  1 
ATOM   1328 N N   . ASP B 1 76 ? -5.462  10.406  6.201   1.00 15.67 ? 80  ASP B N   1 
ATOM   1329 C CA  . ASP B 1 76 ? -5.197  11.358  5.115   1.00 14.91 ? 80  ASP B CA  1 
ATOM   1330 C C   . ASP B 1 76 ? -5.110  10.599  3.787   1.00 15.82 ? 80  ASP B C   1 
ATOM   1331 O O   . ASP B 1 76 ? -5.723  10.968  2.778   1.00 14.33 ? 80  ASP B O   1 
ATOM   1332 C CB  . ASP B 1 76 ? -3.841  12.050  5.316   1.00 14.86 ? 80  ASP B CB  1 
ATOM   1333 C CG  . ASP B 1 76 ? -3.824  13.031  6.470   1.00 17.58 ? 80  ASP B CG  1 
ATOM   1334 O OD1 . ASP B 1 76 ? -2.698  13.377  6.931   1.00 15.39 ? 80  ASP B OD1 1 
ATOM   1335 O OD2 . ASP B 1 76 ? -4.905  13.472  6.902   1.00 15.49 ? 80  ASP B OD2 1 
ATOM   1336 N N   . THR B 1 77 ? -4.312  9.534   3.795   1.00 14.49 ? 81  THR B N   1 
ATOM   1337 C CA  . THR B 1 77 ? -4.094  8.766   2.584   1.00 14.50 ? 81  THR B CA  1 
ATOM   1338 C C   . THR B 1 77 ? -5.347  8.023   2.130   1.00 17.25 ? 81  THR B C   1 
ATOM   1339 O O   . THR B 1 77 ? -5.681  8.063   0.953   1.00 17.09 ? 81  THR B O   1 
ATOM   1340 C CB  A THR B 1 77 ? -2.910  7.771   2.728   0.35 13.97 ? 81  THR B CB  1 
ATOM   1341 C CB  B THR B 1 77 ? -2.948  7.737   2.805   0.55 14.38 ? 81  THR B CB  1 
ATOM   1342 O OG1 A THR B 1 77 ? -3.107  6.930   3.869   0.35 11.12 ? 81  THR B OG1 1 
ATOM   1343 O OG1 B THR B 1 77 ? -1.843  8.383   3.453   0.55 13.67 ? 81  THR B OG1 1 
ATOM   1344 C CG2 A THR B 1 77 ? -1.603  8.534   2.878   0.35 13.06 ? 81  THR B CG2 1 
ATOM   1345 C CG2 B THR B 1 77 ? -2.466  7.171   1.488   0.55 12.75 ? 81  THR B CG2 1 
ATOM   1346 N N   . TYR B 1 78 ? -6.036  7.349   3.044   1.00 18.08 ? 82  TYR B N   1 
ATOM   1347 C CA  . TYR B 1 78 ? -7.244  6.621   2.650   1.00 22.49 ? 82  TYR B CA  1 
ATOM   1348 C C   . TYR B 1 78 ? -8.282  7.580   2.094   1.00 24.44 ? 82  TYR B C   1 
ATOM   1349 O O   . TYR B 1 78 ? -8.913  7.319   1.070   1.00 23.49 ? 82  TYR B O   1 
ATOM   1350 C CB  . TYR B 1 78 ? -7.859  5.861   3.832   1.00 25.94 ? 82  TYR B CB  1 
ATOM   1351 C CG  . TYR B 1 78 ? -9.182  5.213   3.457   1.00 28.71 ? 82  TYR B CG  1 
ATOM   1352 C CD1 . TYR B 1 78 ? -9.271  4.396   2.333   1.00 30.32 ? 82  TYR B CD1 1 
ATOM   1353 C CD2 . TYR B 1 78 ? -10.340 5.457   4.187   1.00 30.23 ? 82  TYR B CD2 1 
ATOM   1354 C CE1 . TYR B 1 78 ? -10.472 3.840   1.937   1.00 30.74 ? 82  TYR B CE1 1 
ATOM   1355 C CE2 . TYR B 1 78 ? -11.568 4.904   3.798   1.00 30.75 ? 82  TYR B CE2 1 
ATOM   1356 C CZ  . TYR B 1 78 ? -11.617 4.097   2.663   1.00 31.76 ? 82  TYR B CZ  1 
ATOM   1357 O OH  . TYR B 1 78 ? -12.806 3.558   2.226   1.00 31.66 ? 82  TYR B OH  1 
ATOM   1358 N N   . GLU B 1 79 ? -8.441  8.699   2.786   1.00 24.78 ? 83  GLU B N   1 
ATOM   1359 C CA  . GLU B 1 79 ? -9.395  9.719   2.398   1.00 28.73 ? 83  GLU B CA  1 
ATOM   1360 C C   . GLU B 1 79 ? -9.073  10.275  1.013   1.00 28.30 ? 83  GLU B C   1 
ATOM   1361 O O   . GLU B 1 79 ? -9.982  10.648  0.274   1.00 30.25 ? 83  GLU B O   1 
ATOM   1362 C CB  . GLU B 1 79 ? -9.371  10.837  3.442   1.00 31.29 ? 83  GLU B CB  1 
ATOM   1363 C CG  . GLU B 1 79 ? -10.716 11.364  3.873   1.00 37.66 ? 83  GLU B CG  1 
ATOM   1364 C CD  . GLU B 1 79 ? -11.148 12.563  3.066   1.00 40.28 ? 83  GLU B CD  1 
ATOM   1365 O OE1 . GLU B 1 79 ? -12.003 13.337  3.553   1.00 40.70 ? 83  GLU B OE1 1 
ATOM   1366 O OE2 . GLU B 1 79 ? -10.630 12.728  1.940   1.00 44.46 ? 83  GLU B OE2 1 
ATOM   1367 N N   . SER B 1 80 ? -7.793  10.316  0.646   1.00 27.34 ? 84  SER B N   1 
ATOM   1368 C CA  . SER B 1 80 ? -7.403  10.850  -0.656  1.00 27.60 ? 84  SER B CA  1 
ATOM   1369 C C   . SER B 1 80 ? -7.928  10.014  -1.810  1.00 31.49 ? 84  SER B C   1 
ATOM   1370 O O   . SER B 1 80 ? -8.263  10.553  -2.864  1.00 32.49 ? 84  SER B O   1 
ATOM   1371 C CB  . SER B 1 80 ? -5.882  10.966  -0.786  1.00 27.12 ? 84  SER B CB  1 
ATOM   1372 O OG  . SER B 1 80 ? -5.266  9.704   -0.997  1.00 23.48 ? 84  SER B OG  1 
ATOM   1373 N N   . ILE B 1 81 ? -7.982  8.698   -1.644  1.00 32.91 ? 85  ILE B N   1 
ATOM   1374 C CA  . ILE B 1 81 ? -8.494  7.893   -2.734  1.00 37.78 ? 85  ILE B CA  1 
ATOM   1375 C C   . ILE B 1 81 ? -10.001 8.102   -2.703  1.00 42.26 ? 85  ILE B C   1 
ATOM   1376 O O   . ILE B 1 81 ? -10.714 7.520   -1.886  1.00 43.79 ? 85  ILE B O   1 
ATOM   1377 C CB  . ILE B 1 81 ? -8.110  6.405   -2.589  1.00 36.02 ? 85  ILE B CB  1 
ATOM   1378 C CG1 . ILE B 1 81 ? -8.609  5.845   -1.259  1.00 38.31 ? 85  ILE B CG1 1 
ATOM   1379 C CG2 . ILE B 1 81 ? -6.598  6.263   -2.653  1.00 34.30 ? 85  ILE B CG2 1 
ATOM   1380 C CD1 . ILE B 1 81 ? -8.422  4.351   -1.127  1.00 37.00 ? 85  ILE B CD1 1 
ATOM   1381 N N   . SER B 1 82 ? -10.463 8.988   -3.580  1.00 46.35 ? 86  SER B N   1 
ATOM   1382 C CA  . SER B 1 82 ? -11.876 9.350   -3.682  1.00 50.51 ? 86  SER B CA  1 
ATOM   1383 C C   . SER B 1 82 ? -12.856 8.267   -3.232  1.00 52.32 ? 86  SER B C   1 
ATOM   1384 O O   . SER B 1 82 ? -13.114 8.102   -2.033  1.00 51.87 ? 86  SER B O   1 
ATOM   1385 C CB  . SER B 1 82 ? -12.195 9.764   -5.119  1.00 50.76 ? 86  SER B CB  1 
ATOM   1386 O OG  . SER B 1 82 ? -11.333 10.806  -5.540  1.00 53.17 ? 86  SER B OG  1 
ATOM   1387 N N   . LYS B 1 83 ? -13.395 7.534   -4.203  1.00 54.30 ? 87  LYS B N   1 
ATOM   1388 C CA  . LYS B 1 83 ? -14.365 6.478   -3.933  1.00 56.23 ? 87  LYS B CA  1 
ATOM   1389 C C   . LYS B 1 83 ? -13.747 5.074   -4.025  1.00 57.11 ? 87  LYS B C   1 
ATOM   1390 O O   . LYS B 1 83 ? -14.254 4.249   -4.819  1.00 58.04 ? 87  LYS B O   1 
ATOM   1391 C CB  . LYS B 1 83 ? -15.528 6.618   -4.920  1.00 56.78 ? 87  LYS B CB  1 
ATOM   1392 C CG  . LYS B 1 83 ? -16.775 5.837   -4.560  1.00 58.20 ? 87  LYS B CG  1 
ATOM   1393 C CD  . LYS B 1 83 ? -17.986 6.423   -5.269  1.00 58.72 ? 87  LYS B CD  1 
ATOM   1394 C CE  . LYS B 1 83 ? -18.205 7.875   -4.847  1.00 59.44 ? 87  LYS B CE  1 
ATOM   1395 N NZ  . LYS B 1 83 ? -19.321 8.526   -5.584  1.00 60.10 ? 87  LYS B NZ  1 
HETATM 1396 S S   . SO4 C 2 .  ? 12.309  -8.989  -4.037  1.00 67.23 ? 401 SO4 A S   1 
HETATM 1397 O O1  . SO4 C 2 .  ? 12.683  -10.389 -4.327  1.00 67.00 ? 401 SO4 A O1  1 
HETATM 1398 O O2  . SO4 C 2 .  ? 11.353  -8.970  -2.911  1.00 67.35 ? 401 SO4 A O2  1 
HETATM 1399 O O3  . SO4 C 2 .  ? 11.690  -8.396  -5.237  1.00 67.59 ? 401 SO4 A O3  1 
HETATM 1400 O O4  . SO4 C 2 .  ? 13.507  -8.202  -3.671  1.00 67.30 ? 401 SO4 A O4  1 
HETATM 1401 O O   . HOH D 3 .  ? -14.497 -10.505 11.305  1.00 33.38 ? 402 HOH A O   1 
HETATM 1402 O O   . HOH D 3 .  ? -0.879  -15.033 0.160   1.00 17.78 ? 403 HOH A O   1 
HETATM 1403 O O   . HOH D 3 .  ? 4.440   -1.952  12.209  1.00 25.76 ? 404 HOH A O   1 
HETATM 1404 O O   . HOH D 3 .  ? -1.545  6.139   15.436  1.00 23.22 ? 405 HOH A O   1 
HETATM 1405 O O   . HOH D 3 .  ? -12.940 -1.666  -2.636  1.00 21.42 ? 406 HOH A O   1 
HETATM 1406 O O   . HOH D 3 .  ? -3.763  -0.033  -9.086  1.00 23.07 ? 407 HOH A O   1 
HETATM 1407 O O   . HOH D 3 .  ? -11.597 -8.821  -15.248 1.00 23.72 ? 408 HOH A O   1 
HETATM 1408 O O   . HOH D 3 .  ? -12.285 -17.019 -8.020  1.00 26.16 ? 409 HOH A O   1 
HETATM 1409 O O   . HOH D 3 .  ? -13.096 4.103   9.962   1.00 35.43 ? 410 HOH A O   1 
HETATM 1410 O O   . HOH D 3 .  ? -11.503 -12.530 -13.375 1.00 24.20 ? 411 HOH A O   1 
HETATM 1411 O O   . HOH D 3 .  ? -6.587  -0.431  -8.525  1.00 17.10 ? 412 HOH A O   1 
HETATM 1412 O O   . HOH D 3 .  ? -15.494 -1.298  -1.614  1.00 31.38 ? 413 HOH A O   1 
HETATM 1413 O O   . HOH D 3 .  ? -13.375 -10.798 -11.521 1.00 17.88 ? 414 HOH A O   1 
HETATM 1414 O O   . HOH D 3 .  ? 4.858   -7.000  -10.048 1.00 31.14 ? 415 HOH A O   1 
HETATM 1415 O O   . HOH D 3 .  ? -2.121  -5.736  14.160  1.00 21.92 ? 416 HOH A O   1 
HETATM 1416 O O   . HOH D 3 .  ? -16.916 -16.172 -7.334  1.00 36.48 ? 417 HOH A O   1 
HETATM 1417 O O   . HOH D 3 .  ? 2.515   -10.492 -3.987  1.00 17.73 ? 418 HOH A O   1 
HETATM 1418 O O   . HOH D 3 .  ? -4.333  -17.776 -2.171  1.00 23.56 ? 419 HOH A O   1 
HETATM 1419 O O   . HOH D 3 .  ? 2.195   -3.906  -8.531  1.00 20.75 ? 420 HOH A O   1 
HETATM 1420 O O   . HOH D 3 .  ? -12.681 -8.190  -12.586 1.00 21.40 ? 421 HOH A O   1 
HETATM 1421 O O   . HOH D 3 .  ? -8.343  -14.420 -14.687 1.00 23.71 ? 422 HOH A O   1 
HETATM 1422 O O   . HOH D 3 .  ? 4.912   4.038   13.685  1.00 35.46 ? 423 HOH A O   1 
HETATM 1423 O O   . HOH D 3 .  ? 2.073   -8.304  7.955   1.00 20.73 ? 424 HOH A O   1 
HETATM 1424 O O   . HOH D 3 .  ? -0.059  -2.586  -9.911  1.00 23.32 ? 425 HOH A O   1 
HETATM 1425 O O   . HOH D 3 .  ? 14.490  -9.524  2.983   1.00 39.27 ? 426 HOH A O   1 
HETATM 1426 O O   . HOH D 3 .  ? 7.149   -18.205 3.045   1.00 49.89 ? 427 HOH A O   1 
HETATM 1427 O O   . HOH D 3 .  ? -4.592  -18.191 4.112   1.00 32.63 ? 428 HOH A O   1 
HETATM 1428 O O   . HOH D 3 .  ? -3.413  -18.882 0.238   1.00 33.07 ? 429 HOH A O   1 
HETATM 1429 O O   . HOH D 3 .  ? -1.538  -17.084 1.626   1.00 23.04 ? 430 HOH A O   1 
HETATM 1430 O O   . HOH D 3 .  ? -2.618  -16.426 4.233   1.00 26.12 ? 431 HOH A O   1 
HETATM 1431 O O   . HOH D 3 .  ? -4.112  -20.841 3.861   1.00 56.02 ? 432 HOH A O   1 
HETATM 1432 O O   . HOH D 3 .  ? 1.241   -13.125 7.533   1.00 37.49 ? 433 HOH A O   1 
HETATM 1433 O O   . HOH D 3 .  ? -4.350  -19.126 -6.485  1.00 49.32 ? 434 HOH A O   1 
HETATM 1434 O O   . HOH D 3 .  ? -2.266  -18.244 -4.805  1.00 37.49 ? 435 HOH A O   1 
HETATM 1435 O O   . HOH D 3 .  ? -15.820 -11.881 -11.897 1.00 30.50 ? 436 HOH A O   1 
HETATM 1436 O O   . HOH D 3 .  ? -12.064 -0.302  -5.096  1.00 29.44 ? 437 HOH A O   1 
HETATM 1437 O O   . HOH D 3 .  ? -5.659  -2.229  -10.757 1.00 45.04 ? 438 HOH A O   1 
HETATM 1438 O O   . HOH D 3 .  ? -11.565 -11.273 -15.748 1.00 22.93 ? 439 HOH A O   1 
HETATM 1439 O O   . HOH D 3 .  ? 0.745   -18.195 -1.516  1.00 24.18 ? 440 HOH A O   1 
HETATM 1440 O O   . HOH D 3 .  ? -15.416 0.069   3.516   1.00 21.19 ? 441 HOH A O   1 
HETATM 1441 O O   . HOH D 3 .  ? -15.254 2.438   7.885   1.00 37.28 ? 442 HOH A O   1 
HETATM 1442 O O   . HOH D 3 .  ? -17.349 -9.893  10.939  1.00 42.23 ? 443 HOH A O   1 
HETATM 1443 O O   . HOH D 3 .  ? 3.065   -3.689  16.080  1.00 39.73 ? 444 HOH A O   1 
HETATM 1444 O O   . HOH D 3 .  ? 4.490   -7.783  7.489   1.00 21.96 ? 445 HOH A O   1 
HETATM 1445 O O   . HOH D 3 .  ? -7.331  -21.584 2.943   1.00 45.73 ? 446 HOH A O   1 
HETATM 1446 O O   . HOH D 3 .  ? -5.889  4.105   11.724  1.00 26.70 ? 447 HOH A O   1 
HETATM 1447 O O   . HOH D 3 .  ? 12.560  -13.965 9.460   1.00 39.76 ? 448 HOH A O   1 
HETATM 1448 O O   . HOH D 3 .  ? 11.661  -7.625  5.007   1.00 33.89 ? 449 HOH A O   1 
HETATM 1449 O O   . HOH D 3 .  ? -1.167  -17.435 5.905   1.00 32.71 ? 450 HOH A O   1 
HETATM 1450 O O   . HOH D 3 .  ? -12.405 -14.887 -13.590 1.00 36.11 ? 451 HOH A O   1 
HETATM 1451 O O   . HOH D 3 .  ? -3.722  -6.181  -14.611 1.00 52.41 ? 452 HOH A O   1 
HETATM 1452 O O   . HOH D 3 .  ? -2.918  -9.487  -16.675 1.00 42.76 ? 453 HOH A O   1 
HETATM 1453 O O   . HOH D 3 .  ? -2.180  -17.098 -12.377 1.00 38.10 ? 454 HOH A O   1 
HETATM 1454 O O   . HOH D 3 .  ? 3.486   -2.567  -6.508  1.00 28.99 ? 455 HOH A O   1 
HETATM 1455 O O   . HOH D 3 .  ? 6.191   -8.851  9.368   1.00 24.71 ? 456 HOH A O   1 
HETATM 1456 O O   . HOH D 3 .  ? 1.761   -10.425 9.400   1.00 40.77 ? 457 HOH A O   1 
HETATM 1457 O O   . HOH D 3 .  ? -16.731 -12.742 -9.412  1.00 31.38 ? 458 HOH A O   1 
HETATM 1458 O O   . HOH D 3 .  ? -17.333 -1.283  7.623   1.00 50.56 ? 459 HOH A O   1 
HETATM 1459 O O   . HOH D 3 .  ? 7.364   -15.871 -10.780 1.00 51.59 ? 460 HOH A O   1 
HETATM 1460 O O   . HOH D 3 .  ? 10.459  -18.382 -9.065  1.00 48.24 ? 461 HOH A O   1 
HETATM 1461 O O   . HOH D 3 .  ? -2.033  -19.564 7.369   1.00 39.18 ? 462 HOH A O   1 
HETATM 1462 O O   . HOH D 3 .  ? -17.609 -13.124 5.436   1.00 34.03 ? 463 HOH A O   1 
HETATM 1463 O O   . HOH D 3 .  ? -5.285  -20.007 -10.147 1.00 55.01 ? 464 HOH A O   1 
HETATM 1464 O O   . HOH D 3 .  ? -2.818  -4.119  16.231  1.00 31.30 ? 465 HOH A O   1 
HETATM 1465 O O   . HOH D 3 .  ? -1.500  -3.399  19.073  1.00 33.03 ? 466 HOH A O   1 
HETATM 1466 O O   . HOH D 3 .  ? -1.219  -15.602 8.139   1.00 32.73 ? 467 HOH A O   1 
HETATM 1467 O O   . HOH D 3 .  ? 6.145   -19.783 -1.522  1.00 47.87 ? 468 HOH A O   1 
HETATM 1468 O O   . HOH D 3 .  ? 7.545   -18.745 -3.189  1.00 44.15 ? 469 HOH A O   1 
HETATM 1469 O O   . HOH D 3 .  ? -8.938  -6.912  -14.694 1.00 34.45 ? 470 HOH A O   1 
HETATM 1470 O O   . HOH D 3 .  ? -13.078 -18.707 -3.050  1.00 48.41 ? 471 HOH A O   1 
HETATM 1471 O O   . HOH D 3 .  ? -11.085 -18.186 -4.792  1.00 28.11 ? 472 HOH A O   1 
HETATM 1472 O O   . HOH D 3 .  ? -9.804  -19.342 -1.753  1.00 44.21 ? 473 HOH A O   1 
HETATM 1473 O O   . HOH D 3 .  ? -4.978  -10.758 -1.922  1.00 26.47 ? 474 HOH A O   1 
HETATM 1474 O O   . HOH D 3 .  ? -9.580  -12.242 -17.237 1.00 35.88 ? 475 HOH A O   1 
HETATM 1475 O O   . HOH D 3 .  ? -2.605  -12.434 -14.668 1.00 36.39 ? 476 HOH A O   1 
HETATM 1476 O O   . HOH D 3 .  ? -15.028 -12.885 10.802  1.00 27.97 ? 477 HOH A O   1 
HETATM 1477 O O   . HOH D 3 .  ? -6.712  -1.315  16.660  1.00 40.12 ? 478 HOH A O   1 
HETATM 1478 O O   . HOH D 3 .  ? -17.919 0.469   5.265   1.00 59.76 ? 479 HOH A O   1 
HETATM 1479 O O   . HOH D 3 .  ? 11.043  -16.103 -0.638  1.00 44.60 ? 480 HOH A O   1 
HETATM 1480 O O   . HOH D 3 .  ? -16.324 -15.826 7.412   1.00 39.57 ? 481 HOH A O   1 
HETATM 1481 O O   . HOH D 3 .  ? -10.529 -18.501 -7.332  1.00 39.41 ? 482 HOH A O   1 
HETATM 1482 O O   . HOH D 3 .  ? -0.342  1.078   19.289  1.00 45.82 ? 483 HOH A O   1 
HETATM 1483 O O   . HOH D 3 .  ? 10.890  -14.830 3.270   1.00 53.51 ? 484 HOH A O   1 
HETATM 1484 O O   . HOH D 3 .  ? -18.875 -14.823 -6.133  1.00 63.76 ? 485 HOH A O   1 
HETATM 1485 O O   . HOH D 3 .  ? 1.622   -6.217  -11.484 1.00 32.44 ? 486 HOH A O   1 
HETATM 1486 O O   . HOH D 3 .  ? -1.600  -5.587  -12.625 1.00 32.64 ? 487 HOH A O   1 
HETATM 1487 O O   . HOH D 3 .  ? 3.876   -7.116  15.148  1.00 36.28 ? 488 HOH A O   1 
HETATM 1488 O O   . HOH D 3 .  ? 5.985   -4.678  14.547  1.00 58.02 ? 489 HOH A O   1 
HETATM 1489 O O   . HOH D 3 .  ? 11.057  -0.087  8.260   1.00 40.91 ? 490 HOH A O   1 
HETATM 1490 O O   . HOH D 3 .  ? -1.694  -4.526  -10.459 1.00 43.29 ? 491 HOH A O   1 
HETATM 1491 O O   . HOH D 3 .  ? 2.737   2.318   16.014  1.00 44.89 ? 492 HOH A O   1 
HETATM 1492 O O   . HOH D 3 .  ? -2.779  0.680   17.509  1.00 59.37 ? 493 HOH A O   1 
HETATM 1493 O O   . HOH E 3 .  ? -4.710  1.455   -15.579 1.00 38.39 ? 89  HOH B O   1 
HETATM 1494 O O   . HOH E 3 .  ? 4.498   5.034   -9.166  1.00 14.60 ? 90  HOH B O   1 
HETATM 1495 O O   . HOH E 3 .  ? 5.590   20.032  10.475  1.00 37.91 ? 91  HOH B O   1 
HETATM 1496 O O   . HOH E 3 .  ? 7.541   8.978   -2.889  1.00 25.53 ? 92  HOH B O   1 
HETATM 1497 O O   . HOH E 3 .  ? 4.759   17.693  -4.841  1.00 29.68 ? 93  HOH B O   1 
HETATM 1498 O O   . HOH E 3 .  ? 14.837  15.215  -3.608  1.00 28.58 ? 94  HOH B O   1 
HETATM 1499 O O   . HOH E 3 .  ? -9.087  5.923   8.247   1.00 33.56 ? 95  HOH B O   1 
HETATM 1500 O O   . HOH E 3 .  ? -6.913  6.334   10.626  1.00 22.37 ? 96  HOH B O   1 
HETATM 1501 O O   . HOH E 3 .  ? -3.727  1.553   -10.993 1.00 32.99 ? 97  HOH B O   1 
HETATM 1502 O O   . HOH E 3 .  ? -2.416  13.311  -12.201 1.00 50.84 ? 98  HOH B O   1 
HETATM 1503 O O   . HOH E 3 .  ? 2.971   15.871  -5.451  1.00 20.98 ? 99  HOH B O   1 
HETATM 1504 O O   . HOH E 3 .  ? 4.231   19.230  0.439   1.00 35.10 ? 100 HOH B O   1 
HETATM 1505 O O   . HOH E 3 .  ? 12.299  18.342  -3.034  1.00 34.33 ? 101 HOH B O   1 
HETATM 1506 O O   . HOH E 3 .  ? 10.956  -1.435  1.272   1.00 29.73 ? 102 HOH B O   1 
HETATM 1507 O O   . HOH E 3 .  ? 13.608  15.229  15.117  1.00 46.73 ? 103 HOH B O   1 
HETATM 1508 O O   . HOH E 3 .  ? -11.753 6.977   0.423   1.00 28.85 ? 104 HOH B O   1 
HETATM 1509 O O   . HOH E 3 .  ? -0.914  1.923   -16.648 1.00 33.20 ? 105 HOH B O   1 
HETATM 1510 O O   . HOH E 3 .  ? 6.544   -2.143  -6.703  1.00 30.50 ? 106 HOH B O   1 
HETATM 1511 O O   . HOH E 3 .  ? -4.970  10.071  -3.630  1.00 29.45 ? 107 HOH B O   1 
HETATM 1512 O O   . HOH E 3 .  ? 4.101   14.537  -8.035  1.00 30.82 ? 108 HOH B O   1 
HETATM 1513 O O   . HOH E 3 .  ? 8.515   -4.699  -0.706  1.00 25.55 ? 109 HOH B O   1 
HETATM 1514 O O   . HOH E 3 .  ? 7.299   9.308   -16.226 1.00 32.87 ? 110 HOH B O   1 
HETATM 1515 O O   . HOH E 3 .  ? -7.255  1.465   -10.266 1.00 25.73 ? 111 HOH B O   1 
HETATM 1516 O O   . HOH E 3 .  ? 6.648   -1.229  -11.132 1.00 27.02 ? 112 HOH B O   1 
HETATM 1517 O O   . HOH E 3 .  ? -3.172  0.293   -13.909 1.00 46.59 ? 113 HOH B O   1 
HETATM 1518 O O   . HOH E 3 .  ? 4.542   12.214  -7.653  1.00 22.15 ? 114 HOH B O   1 
HETATM 1519 O O   . HOH E 3 .  ? 11.876  17.513  0.553   1.00 31.31 ? 115 HOH B O   1 
HETATM 1520 O O   . HOH E 3 .  ? 7.420   21.405  5.916   1.00 45.85 ? 116 HOH B O   1 
HETATM 1521 O O   . HOH E 3 .  ? 7.859   22.766  7.959   1.00 38.57 ? 117 HOH B O   1 
HETATM 1522 O O   . HOH E 3 .  ? 12.590  15.712  8.627   1.00 34.09 ? 118 HOH B O   1 
HETATM 1523 O O   . HOH E 3 .  ? -3.739  12.020  -13.865 1.00 47.54 ? 119 HOH B O   1 
HETATM 1524 O O   . HOH E 3 .  ? 14.321  18.108  1.236   1.00 36.86 ? 120 HOH B O   1 
HETATM 1525 O O   . HOH E 3 .  ? 10.599  -2.925  -0.877  1.00 33.48 ? 121 HOH B O   1 
HETATM 1526 O O   . HOH E 3 .  ? 16.429  11.766  -10.268 1.00 43.92 ? 122 HOH B O   1 
HETATM 1527 O O   . HOH E 3 .  ? 9.024   14.144  -7.393  1.00 30.16 ? 123 HOH B O   1 
HETATM 1528 O O   . HOH E 3 .  ? 8.151   -3.141  -4.940  1.00 24.66 ? 124 HOH B O   1 
HETATM 1529 O O   . HOH E 3 .  ? 9.738   14.917  14.742  1.00 33.42 ? 125 HOH B O   1 
HETATM 1530 O O   . HOH E 3 .  ? 6.105   6.661   12.762  1.00 24.20 ? 126 HOH B O   1 
HETATM 1531 O O   . HOH E 3 .  ? 4.935   18.568  12.708  1.00 37.72 ? 127 HOH B O   1 
HETATM 1532 O O   . HOH E 3 .  ? 0.619   6.316   16.283  1.00 43.12 ? 128 HOH B O   1 
HETATM 1533 O O   . HOH E 3 .  ? 8.165   -1.648  -22.626 1.00 52.95 ? 129 HOH B O   1 
HETATM 1534 O O   . HOH E 3 .  ? -2.987  13.807  -4.972  1.00 36.55 ? 130 HOH B O   1 
HETATM 1535 O O   . HOH E 3 .  ? 9.676   21.079  4.226   1.00 47.02 ? 131 HOH B O   1 
HETATM 1536 O O   . HOH E 3 .  ? 13.080  -1.953  -5.572  1.00 46.46 ? 132 HOH B O   1 
HETATM 1537 O O   . HOH E 3 .  ? 3.566   3.753   -21.375 1.00 50.98 ? 133 HOH B O   1 
HETATM 1538 O O   . HOH E 3 .  ? 19.576  13.982  0.471   1.00 31.03 ? 134 HOH B O   1 
HETATM 1539 O O   . HOH E 3 .  ? 9.621   13.074  -9.989  1.00 41.11 ? 135 HOH B O   1 
HETATM 1540 O O   . HOH E 3 .  ? -4.982  12.840  -3.679  1.00 49.07 ? 136 HOH B O   1 
HETATM 1541 O O   . HOH E 3 .  ? -1.819  9.046   -17.281 1.00 55.32 ? 137 HOH B O   1 
HETATM 1542 O O   . HOH E 3 .  ? 9.274   -2.309  -8.894  1.00 40.44 ? 138 HOH B O   1 
HETATM 1543 O O   . HOH E 3 .  ? 3.005   17.062  15.631  1.00 42.85 ? 139 HOH B O   1 
HETATM 1544 O O   . HOH E 3 .  ? 2.212   4.668   15.717  1.00 46.59 ? 140 HOH B O   1 
HETATM 1545 O O   . HOH E 3 .  ? 11.626  -4.013  2.359   1.00 38.26 ? 141 HOH B O   1 
HETATM 1546 O O   . HOH E 3 .  ? 6.930   16.445  -7.778  1.00 39.97 ? 142 HOH B O   1 
HETATM 1547 O O   . HOH E 3 .  ? -6.269  8.358   -5.226  1.00 35.12 ? 143 HOH B O   1 
HETATM 1548 O O   . HOH E 3 .  ? 17.996  13.078  -2.928  1.00 28.60 ? 144 HOH B O   1 
HETATM 1549 O O   . HOH E 3 .  ? 5.483   1.251   -14.946 1.00 49.80 ? 145 HOH B O   1 
HETATM 1550 O O   . HOH E 3 .  ? -4.160  9.407   -15.601 1.00 50.24 ? 146 HOH B O   1 
HETATM 1551 O O   . HOH E 3 .  ? 10.411  -0.174  11.864  1.00 48.27 ? 147 HOH B O   1 
HETATM 1552 O O   . HOH E 3 .  ? 11.228  1.183   6.274   1.00 34.11 ? 148 HOH B O   1 
HETATM 1553 O O   . HOH E 3 .  ? 13.787  7.690   -13.780 1.00 36.68 ? 149 HOH B O   1 
HETATM 1554 O O   . HOH E 3 .  ? 12.113  9.078   -12.721 1.00 38.07 ? 150 HOH B O   1 
HETATM 1555 O O   . HOH E 3 .  ? -7.078  3.811   15.087  1.00 50.89 ? 151 HOH B O   1 
HETATM 1556 O O   . HOH E 3 .  ? 9.569   -0.115  -12.486 1.00 43.54 ? 152 HOH B O   1 
HETATM 1557 O O   . HOH E 3 .  ? 12.251  10.314  12.399  1.00 68.05 ? 153 HOH B O   1 
HETATM 1558 O O   . HOH E 3 .  ? -3.389  6.977   17.352  1.00 53.56 ? 154 HOH B O   1 
# 
